data_8YM4
#
_entry.id   8YM4
#
_cell.length_a   82.266
_cell.length_b   167.448
_cell.length_c   179.490
_cell.angle_alpha   90.000
_cell.angle_beta   90.000
_cell.angle_gamma   90.000
#
_symmetry.space_group_name_H-M   'P 21 21 21'
#
loop_
_entity.id
_entity.type
_entity.pdbx_description
1 polymer Caspase-8
2 polymer 'CASP8 and FADD-like apoptosis regulator subunit p43'
3 non-polymer 'SELENIUM ATOM'
4 water water
#
loop_
_entity_poly.entity_id
_entity_poly.type
_entity_poly.pdbx_seq_one_letter_code
_entity_poly.pdbx_strand_id
1 'polypeptide(L)'
;(MSE)DFSRNLYDIGEQLDSEDLASLKFLSLDYIPQRKQEPIKDAL(MSE)LFQRLQEKR(MSE)LEESNLSFLKELLFR
INRLDLLITYLNTRKEE(MSE)ERELQTPGRAQISAYRV(MSE)LYQISEEVSRSELRSFKGGLQEEISKCKLDDD
(MSE)NLLDIFIE(MSE)EKRVILGEGKLDILKRVCAQINKSLLKIINDYEEFSKER
;
C,B,D,A
2 'polypeptide(L)'
;GSH(MSE)SAEVIGQVEEALDTDEKE(MSE)LLFLCRDVAIDVVPPNVRDLLDILRERGKLSVGDLAELLYRVRRFDLLK
RILK(MSE)DRKAVETHLLRNPHLVSDYRVL(MSE)AEIGEDLDKSDVSSLIFL(MSE)KDY(MSE)GRGKISKEKSFLD
LVVELEKLNLVAPDQLDLLEKCLKNIHRIDLKTKIQKYKQSVQGAGTS
;
H,G,F,K,I,J
#
# COMPACT_ATOMS: atom_id res chain seq x y z
N ASP A 2 -32.54 -17.35 -5.32
CA ASP A 2 -31.48 -16.57 -4.73
C ASP A 2 -31.43 -15.16 -5.31
N PHE A 3 -31.46 -14.16 -4.44
CA PHE A 3 -31.57 -12.77 -4.88
C PHE A 3 -30.37 -12.36 -5.73
N SER A 4 -29.16 -12.59 -5.22
CA SER A 4 -27.95 -12.20 -5.94
C SER A 4 -27.81 -12.96 -7.24
N ARG A 5 -28.11 -14.26 -7.23
CA ARG A 5 -28.05 -15.03 -8.46
C ARG A 5 -29.08 -14.52 -9.48
N ASN A 6 -30.27 -14.17 -9.01
CA ASN A 6 -31.28 -13.65 -9.94
C ASN A 6 -30.82 -12.32 -10.54
N LEU A 7 -30.20 -11.47 -9.72
CA LEU A 7 -29.66 -10.21 -10.24
C LEU A 7 -28.56 -10.47 -11.27
N TYR A 8 -27.69 -11.45 -10.99
CA TYR A 8 -26.63 -11.80 -11.93
C TYR A 8 -27.20 -12.30 -13.25
N ASP A 9 -28.21 -13.17 -13.19
CA ASP A 9 -28.83 -13.69 -14.42
C ASP A 9 -29.46 -12.56 -15.24
N ILE A 10 -30.23 -11.69 -14.57
CA ILE A 10 -30.81 -10.55 -15.27
C ILE A 10 -29.71 -9.73 -15.92
N GLY A 11 -28.60 -9.51 -15.20
CA GLY A 11 -27.49 -8.77 -15.78
C GLY A 11 -26.89 -9.45 -17.00
N GLU A 12 -26.80 -10.77 -16.98
CA GLU A 12 -26.28 -11.48 -18.14
C GLU A 12 -27.20 -11.35 -19.35
N GLN A 13 -28.49 -11.04 -19.15
CA GLN A 13 -29.33 -10.83 -20.32
C GLN A 13 -29.33 -9.39 -20.85
N LEU A 14 -28.54 -8.46 -20.29
CA LEU A 14 -28.58 -7.05 -20.68
C LEU A 14 -27.26 -6.67 -21.33
N ASP A 15 -27.30 -6.20 -22.58
CA ASP A 15 -26.09 -5.82 -23.28
C ASP A 15 -25.81 -4.33 -23.07
N SER A 16 -24.78 -3.80 -23.75
CA SER A 16 -24.32 -2.45 -23.46
C SER A 16 -25.34 -1.38 -23.86
N GLU A 17 -26.17 -1.65 -24.87
CA GLU A 17 -27.21 -0.69 -25.25
C GLU A 17 -28.32 -0.64 -24.20
N ASP A 18 -28.78 -1.80 -23.75
CA ASP A 18 -29.72 -1.85 -22.63
C ASP A 18 -29.15 -1.15 -21.41
N LEU A 19 -27.85 -1.34 -21.16
CA LEU A 19 -27.24 -0.70 -20.00
C LEU A 19 -27.23 0.81 -20.15
N ALA A 20 -26.96 1.32 -21.36
CA ALA A 20 -27.04 2.76 -21.59
C ALA A 20 -28.44 3.28 -21.33
N SER A 21 -29.45 2.54 -21.79
CA SER A 21 -30.83 2.95 -21.55
C SER A 21 -31.17 2.98 -20.06
N LEU A 22 -30.76 1.92 -19.34
CA LEU A 22 -31.01 1.85 -17.89
C LEU A 22 -30.29 2.97 -17.15
N LYS A 23 -29.07 3.29 -17.54
CA LYS A 23 -28.35 4.39 -16.91
C LYS A 23 -29.04 5.72 -17.18
N PHE A 24 -29.57 5.91 -18.40
CA PHE A 24 -30.31 7.14 -18.68
C PHE A 24 -31.58 7.23 -17.85
N LEU A 25 -32.34 6.14 -17.76
CA LEU A 25 -33.55 6.19 -16.98
C LEU A 25 -33.26 6.34 -15.49
N SER A 26 -32.03 6.12 -15.06
CA SER A 26 -31.62 6.27 -13.66
C SER A 26 -30.92 7.58 -13.38
N LEU A 27 -30.91 8.53 -14.33
CA LEU A 27 -30.10 9.75 -14.19
C LEU A 27 -30.48 10.58 -12.97
N ASP A 28 -31.75 10.56 -12.58
CA ASP A 28 -32.18 11.38 -11.45
C ASP A 28 -31.79 10.80 -10.11
N TYR A 29 -31.21 9.60 -10.09
CA TYR A 29 -30.81 8.93 -8.87
C TYR A 29 -29.32 8.61 -8.81
N ILE A 30 -28.64 8.56 -9.94
CA ILE A 30 -27.22 8.25 -10.00
C ILE A 30 -26.54 9.41 -10.71
N PRO A 31 -25.75 10.21 -10.01
CA PRO A 31 -25.16 11.41 -10.63
C PRO A 31 -24.05 11.03 -11.61
N GLN A 32 -23.59 12.01 -12.38
CA GLN A 32 -22.70 11.74 -13.52
C GLN A 32 -21.40 11.09 -13.08
N ARG A 33 -20.80 11.55 -11.98
CA ARG A 33 -19.54 11.00 -11.54
C ARG A 33 -19.67 9.50 -11.26
N LYS A 34 -20.79 9.08 -10.67
CA LYS A 34 -21.05 7.67 -10.44
C LYS A 34 -21.54 6.96 -11.69
N GLN A 35 -22.07 7.69 -12.67
CA GLN A 35 -22.53 7.05 -13.90
C GLN A 35 -21.34 6.61 -14.76
N GLU A 36 -20.28 7.41 -14.76
CA GLU A 36 -19.19 7.16 -15.71
C GLU A 36 -18.61 5.76 -15.65
N PRO A 37 -18.22 5.19 -14.49
CA PRO A 37 -17.61 3.85 -14.49
C PRO A 37 -18.58 2.69 -14.60
N ILE A 38 -19.89 2.90 -14.64
CA ILE A 38 -20.83 1.78 -14.73
C ILE A 38 -20.74 1.18 -16.14
N LYS A 39 -20.19 -0.04 -16.24
CA LYS A 39 -19.99 -0.72 -17.52
C LYS A 39 -20.69 -2.06 -17.57
N ASP A 40 -21.39 -2.45 -16.51
CA ASP A 40 -22.26 -3.60 -16.56
C ASP A 40 -23.40 -3.38 -15.58
N ALA A 41 -24.42 -4.22 -15.69
CA ALA A 41 -25.62 -4.01 -14.90
C ALA A 41 -25.35 -4.17 -13.40
N LEU A 42 -24.45 -5.07 -13.02
CA LEU A 42 -24.20 -5.33 -11.60
C LEU A 42 -23.78 -4.06 -10.87
N LEU A 44 -24.53 -1.02 -11.75
CA LEU A 44 -25.75 -0.26 -11.62
C LEU A 44 -26.55 -0.75 -10.43
N PHE A 45 -26.72 -2.06 -10.33
CA PHE A 45 -27.51 -2.61 -9.23
C PHE A 45 -26.89 -2.21 -7.90
N GLN A 46 -25.56 -2.20 -7.81
CA GLN A 46 -24.91 -1.87 -6.55
C GLN A 46 -25.29 -0.46 -6.12
N ARG A 47 -25.29 0.48 -7.07
CA ARG A 47 -25.67 1.85 -6.76
C ARG A 47 -27.09 1.89 -6.22
N LEU A 48 -28.00 1.18 -6.88
CA LEU A 48 -29.38 1.17 -6.42
C LEU A 48 -29.49 0.53 -5.05
N GLN A 49 -28.63 -0.46 -4.76
CA GLN A 49 -28.69 -1.07 -3.44
C GLN A 49 -28.20 -0.10 -2.37
N GLU A 50 -27.19 0.73 -2.67
CA GLU A 50 -26.67 1.59 -1.61
C GLU A 50 -27.68 2.67 -1.21
N LYS A 51 -28.52 3.10 -2.15
CA LYS A 51 -29.61 4.02 -1.86
C LYS A 51 -30.86 3.31 -1.36
N ARG A 52 -30.80 1.99 -1.19
CA ARG A 52 -31.93 1.16 -0.77
C ARG A 52 -33.11 1.25 -1.75
N LEU A 54 -33.11 -0.95 -4.27
CA LEU A 54 -33.11 -2.32 -4.74
C LEU A 54 -32.68 -3.20 -3.57
N GLU A 55 -33.59 -4.05 -3.10
CA GLU A 55 -33.27 -5.05 -2.09
C GLU A 55 -34.22 -6.21 -2.28
N GLU A 56 -33.95 -7.29 -1.54
CA GLU A 56 -34.71 -8.53 -1.71
C GLU A 56 -36.19 -8.32 -1.49
N SER A 57 -36.55 -7.47 -0.54
CA SER A 57 -37.96 -7.20 -0.26
C SER A 57 -38.48 -6.00 -1.04
N ASN A 58 -37.70 -5.43 -1.96
CA ASN A 58 -38.15 -4.25 -2.68
C ASN A 58 -37.56 -4.27 -4.10
N LEU A 59 -38.30 -4.89 -5.01
CA LEU A 59 -37.89 -5.01 -6.41
C LEU A 59 -38.60 -4.00 -7.32
N SER A 60 -39.31 -3.03 -6.74
CA SER A 60 -40.22 -2.17 -7.53
C SER A 60 -39.46 -1.37 -8.58
N PHE A 61 -38.33 -0.75 -8.19
CA PHE A 61 -37.60 0.08 -9.15
C PHE A 61 -36.96 -0.76 -10.26
N LEU A 62 -36.46 -1.95 -9.92
CA LEU A 62 -35.93 -2.85 -10.95
C LEU A 62 -37.01 -3.24 -11.94
N LYS A 63 -38.20 -3.57 -11.44
CA LYS A 63 -39.32 -3.92 -12.32
C LYS A 63 -39.70 -2.74 -13.20
N GLU A 64 -39.74 -1.52 -12.63
CA GLU A 64 -40.08 -0.35 -13.43
C GLU A 64 -39.04 -0.10 -14.51
N LEU A 65 -37.75 -0.20 -14.18
CA LEU A 65 -36.69 -0.05 -15.18
C LEU A 65 -36.85 -1.05 -16.31
N LEU A 66 -37.01 -2.34 -15.98
CA LEU A 66 -37.11 -3.36 -17.02
C LEU A 66 -38.35 -3.17 -17.86
N PHE A 67 -39.44 -2.68 -17.25
CA PHE A 67 -40.64 -2.43 -18.04
C PHE A 67 -40.43 -1.26 -18.99
N ARG A 68 -39.78 -0.20 -18.53
CA ARG A 68 -39.64 0.98 -19.39
C ARG A 68 -38.69 0.75 -20.56
N ILE A 69 -37.75 -0.18 -20.47
CA ILE A 69 -36.91 -0.52 -21.63
C ILE A 69 -37.47 -1.71 -22.39
N ASN A 70 -38.72 -2.08 -22.12
CA ASN A 70 -39.45 -3.08 -22.91
C ASN A 70 -38.79 -4.46 -22.86
N ARG A 71 -38.23 -4.79 -21.71
CA ARG A 71 -37.72 -6.13 -21.49
C ARG A 71 -38.74 -6.96 -20.71
N LEU A 72 -39.91 -7.15 -21.33
CA LEU A 72 -40.97 -7.94 -20.72
C LEU A 72 -40.55 -9.41 -20.57
N ASP A 73 -39.67 -9.89 -21.44
CA ASP A 73 -39.13 -11.24 -21.33
C ASP A 73 -38.46 -11.45 -19.97
N LEU A 74 -37.62 -10.48 -19.56
CA LEU A 74 -36.95 -10.58 -18.27
C LEU A 74 -37.94 -10.45 -17.12
N LEU A 75 -38.91 -9.54 -17.24
CA LEU A 75 -39.93 -9.42 -16.20
C LEU A 75 -40.63 -10.76 -15.94
N ILE A 76 -41.12 -11.41 -17.00
CA ILE A 76 -41.85 -12.66 -16.78
C ILE A 76 -40.91 -13.79 -16.35
N THR A 77 -39.71 -13.89 -16.95
CA THR A 77 -38.87 -15.04 -16.68
C THR A 77 -38.20 -14.95 -15.31
N TYR A 78 -37.66 -13.78 -14.94
CA TYR A 78 -36.88 -13.67 -13.72
C TYR A 78 -37.62 -12.99 -12.58
N LEU A 79 -38.73 -12.29 -12.86
CA LEU A 79 -39.45 -11.59 -11.81
C LEU A 79 -40.92 -11.97 -11.76
N ASN A 80 -41.37 -12.91 -12.62
CA ASN A 80 -42.71 -13.46 -12.57
C ASN A 80 -43.77 -12.37 -12.62
N THR A 81 -43.58 -11.42 -13.52
CA THR A 81 -44.42 -10.24 -13.60
C THR A 81 -44.88 -10.04 -15.03
N ARG A 82 -46.19 -9.91 -15.21
CA ARG A 82 -46.81 -9.76 -16.52
C ARG A 82 -47.00 -8.27 -16.85
N LYS A 83 -47.08 -7.99 -18.15
CA LYS A 83 -47.22 -6.63 -18.66
C LYS A 83 -48.37 -5.89 -17.99
N GLU A 84 -49.51 -6.56 -17.83
CA GLU A 84 -50.71 -5.91 -17.31
C GLU A 84 -50.51 -5.45 -15.87
N GLU A 85 -49.91 -6.31 -15.04
CA GLU A 85 -49.61 -5.98 -13.65
C GLU A 85 -48.82 -4.67 -13.56
N GLU A 87 -48.61 -2.37 -15.82
CA GLU A 87 -49.50 -1.30 -16.25
C GLU A 87 -50.43 -0.88 -15.12
N ARG A 88 -50.95 -1.86 -14.38
CA ARG A 88 -51.81 -1.49 -13.26
C ARG A 88 -51.00 -0.82 -12.16
N GLU A 89 -49.74 -1.23 -11.99
CA GLU A 89 -48.89 -0.69 -10.94
C GLU A 89 -48.47 0.75 -11.24
N LEU A 90 -48.02 1.00 -12.47
CA LEU A 90 -47.45 2.30 -12.79
C LEU A 90 -48.51 3.36 -13.06
N GLN A 91 -49.79 2.97 -13.12
CA GLN A 91 -50.90 3.91 -13.29
C GLN A 91 -51.49 4.34 -11.95
N THR A 92 -51.16 3.66 -10.86
CA THR A 92 -51.54 4.11 -9.54
C THR A 92 -50.87 5.43 -9.20
N PRO A 93 -51.62 6.45 -8.79
CA PRO A 93 -51.01 7.76 -8.53
C PRO A 93 -49.94 7.65 -7.46
N GLY A 94 -48.79 8.25 -7.73
CA GLY A 94 -47.72 8.30 -6.76
C GLY A 94 -46.76 7.14 -6.81
N ARG A 95 -46.97 6.17 -7.70
CA ARG A 95 -46.22 4.92 -7.66
C ARG A 95 -45.03 4.86 -8.60
N ALA A 96 -45.05 5.60 -9.70
CA ALA A 96 -43.93 5.54 -10.63
C ALA A 96 -42.78 6.34 -10.05
N GLN A 97 -41.58 5.79 -10.15
CA GLN A 97 -40.40 6.48 -9.64
C GLN A 97 -39.51 7.02 -10.75
N ILE A 98 -39.72 6.59 -11.98
CA ILE A 98 -39.12 7.24 -13.15
C ILE A 98 -40.11 8.28 -13.64
N SER A 99 -39.68 9.54 -13.75
CA SER A 99 -40.58 10.62 -14.13
C SER A 99 -41.10 10.38 -15.54
N ALA A 100 -42.33 10.87 -15.78
CA ALA A 100 -42.90 10.77 -17.12
C ALA A 100 -42.05 11.51 -18.15
N TYR A 101 -41.35 12.56 -17.71
CA TYR A 101 -40.45 13.32 -18.59
C TYR A 101 -39.27 12.47 -19.03
N ARG A 102 -38.62 11.77 -18.10
CA ARG A 102 -37.50 10.90 -18.46
C ARG A 102 -37.96 9.81 -19.44
N VAL A 103 -39.06 9.13 -19.11
CA VAL A 103 -39.60 8.10 -19.99
C VAL A 103 -39.86 8.68 -21.39
N LEU A 105 -38.43 11.16 -22.90
CA LEU A 105 -37.18 11.30 -23.64
C LEU A 105 -36.71 9.94 -24.14
N TYR A 106 -36.74 8.92 -23.27
CA TYR A 106 -36.32 7.60 -23.72
C TYR A 106 -37.16 7.17 -24.90
N GLN A 107 -38.47 7.42 -24.84
CA GLN A 107 -39.33 6.98 -25.94
C GLN A 107 -38.99 7.68 -27.24
N ILE A 108 -38.64 8.97 -27.18
CA ILE A 108 -38.20 9.64 -28.39
C ILE A 108 -36.98 8.95 -28.97
N SER A 109 -36.02 8.59 -28.10
CA SER A 109 -34.82 7.93 -28.61
C SER A 109 -35.14 6.59 -29.26
N GLU A 110 -36.27 5.95 -28.87
CA GLU A 110 -36.62 4.69 -29.52
C GLU A 110 -37.14 4.91 -30.94
N GLU A 111 -37.58 6.13 -31.27
CA GLU A 111 -38.18 6.42 -32.56
C GLU A 111 -37.22 7.14 -33.52
N VAL A 112 -36.00 7.42 -33.10
CA VAL A 112 -35.05 8.17 -33.92
C VAL A 112 -34.05 7.18 -34.50
N SER A 113 -34.00 7.10 -35.83
CA SER A 113 -33.09 6.19 -36.52
C SER A 113 -31.71 6.83 -36.66
N ARG A 114 -30.81 6.10 -37.32
CA ARG A 114 -29.43 6.54 -37.49
C ARG A 114 -29.36 7.85 -38.28
N SER A 115 -29.98 7.87 -39.47
CA SER A 115 -29.96 9.07 -40.30
C SER A 115 -30.68 10.21 -39.61
N GLU A 116 -31.81 9.92 -38.98
CA GLU A 116 -32.51 10.94 -38.22
C GLU A 116 -31.66 11.46 -37.06
N LEU A 117 -30.83 10.61 -36.45
CA LEU A 117 -29.94 11.10 -35.40
C LEU A 117 -28.91 12.09 -35.97
N ARG A 118 -28.40 11.80 -37.17
CA ARG A 118 -27.55 12.77 -37.85
C ARG A 118 -28.28 14.08 -38.10
N SER A 119 -29.54 14.00 -38.54
CA SER A 119 -30.31 15.24 -38.78
C SER A 119 -30.60 16.00 -37.48
N PHE A 120 -30.82 15.27 -36.38
CA PHE A 120 -30.98 15.90 -35.07
C PHE A 120 -29.73 16.69 -34.68
N LYS A 121 -28.57 16.03 -34.79
CA LYS A 121 -27.30 16.71 -34.51
C LYS A 121 -27.15 17.94 -35.40
N GLY A 122 -27.57 17.83 -36.67
CA GLY A 122 -27.52 18.98 -37.56
C GLY A 122 -28.42 20.11 -37.09
N GLY A 123 -29.60 19.78 -36.59
CA GLY A 123 -30.53 20.78 -36.10
C GLY A 123 -30.07 21.48 -34.82
N LEU A 124 -29.17 20.86 -34.07
CA LEU A 124 -28.69 21.45 -32.82
C LEU A 124 -27.37 22.22 -32.96
N GLN A 125 -27.03 22.66 -34.17
CA GLN A 125 -25.67 23.15 -34.42
C GLN A 125 -25.35 24.46 -33.70
N GLU A 126 -26.34 25.29 -33.40
CA GLU A 126 -26.04 26.56 -32.74
C GLU A 126 -26.23 26.53 -31.23
N GLU A 127 -26.73 25.42 -30.67
CA GLU A 127 -26.92 25.32 -29.24
C GLU A 127 -25.92 24.41 -28.54
N ILE A 128 -25.37 23.42 -29.25
CA ILE A 128 -24.41 22.48 -28.69
C ILE A 128 -23.08 22.63 -29.43
N SER A 129 -21.99 22.60 -28.68
CA SER A 129 -20.66 22.64 -29.27
C SER A 129 -20.46 21.47 -30.22
N LYS A 130 -19.57 21.67 -31.19
CA LYS A 130 -19.37 20.68 -32.24
C LYS A 130 -18.86 19.35 -31.67
N CYS A 131 -18.07 19.41 -30.59
CA CYS A 131 -17.53 18.18 -30.00
C CYS A 131 -18.62 17.27 -29.48
N LYS A 132 -19.64 17.83 -28.84
CA LYS A 132 -20.73 17.03 -28.33
C LYS A 132 -21.77 16.67 -29.40
N LEU A 133 -21.47 16.94 -30.67
CA LEU A 133 -22.31 16.50 -31.77
C LEU A 133 -21.60 15.48 -32.64
N ASP A 134 -20.53 14.87 -32.11
CA ASP A 134 -19.75 13.89 -32.85
C ASP A 134 -20.57 12.63 -33.14
N ASP A 135 -20.13 11.89 -34.17
CA ASP A 135 -20.91 10.77 -34.68
C ASP A 135 -21.06 9.63 -33.67
N ASP A 136 -20.14 9.50 -32.71
CA ASP A 136 -20.27 8.47 -31.69
C ASP A 136 -21.41 8.74 -30.71
N ASN A 138 -24.93 9.10 -29.10
CA ASN A 138 -26.31 8.70 -29.30
C ASN A 138 -27.27 9.79 -28.81
N LEU A 139 -28.57 9.58 -29.03
CA LEU A 139 -29.52 10.62 -28.69
C LEU A 139 -29.59 10.88 -27.18
N LEU A 140 -29.42 9.84 -26.37
CA LEU A 140 -29.49 10.01 -24.92
C LEU A 140 -28.36 10.91 -24.42
N ASP A 141 -27.16 10.73 -24.98
CA ASP A 141 -26.04 11.61 -24.65
C ASP A 141 -26.33 13.06 -25.04
N ILE A 142 -26.96 13.25 -26.19
CA ILE A 142 -27.34 14.59 -26.63
C ILE A 142 -28.33 15.22 -25.66
N PHE A 143 -29.32 14.44 -25.20
CA PHE A 143 -30.27 14.96 -24.23
C PHE A 143 -29.57 15.36 -22.94
N ILE A 144 -28.60 14.55 -22.50
CA ILE A 144 -27.87 14.90 -21.28
C ILE A 144 -27.12 16.21 -21.46
N GLU A 145 -26.52 16.41 -22.63
CA GLU A 145 -25.81 17.66 -22.92
C GLU A 145 -26.76 18.87 -22.91
N GLU A 147 -29.60 19.09 -21.34
CA GLU A 147 -29.98 19.32 -19.95
C GLU A 147 -28.89 20.05 -19.19
N LYS A 148 -27.63 19.72 -19.46
CA LYS A 148 -26.55 20.45 -18.81
C LYS A 148 -26.55 21.92 -19.21
N ARG A 149 -26.96 22.23 -20.43
CA ARG A 149 -27.03 23.63 -20.87
C ARG A 149 -28.40 24.24 -20.62
N VAL A 150 -29.28 23.56 -19.87
CA VAL A 150 -30.64 23.96 -19.52
C VAL A 150 -31.38 24.49 -20.75
N ILE A 151 -31.18 23.86 -21.90
CA ILE A 151 -32.03 24.08 -23.07
C ILE A 151 -33.00 22.95 -23.25
N LEU A 152 -33.11 22.07 -22.26
CA LEU A 152 -34.04 20.95 -22.26
C LEU A 152 -34.38 20.66 -20.81
N GLY A 153 -35.67 20.57 -20.52
CA GLY A 153 -36.12 20.29 -19.16
C GLY A 153 -37.61 20.07 -19.17
N GLU A 154 -38.14 19.77 -17.99
CA GLU A 154 -39.57 19.48 -17.89
C GLU A 154 -40.42 20.64 -18.39
N GLY A 155 -39.97 21.87 -18.18
CA GLY A 155 -40.67 23.05 -18.64
C GLY A 155 -39.94 23.77 -19.75
N LYS A 156 -39.02 23.07 -20.44
CA LYS A 156 -38.22 23.68 -21.51
C LYS A 156 -38.20 22.69 -22.67
N LEU A 157 -39.27 22.70 -23.47
CA LEU A 157 -39.40 21.77 -24.58
C LEU A 157 -39.32 22.42 -25.96
N ASP A 158 -39.07 23.73 -26.04
CA ASP A 158 -39.17 24.43 -27.32
C ASP A 158 -38.15 23.92 -28.32
N ILE A 159 -36.89 23.78 -27.92
CA ILE A 159 -35.87 23.36 -28.87
C ILE A 159 -36.10 21.91 -29.28
N LEU A 160 -36.49 21.07 -28.33
CA LEU A 160 -36.83 19.68 -28.64
C LEU A 160 -37.98 19.63 -29.66
N LYS A 161 -39.02 20.43 -29.42
CA LYS A 161 -40.16 20.47 -30.34
C LYS A 161 -39.74 20.94 -31.73
N ARG A 162 -38.92 21.98 -31.81
CA ARG A 162 -38.49 22.49 -33.12
C ARG A 162 -37.73 21.42 -33.90
N VAL A 163 -36.72 20.82 -33.26
CA VAL A 163 -35.90 19.83 -33.95
C VAL A 163 -36.73 18.60 -34.33
N CYS A 164 -37.57 18.13 -33.41
CA CYS A 164 -38.37 16.95 -33.74
C CYS A 164 -39.38 17.25 -34.84
N ALA A 165 -39.93 18.48 -34.87
CA ALA A 165 -40.86 18.84 -35.93
C ALA A 165 -40.17 18.83 -37.28
N GLN A 166 -38.90 19.26 -37.33
CA GLN A 166 -38.18 19.10 -38.58
C GLN A 166 -37.69 17.68 -38.82
N ILE A 167 -37.82 16.77 -37.84
CA ILE A 167 -37.49 15.36 -38.10
C ILE A 167 -38.72 14.56 -38.52
N ASN A 168 -39.73 14.49 -37.65
CA ASN A 168 -40.93 13.72 -37.99
C ASN A 168 -42.08 14.18 -37.09
N LYS A 169 -43.31 13.94 -37.57
CA LYS A 169 -44.51 14.39 -36.87
C LYS A 169 -44.87 13.51 -35.67
N SER A 170 -44.55 12.21 -35.76
CA SER A 170 -44.82 11.29 -34.65
C SER A 170 -44.04 11.65 -33.40
N LEU A 171 -42.82 12.19 -33.56
CA LEU A 171 -42.07 12.68 -32.41
C LEU A 171 -42.82 13.78 -31.69
N LEU A 172 -43.39 14.73 -32.45
CA LEU A 172 -44.22 15.76 -31.84
C LEU A 172 -45.40 15.16 -31.14
N LYS A 173 -45.97 14.09 -31.69
CA LYS A 173 -47.10 13.45 -31.02
C LYS A 173 -46.67 12.90 -29.65
N ILE A 174 -45.51 12.27 -29.59
CA ILE A 174 -45.00 11.78 -28.30
C ILE A 174 -44.83 12.93 -27.31
N ILE A 175 -44.17 14.01 -27.76
CA ILE A 175 -43.95 15.17 -26.89
C ILE A 175 -45.27 15.75 -26.39
N ASN A 176 -46.25 15.89 -27.30
CA ASN A 176 -47.51 16.54 -26.95
C ASN A 176 -48.35 15.66 -26.03
N ASP A 177 -48.33 14.34 -26.24
CA ASP A 177 -49.00 13.44 -25.29
C ASP A 177 -48.40 13.57 -23.90
N TYR A 178 -47.06 13.61 -23.81
CA TYR A 178 -46.43 13.83 -22.52
C TYR A 178 -46.88 15.15 -21.90
N GLU A 179 -46.86 16.23 -22.69
CA GLU A 179 -47.18 17.56 -22.17
C GLU A 179 -48.62 17.62 -21.66
N GLU A 180 -49.55 17.01 -22.38
CA GLU A 180 -50.94 17.00 -21.95
C GLU A 180 -51.15 16.12 -20.73
N PHE A 181 -50.44 14.99 -20.64
CA PHE A 181 -50.64 14.11 -19.48
C PHE A 181 -49.96 14.65 -18.22
N SER A 182 -48.92 15.46 -18.35
CA SER A 182 -48.11 15.83 -17.19
C SER A 182 -48.65 17.01 -16.40
N LYS A 183 -49.81 17.56 -16.75
CA LYS A 183 -50.41 18.59 -15.93
C LYS A 183 -51.30 18.01 -14.84
N GLU A 184 -51.37 16.69 -14.73
CA GLU A 184 -52.12 16.02 -13.67
C GLU A 184 -51.17 15.64 -12.52
N ASP B 2 -25.60 24.14 3.92
CA ASP B 2 -24.45 23.32 4.27
C ASP B 2 -23.43 23.42 3.15
N PHE B 3 -22.33 24.11 3.41
CA PHE B 3 -21.38 24.46 2.36
C PHE B 3 -20.64 23.24 1.83
N SER B 4 -20.08 22.44 2.73
CA SER B 4 -19.33 21.25 2.32
C SER B 4 -20.22 20.23 1.64
N ARG B 5 -21.42 20.00 2.18
CA ARG B 5 -22.37 19.13 1.51
C ARG B 5 -22.68 19.62 0.10
N ASN B 6 -22.82 20.95 -0.08
CA ASN B 6 -23.16 21.49 -1.39
C ASN B 6 -22.01 21.29 -2.37
N LEU B 7 -20.77 21.50 -1.90
CA LEU B 7 -19.59 21.26 -2.72
C LEU B 7 -19.50 19.78 -3.11
N TYR B 8 -19.80 18.89 -2.15
CA TYR B 8 -19.78 17.45 -2.43
C TYR B 8 -20.80 17.09 -3.51
N ASP B 9 -22.02 17.63 -3.41
CA ASP B 9 -23.03 17.32 -4.41
C ASP B 9 -22.59 17.78 -5.80
N ILE B 10 -22.08 19.01 -5.88
CA ILE B 10 -21.56 19.52 -7.15
C ILE B 10 -20.49 18.59 -7.69
N GLY B 11 -19.58 18.13 -6.82
CA GLY B 11 -18.55 17.21 -7.27
C GLY B 11 -19.11 15.89 -7.78
N GLU B 12 -20.17 15.40 -7.15
CA GLU B 12 -20.81 14.17 -7.62
C GLU B 12 -21.42 14.34 -9.00
N GLN B 13 -21.75 15.56 -9.41
CA GLN B 13 -22.28 15.72 -10.76
C GLN B 13 -21.21 15.97 -11.83
N LEU B 14 -19.91 15.93 -11.49
CA LEU B 14 -18.85 16.25 -12.45
C LEU B 14 -18.00 15.01 -12.72
N ASP B 15 -17.90 14.60 -13.99
CA ASP B 15 -17.15 13.41 -14.34
C ASP B 15 -15.72 13.79 -14.74
N SER B 16 -14.95 12.82 -15.27
CA SER B 16 -13.53 13.04 -15.53
C SER B 16 -13.27 14.01 -16.68
N GLU B 17 -14.16 14.08 -17.67
CA GLU B 17 -13.99 15.06 -18.74
C GLU B 17 -14.28 16.49 -18.29
N ASP B 18 -15.41 16.70 -17.58
CA ASP B 18 -15.63 18.01 -16.96
C ASP B 18 -14.46 18.40 -16.07
N LEU B 19 -13.90 17.44 -15.34
CA LEU B 19 -12.79 17.72 -14.45
C LEU B 19 -11.55 18.15 -15.22
N ALA B 20 -11.27 17.46 -16.33
CA ALA B 20 -10.15 17.86 -17.19
C ALA B 20 -10.35 19.30 -17.70
N SER B 21 -11.58 19.64 -18.08
CA SER B 21 -11.87 21.02 -18.52
C SER B 21 -11.64 22.01 -17.39
N LEU B 22 -12.13 21.70 -16.19
CA LEU B 22 -11.98 22.60 -15.05
C LEU B 22 -10.52 22.82 -14.70
N LYS B 23 -9.71 21.76 -14.75
CA LYS B 23 -8.28 21.87 -14.48
C LYS B 23 -7.57 22.71 -15.54
N PHE B 24 -7.98 22.56 -16.80
CA PHE B 24 -7.40 23.40 -17.86
C PHE B 24 -7.74 24.87 -17.63
N LEU B 25 -9.00 25.16 -17.28
CA LEU B 25 -9.39 26.54 -17.05
C LEU B 25 -8.78 27.12 -15.77
N SER B 26 -8.25 26.27 -14.90
CA SER B 26 -7.60 26.70 -13.68
C SER B 26 -6.09 26.74 -13.80
N LEU B 27 -5.54 26.56 -15.00
CA LEU B 27 -4.09 26.41 -15.16
C LEU B 27 -3.33 27.62 -14.66
N ASP B 28 -3.90 28.83 -14.78
CA ASP B 28 -3.20 30.02 -14.35
C ASP B 28 -3.20 30.19 -12.84
N TYR B 29 -3.92 29.34 -12.11
CA TYR B 29 -3.97 29.41 -10.66
C TYR B 29 -3.47 28.15 -9.97
N ILE B 30 -3.48 27.01 -10.64
CA ILE B 30 -3.00 25.75 -10.08
C ILE B 30 -1.91 25.20 -11.01
N PRO B 31 -0.66 25.22 -10.60
CA PRO B 31 0.43 24.82 -11.51
C PRO B 31 0.46 23.31 -11.72
N GLN B 32 1.29 22.89 -12.68
CA GLN B 32 1.27 21.51 -13.18
C GLN B 32 1.52 20.48 -12.08
N ARG B 33 2.49 20.76 -11.19
CA ARG B 33 2.82 19.79 -10.16
C ARG B 33 1.62 19.50 -9.25
N LYS B 34 0.85 20.53 -8.90
CA LYS B 34 -0.35 20.32 -8.12
C LYS B 34 -1.54 19.86 -8.97
N GLN B 35 -1.48 20.03 -10.30
CA GLN B 35 -2.55 19.55 -11.15
C GLN B 35 -2.53 18.02 -11.25
N GLU B 36 -1.33 17.45 -11.28
CA GLU B 36 -1.21 16.03 -11.62
C GLU B 36 -2.07 15.11 -10.74
N PRO B 37 -2.05 15.20 -9.40
CA PRO B 37 -2.86 14.27 -8.60
C PRO B 37 -4.34 14.62 -8.50
N ILE B 38 -4.80 15.72 -9.08
CA ILE B 38 -6.22 16.08 -8.97
C ILE B 38 -7.01 15.10 -9.84
N LYS B 39 -7.80 14.23 -9.20
CA LYS B 39 -8.57 13.22 -9.91
C LYS B 39 -10.05 13.25 -9.62
N ASP B 40 -10.52 14.16 -8.77
CA ASP B 40 -11.94 14.45 -8.64
C ASP B 40 -12.10 15.94 -8.30
N ALA B 41 -13.34 16.42 -8.36
CA ALA B 41 -13.59 17.84 -8.17
C ALA B 41 -13.26 18.32 -6.75
N LEU B 42 -13.51 17.48 -5.74
CA LEU B 42 -13.28 17.89 -4.36
C LEU B 42 -11.82 18.29 -4.14
N LEU B 44 -9.78 19.42 -6.43
CA LEU B 44 -9.71 20.74 -7.02
C LEU B 44 -10.25 21.79 -6.07
N PHE B 45 -11.45 21.54 -5.50
CA PHE B 45 -12.03 22.54 -4.62
C PHE B 45 -11.10 22.82 -3.44
N GLN B 46 -10.45 21.79 -2.92
CA GLN B 46 -9.58 22.00 -1.78
C GLN B 46 -8.45 22.93 -2.13
N ARG B 47 -7.85 22.74 -3.31
CA ARG B 47 -6.78 23.65 -3.70
C ARG B 47 -7.30 25.08 -3.78
N LEU B 48 -8.50 25.25 -4.35
CA LEU B 48 -9.06 26.59 -4.47
C LEU B 48 -9.32 27.20 -3.10
N GLN B 49 -9.67 26.36 -2.12
CA GLN B 49 -9.88 26.86 -0.78
C GLN B 49 -8.58 27.35 -0.17
N GLU B 50 -7.47 26.69 -0.50
CA GLU B 50 -6.20 27.06 0.12
C GLU B 50 -5.70 28.39 -0.40
N LYS B 51 -6.04 28.75 -1.64
CA LYS B 51 -5.73 30.05 -2.21
C LYS B 51 -6.77 31.10 -1.86
N ARG B 52 -7.77 30.75 -1.05
CA ARG B 52 -8.92 31.61 -0.74
C ARG B 52 -9.66 32.04 -2.00
N LEU B 54 -12.16 30.15 -3.00
CA LEU B 54 -13.41 29.41 -2.85
C LEU B 54 -13.75 29.32 -1.38
N GLU B 55 -14.85 29.96 -0.97
CA GLU B 55 -15.36 29.81 0.38
C GLU B 55 -16.85 30.13 0.35
N GLU B 56 -17.53 29.89 1.46
CA GLU B 56 -18.97 30.08 1.48
C GLU B 56 -19.38 31.51 1.11
N SER B 57 -18.57 32.50 1.50
CA SER B 57 -18.84 33.89 1.18
C SER B 57 -18.17 34.34 -0.11
N ASN B 58 -17.55 33.42 -0.85
CA ASN B 58 -16.85 33.81 -2.08
C ASN B 58 -16.98 32.64 -3.07
N LEU B 59 -18.05 32.67 -3.86
CA LEU B 59 -18.32 31.62 -4.83
C LEU B 59 -17.99 32.03 -6.26
N SER B 60 -17.37 33.20 -6.47
CA SER B 60 -17.30 33.77 -7.81
C SER B 60 -16.47 32.91 -8.76
N PHE B 61 -15.33 32.41 -8.31
CA PHE B 61 -14.51 31.61 -9.21
C PHE B 61 -15.16 30.26 -9.53
N LEU B 62 -15.81 29.64 -8.55
CA LEU B 62 -16.53 28.40 -8.82
C LEU B 62 -17.65 28.64 -9.83
N LYS B 63 -18.40 29.73 -9.66
CA LYS B 63 -19.47 30.05 -10.60
C LYS B 63 -18.92 30.29 -12.00
N GLU B 64 -17.80 31.00 -12.10
CA GLU B 64 -17.19 31.25 -13.41
C GLU B 64 -16.72 29.97 -14.06
N LEU B 65 -16.09 29.07 -13.30
CA LEU B 65 -15.68 27.77 -13.81
C LEU B 65 -16.88 26.99 -14.35
N LEU B 66 -17.93 26.89 -13.55
CA LEU B 66 -19.09 26.13 -13.99
C LEU B 66 -19.76 26.76 -15.19
N PHE B 67 -19.74 28.10 -15.29
CA PHE B 67 -20.30 28.76 -16.45
C PHE B 67 -19.48 28.50 -17.70
N ARG B 68 -18.14 28.53 -17.58
CA ARG B 68 -17.30 28.39 -18.76
C ARG B 68 -17.31 26.97 -19.32
N ILE B 69 -17.63 25.96 -18.52
CA ILE B 69 -17.80 24.61 -19.06
C ILE B 69 -19.26 24.28 -19.33
N ASN B 70 -20.14 25.28 -19.32
CA ASN B 70 -21.54 25.13 -19.73
C ASN B 70 -22.32 24.18 -18.83
N ARG B 71 -22.01 24.18 -17.54
CA ARG B 71 -22.79 23.43 -16.56
C ARG B 71 -23.80 24.35 -15.88
N LEU B 72 -24.71 24.90 -16.70
CA LEU B 72 -25.74 25.78 -16.19
C LEU B 72 -26.72 25.05 -15.27
N ASP B 73 -26.91 23.75 -15.48
CA ASP B 73 -27.73 22.95 -14.58
C ASP B 73 -27.22 23.03 -13.15
N LEU B 74 -25.90 22.90 -12.98
CA LEU B 74 -25.33 22.98 -11.63
C LEU B 74 -25.43 24.40 -11.09
N LEU B 75 -25.21 25.41 -11.94
CA LEU B 75 -25.36 26.80 -11.52
C LEU B 75 -26.74 27.04 -10.92
N ILE B 76 -27.78 26.62 -11.65
CA ILE B 76 -29.16 26.85 -11.18
C ILE B 76 -29.49 25.97 -9.98
N THR B 77 -29.07 24.69 -9.99
CA THR B 77 -29.54 23.75 -8.98
C THR B 77 -28.84 23.95 -7.64
N TYR B 78 -27.52 24.15 -7.66
CA TYR B 78 -26.75 24.20 -6.43
C TYR B 78 -26.23 25.57 -6.06
N LEU B 79 -26.21 26.53 -6.98
CA LEU B 79 -25.69 27.86 -6.69
C LEU B 79 -26.71 28.95 -6.98
N ASN B 80 -27.91 28.59 -7.40
CA ASN B 80 -29.04 29.52 -7.56
C ASN B 80 -28.67 30.71 -8.44
N THR B 81 -28.05 30.42 -9.58
CA THR B 81 -27.54 31.44 -10.47
C THR B 81 -28.00 31.12 -11.88
N ARG B 82 -28.59 32.12 -12.56
CA ARG B 82 -29.06 31.95 -13.92
C ARG B 82 -28.01 32.42 -14.92
N LYS B 83 -28.17 31.97 -16.16
CA LYS B 83 -27.20 32.28 -17.21
C LYS B 83 -27.03 33.79 -17.39
N GLU B 84 -28.12 34.54 -17.30
CA GLU B 84 -28.06 35.97 -17.59
C GLU B 84 -27.19 36.70 -16.57
N GLU B 85 -27.43 36.44 -15.28
CA GLU B 85 -26.60 37.01 -14.22
C GLU B 85 -25.11 36.82 -14.53
N GLU B 87 -23.58 36.24 -17.23
CA GLU B 87 -23.17 37.04 -18.38
C GLU B 87 -22.90 38.47 -17.95
N ARG B 88 -23.89 39.09 -17.30
CA ARG B 88 -23.72 40.41 -16.73
C ARG B 88 -22.44 40.48 -15.92
N GLU B 89 -22.32 39.56 -14.94
CA GLU B 89 -21.18 39.60 -14.04
C GLU B 89 -19.87 39.49 -14.82
N LEU B 90 -19.81 38.57 -15.80
CA LEU B 90 -18.53 38.34 -16.43
C LEU B 90 -18.25 39.36 -17.51
N GLN B 91 -19.21 40.21 -17.84
CA GLN B 91 -18.94 41.26 -18.82
C GLN B 91 -18.51 42.56 -18.18
N THR B 92 -18.76 42.72 -16.88
CA THR B 92 -18.23 43.86 -16.15
C THR B 92 -16.71 43.79 -16.10
N PRO B 93 -16.01 44.80 -16.59
CA PRO B 93 -14.55 44.73 -16.64
C PRO B 93 -13.92 44.57 -15.26
N GLY B 94 -12.97 43.65 -15.16
CA GLY B 94 -12.26 43.41 -13.92
C GLY B 94 -12.84 42.33 -13.05
N ARG B 95 -13.96 41.72 -13.44
CA ARG B 95 -14.61 40.72 -12.61
C ARG B 95 -14.26 39.30 -13.01
N ALA B 96 -13.89 39.06 -14.26
CA ALA B 96 -13.57 37.74 -14.74
C ALA B 96 -12.19 37.31 -14.27
N GLN B 97 -12.11 36.12 -13.67
CA GLN B 97 -10.84 35.62 -13.17
C GLN B 97 -10.16 34.65 -14.11
N ILE B 98 -10.88 34.14 -15.11
CA ILE B 98 -10.30 33.30 -16.13
C ILE B 98 -9.98 34.18 -17.33
N SER B 99 -8.72 34.16 -17.76
CA SER B 99 -8.30 35.06 -18.83
C SER B 99 -9.06 34.76 -20.11
N ALA B 100 -9.28 35.80 -20.90
CA ALA B 100 -9.92 35.65 -22.19
C ALA B 100 -9.12 34.73 -23.11
N TYR B 101 -7.79 34.68 -22.93
CA TYR B 101 -6.95 33.79 -23.72
C TYR B 101 -7.25 32.34 -23.39
N ARG B 102 -7.33 32.00 -22.10
CA ARG B 102 -7.65 30.64 -21.67
C ARG B 102 -9.03 30.23 -22.18
N VAL B 103 -10.04 31.08 -21.94
CA VAL B 103 -11.40 30.80 -22.41
C VAL B 103 -11.39 30.51 -23.91
N LEU B 105 -9.02 29.45 -25.82
CA LEU B 105 -8.45 28.14 -26.12
C LEU B 105 -9.46 27.04 -25.82
N TYR B 106 -10.12 27.13 -24.66
CA TYR B 106 -11.09 26.11 -24.32
C TYR B 106 -12.19 26.06 -25.38
N GLN B 107 -12.65 27.23 -25.84
CA GLN B 107 -13.73 27.22 -26.82
C GLN B 107 -13.27 26.61 -28.15
N ILE B 108 -12.00 26.82 -28.52
CA ILE B 108 -11.51 26.15 -29.72
C ILE B 108 -11.63 24.65 -29.54
N SER B 109 -11.24 24.15 -28.36
CA SER B 109 -11.34 22.73 -28.08
C SER B 109 -12.78 22.24 -28.11
N GLU B 110 -13.74 23.13 -27.89
CA GLU B 110 -15.13 22.74 -27.96
C GLU B 110 -15.58 22.50 -29.40
N GLU B 111 -14.89 23.08 -30.38
CA GLU B 111 -15.33 23.03 -31.77
C GLU B 111 -14.54 22.09 -32.66
N VAL B 112 -13.51 21.40 -32.15
CA VAL B 112 -12.67 20.52 -32.97
C VAL B 112 -13.13 19.08 -32.77
N SER B 113 -13.53 18.43 -33.85
CA SER B 113 -13.98 17.05 -33.82
C SER B 113 -12.77 16.10 -33.88
N ARG B 114 -13.04 14.79 -33.78
CA ARG B 114 -11.96 13.81 -33.72
C ARG B 114 -11.14 13.83 -35.00
N SER B 115 -11.80 13.82 -36.17
CA SER B 115 -11.08 13.85 -37.42
C SER B 115 -10.26 15.13 -37.55
N GLU B 116 -10.88 16.27 -37.23
CA GLU B 116 -10.13 17.52 -37.19
C GLU B 116 -9.02 17.50 -36.14
N LEU B 117 -9.21 16.76 -35.05
CA LEU B 117 -8.12 16.64 -34.08
C LEU B 117 -6.93 15.90 -34.67
N ARG B 118 -7.18 14.83 -35.42
CA ARG B 118 -6.09 14.11 -36.06
C ARG B 118 -5.42 14.97 -37.14
N SER B 119 -6.21 15.78 -37.84
CA SER B 119 -5.64 16.70 -38.82
C SER B 119 -4.83 17.79 -38.13
N PHE B 120 -5.29 18.24 -36.97
CA PHE B 120 -4.54 19.19 -36.16
C PHE B 120 -3.19 18.62 -35.76
N LYS B 121 -3.19 17.40 -35.22
CA LYS B 121 -1.97 16.71 -34.85
C LYS B 121 -1.03 16.56 -36.05
N GLY B 122 -1.60 16.25 -37.22
CA GLY B 122 -0.78 16.17 -38.42
C GLY B 122 -0.15 17.50 -38.78
N GLY B 123 -0.89 18.59 -38.60
CA GLY B 123 -0.36 19.92 -38.88
C GLY B 123 0.76 20.36 -37.95
N LEU B 124 0.84 19.78 -36.76
CA LEU B 124 1.86 20.15 -35.79
C LEU B 124 3.05 19.19 -35.76
N GLN B 125 3.12 18.24 -36.70
CA GLN B 125 4.13 17.19 -36.62
C GLN B 125 5.56 17.69 -36.71
N GLU B 126 5.77 18.93 -37.11
CA GLU B 126 7.12 19.48 -37.21
C GLU B 126 7.51 20.32 -36.01
N GLU B 127 6.58 20.65 -35.13
CA GLU B 127 6.88 21.46 -33.95
C GLU B 127 6.81 20.70 -32.64
N ILE B 128 6.07 19.61 -32.58
CA ILE B 128 5.92 18.80 -31.38
C ILE B 128 6.48 17.41 -31.65
N SER B 129 7.01 16.78 -30.61
CA SER B 129 7.50 15.41 -30.74
C SER B 129 6.32 14.43 -30.83
N LYS B 130 6.61 13.24 -31.36
CA LYS B 130 5.54 12.29 -31.67
C LYS B 130 4.92 11.70 -30.41
N CYS B 131 5.73 11.53 -29.35
CA CYS B 131 5.19 11.02 -28.10
C CYS B 131 4.12 11.96 -27.54
N LYS B 132 4.25 13.27 -27.80
CA LYS B 132 3.24 14.23 -27.38
C LYS B 132 2.13 14.41 -28.42
N LEU B 133 2.26 13.79 -29.60
CA LEU B 133 1.21 13.81 -30.60
C LEU B 133 0.50 12.47 -30.71
N ASP B 134 0.63 11.62 -29.70
CA ASP B 134 0.07 10.28 -29.73
C ASP B 134 -1.45 10.34 -29.83
N ASP B 135 -2.06 9.20 -30.16
CA ASP B 135 -3.50 9.15 -30.37
C ASP B 135 -4.27 9.48 -29.09
N ASP B 136 -3.67 9.23 -27.93
CA ASP B 136 -4.32 9.49 -26.64
C ASP B 136 -4.06 10.90 -26.12
N ASN B 138 -5.70 14.83 -26.27
CA ASN B 138 -6.78 15.71 -26.71
C ASN B 138 -6.19 17.10 -27.03
N LEU B 139 -7.05 17.98 -27.55
CA LEU B 139 -6.58 19.27 -28.03
C LEU B 139 -6.03 20.14 -26.90
N LEU B 140 -6.61 20.05 -25.70
CA LEU B 140 -6.14 20.88 -24.59
C LEU B 140 -4.71 20.51 -24.19
N ASP B 141 -4.39 19.22 -24.16
CA ASP B 141 -3.02 18.79 -23.89
C ASP B 141 -2.07 19.29 -24.96
N ILE B 142 -2.53 19.29 -26.22
CA ILE B 142 -1.72 19.83 -27.31
C ILE B 142 -1.44 21.30 -27.08
N PHE B 143 -2.46 22.05 -26.65
CA PHE B 143 -2.27 23.47 -26.34
C PHE B 143 -1.25 23.65 -25.22
N ILE B 144 -1.31 22.80 -24.20
CA ILE B 144 -0.34 22.88 -23.10
C ILE B 144 1.07 22.63 -23.62
N GLU B 145 1.22 21.65 -24.51
CA GLU B 145 2.54 21.40 -25.09
C GLU B 145 3.04 22.59 -25.91
N GLU B 147 2.21 25.70 -25.56
CA GLU B 147 2.60 26.72 -24.61
C GLU B 147 3.98 26.44 -24.03
N LYS B 148 4.26 25.17 -23.73
CA LYS B 148 5.57 24.82 -23.18
C LYS B 148 6.69 25.11 -24.17
N ARG B 149 6.43 24.98 -25.46
CA ARG B 149 7.44 25.25 -26.49
C ARG B 149 7.40 26.68 -27.02
N VAL B 150 6.65 27.58 -26.36
CA VAL B 150 6.46 28.99 -26.72
C VAL B 150 6.18 29.17 -28.22
N ILE B 151 5.38 28.25 -28.78
CA ILE B 151 4.79 28.45 -30.09
C ILE B 151 3.31 28.80 -29.99
N LEU B 152 2.83 29.05 -28.78
CA LEU B 152 1.46 29.47 -28.52
C LEU B 152 1.47 30.27 -27.23
N GLY B 153 0.86 31.45 -27.26
CA GLY B 153 0.81 32.32 -26.09
C GLY B 153 -0.09 33.50 -26.39
N GLU B 154 -0.23 34.38 -25.40
CA GLU B 154 -1.11 35.56 -25.61
C GLU B 154 -0.66 36.39 -26.80
N GLY B 155 0.64 36.49 -27.05
CA GLY B 155 1.11 37.27 -28.17
C GLY B 155 1.71 36.48 -29.31
N LYS B 156 1.45 35.17 -29.37
CA LYS B 156 2.00 34.30 -30.41
C LYS B 156 0.89 33.37 -30.88
N LEU B 157 0.09 33.86 -31.83
CA LEU B 157 -1.02 33.10 -32.39
C LEU B 157 -0.74 32.65 -33.82
N ASP B 158 0.48 32.85 -34.31
CA ASP B 158 0.77 32.59 -35.72
C ASP B 158 0.56 31.12 -36.07
N ILE B 159 1.15 30.23 -35.29
CA ILE B 159 1.05 28.80 -35.59
C ILE B 159 -0.38 28.31 -35.37
N LEU B 160 -1.04 28.80 -34.31
CA LEU B 160 -2.43 28.43 -34.08
C LEU B 160 -3.31 28.82 -35.28
N LYS B 161 -3.16 30.06 -35.76
CA LYS B 161 -3.93 30.51 -36.91
C LYS B 161 -3.60 29.68 -38.14
N ARG B 162 -2.32 29.42 -38.37
CA ARG B 162 -1.90 28.66 -39.55
C ARG B 162 -2.50 27.27 -39.55
N VAL B 163 -2.54 26.61 -38.39
CA VAL B 163 -3.08 25.26 -38.32
C VAL B 163 -4.59 25.28 -38.44
N CYS B 164 -5.25 26.23 -37.77
CA CYS B 164 -6.70 26.27 -37.81
C CYS B 164 -7.24 26.64 -39.19
N ALA B 165 -6.53 27.51 -39.92
CA ALA B 165 -6.97 27.91 -41.25
C ALA B 165 -7.03 26.73 -42.22
N GLN B 166 -6.27 25.67 -41.97
CA GLN B 166 -6.30 24.45 -42.76
C GLN B 166 -7.34 23.46 -42.26
N ILE B 167 -8.17 23.84 -41.30
CA ILE B 167 -9.10 22.90 -40.68
C ILE B 167 -10.53 23.40 -40.89
N ASN B 168 -10.82 24.57 -40.33
CA ASN B 168 -12.15 25.17 -40.40
C ASN B 168 -12.01 26.66 -40.09
N LYS B 169 -12.93 27.45 -40.65
CA LYS B 169 -12.85 28.90 -40.50
C LYS B 169 -13.59 29.41 -39.27
N SER B 170 -14.44 28.60 -38.66
CA SER B 170 -15.03 28.99 -37.38
C SER B 170 -13.96 29.13 -36.29
N LEU B 171 -12.92 28.30 -36.34
CA LEU B 171 -11.81 28.46 -35.42
C LEU B 171 -11.16 29.82 -35.60
N LEU B 172 -10.93 30.23 -36.85
CA LEU B 172 -10.38 31.54 -37.12
C LEU B 172 -11.32 32.64 -36.63
N LYS B 173 -12.62 32.42 -36.73
CA LYS B 173 -13.57 33.40 -36.20
C LYS B 173 -13.40 33.57 -34.70
N ILE B 174 -13.27 32.46 -33.97
CA ILE B 174 -13.05 32.51 -32.52
C ILE B 174 -11.78 33.29 -32.20
N ILE B 175 -10.68 32.94 -32.88
CA ILE B 175 -9.40 33.59 -32.63
C ILE B 175 -9.50 35.10 -32.89
N ASN B 176 -10.13 35.47 -34.01
CA ASN B 176 -10.18 36.88 -34.38
C ASN B 176 -11.09 37.67 -33.46
N ASP B 177 -12.19 37.07 -33.01
CA ASP B 177 -13.03 37.74 -32.01
C ASP B 177 -12.24 37.99 -30.74
N TYR B 178 -11.49 36.97 -30.28
CA TYR B 178 -10.64 37.18 -29.11
C TYR B 178 -9.65 38.31 -29.34
N GLU B 179 -9.00 38.31 -30.51
CA GLU B 179 -8.00 39.35 -30.81
C GLU B 179 -8.62 40.74 -30.79
N GLU B 180 -9.80 40.89 -31.38
CA GLU B 180 -10.44 42.20 -31.42
C GLU B 180 -10.88 42.65 -30.04
N PHE B 181 -11.27 41.71 -29.17
CA PHE B 181 -11.61 42.12 -27.82
C PHE B 181 -10.39 42.60 -27.05
N SER B 182 -9.21 42.05 -27.32
CA SER B 182 -7.99 42.45 -26.61
C SER B 182 -7.22 43.54 -27.37
N ASP C 2 -6.54 -33.26 -33.84
CA ASP C 2 -6.39 -32.18 -32.87
C ASP C 2 -7.69 -31.37 -32.82
N PHE C 3 -8.32 -31.36 -31.64
CA PHE C 3 -9.64 -30.75 -31.49
C PHE C 3 -9.58 -29.23 -31.66
N SER C 4 -8.64 -28.57 -30.97
CA SER C 4 -8.56 -27.11 -31.06
C SER C 4 -8.23 -26.65 -32.48
N ARG C 5 -7.30 -27.34 -33.14
CA ARG C 5 -6.97 -27.01 -34.53
C ARG C 5 -8.18 -27.20 -35.42
N ASN C 6 -8.96 -28.25 -35.17
CA ASN C 6 -10.14 -28.49 -35.99
C ASN C 6 -11.17 -27.39 -35.79
N LEU C 7 -11.38 -26.97 -34.54
CA LEU C 7 -12.29 -25.86 -34.27
C LEU C 7 -11.81 -24.59 -34.95
N TYR C 8 -10.50 -24.34 -34.92
CA TYR C 8 -9.95 -23.16 -35.58
C TYR C 8 -10.19 -23.22 -37.08
N ASP C 9 -9.96 -24.38 -37.71
CA ASP C 9 -10.17 -24.50 -39.15
C ASP C 9 -11.64 -24.30 -39.52
N ILE C 10 -12.54 -24.97 -38.79
CA ILE C 10 -13.98 -24.79 -39.02
C ILE C 10 -14.35 -23.31 -38.90
N GLY C 11 -13.84 -22.64 -37.85
CA GLY C 11 -14.13 -21.22 -37.70
C GLY C 11 -13.59 -20.39 -38.85
N GLU C 12 -12.43 -20.78 -39.38
CA GLU C 12 -11.86 -20.08 -40.53
C GLU C 12 -12.68 -20.25 -41.79
N GLN C 13 -13.50 -21.30 -41.88
CA GLN C 13 -14.33 -21.51 -43.06
C GLN C 13 -15.71 -20.84 -42.98
N LEU C 14 -16.00 -20.08 -41.93
CA LEU C 14 -17.33 -19.53 -41.68
C LEU C 14 -17.30 -18.02 -41.79
N ASP C 15 -18.20 -17.46 -42.61
CA ASP C 15 -18.26 -16.03 -42.84
C ASP C 15 -19.20 -15.35 -41.84
N SER C 16 -19.42 -14.04 -42.03
CA SER C 16 -20.18 -13.26 -41.06
C SER C 16 -21.68 -13.61 -41.10
N GLU C 17 -22.20 -14.01 -42.27
CA GLU C 17 -23.60 -14.42 -42.34
C GLU C 17 -23.80 -15.74 -41.60
N ASP C 18 -22.90 -16.70 -41.83
CA ASP C 18 -22.93 -17.94 -41.05
C ASP C 18 -22.83 -17.63 -39.56
N LEU C 19 -22.01 -16.65 -39.18
CA LEU C 19 -21.84 -16.33 -37.76
C LEU C 19 -23.11 -15.74 -37.16
N ALA C 20 -23.79 -14.83 -37.87
CA ALA C 20 -25.06 -14.31 -37.37
C ALA C 20 -26.10 -15.43 -37.22
N SER C 21 -26.16 -16.34 -38.21
CA SER C 21 -27.08 -17.47 -38.09
C SER C 21 -26.73 -18.34 -36.88
N LEU C 22 -25.44 -18.66 -36.70
CA LEU C 22 -25.02 -19.50 -35.58
C LEU C 22 -25.33 -18.86 -34.24
N LYS C 23 -25.14 -17.54 -34.12
CA LYS C 23 -25.46 -16.86 -32.87
C LYS C 23 -26.96 -16.88 -32.59
N PHE C 24 -27.78 -16.70 -33.63
CA PHE C 24 -29.22 -16.80 -33.44
C PHE C 24 -29.64 -18.22 -33.03
N LEU C 25 -29.10 -19.24 -33.68
CA LEU C 25 -29.48 -20.60 -33.35
C LEU C 25 -29.00 -21.01 -31.96
N SER C 26 -28.06 -20.28 -31.38
CA SER C 26 -27.54 -20.56 -30.04
C SER C 26 -28.16 -19.68 -28.98
N LEU C 27 -29.23 -18.94 -29.30
CA LEU C 27 -29.78 -17.94 -28.40
C LEU C 27 -30.21 -18.51 -27.07
N ASP C 28 -30.67 -19.76 -27.05
CA ASP C 28 -31.15 -20.34 -25.81
C ASP C 28 -30.03 -20.77 -24.88
N TYR C 29 -28.77 -20.71 -25.33
CA TYR C 29 -27.64 -21.15 -24.52
C TYR C 29 -26.61 -20.07 -24.24
N ILE C 30 -26.58 -18.99 -25.02
CA ILE C 30 -25.63 -17.91 -24.82
C ILE C 30 -26.41 -16.60 -24.64
N PRO C 31 -26.40 -16.00 -23.45
CA PRO C 31 -27.23 -14.81 -23.21
C PRO C 31 -26.70 -13.57 -23.93
N GLN C 32 -27.53 -12.52 -23.94
CA GLN C 32 -27.29 -11.36 -24.79
C GLN C 32 -25.96 -10.67 -24.46
N ARG C 33 -25.65 -10.53 -23.16
CA ARG C 33 -24.42 -9.84 -22.80
C ARG C 33 -23.21 -10.56 -23.38
N LYS C 34 -23.20 -11.90 -23.36
CA LYS C 34 -22.12 -12.66 -23.96
C LYS C 34 -22.25 -12.75 -25.48
N GLN C 35 -23.44 -12.54 -26.04
CA GLN C 35 -23.57 -12.56 -27.50
C GLN C 35 -22.92 -11.33 -28.11
N GLU C 36 -22.99 -10.17 -27.42
CA GLU C 36 -22.51 -8.92 -28.01
C GLU C 36 -21.05 -8.97 -28.46
N PRO C 37 -20.08 -9.41 -27.66
CA PRO C 37 -18.68 -9.39 -28.12
C PRO C 37 -18.29 -10.53 -29.05
N ILE C 38 -19.17 -11.50 -29.35
CA ILE C 38 -18.81 -12.59 -30.25
C ILE C 38 -18.74 -12.04 -31.68
N LYS C 39 -17.53 -11.95 -32.24
CA LYS C 39 -17.35 -11.45 -33.59
C LYS C 39 -16.67 -12.44 -34.52
N ASP C 40 -16.35 -13.65 -34.07
CA ASP C 40 -15.96 -14.72 -34.96
C ASP C 40 -16.47 -16.04 -34.41
N ALA C 41 -16.44 -17.07 -35.25
CA ALA C 41 -17.02 -18.35 -34.87
C ALA C 41 -16.27 -19.00 -33.71
N LEU C 42 -14.94 -18.83 -33.67
CA LEU C 42 -14.15 -19.48 -32.64
C LEU C 42 -14.62 -19.04 -31.25
N LEU C 44 -17.57 -18.01 -30.45
CA LEU C 44 -18.80 -18.75 -30.22
C LEU C 44 -18.50 -20.16 -29.71
N PHE C 45 -17.63 -20.87 -30.44
CA PHE C 45 -17.29 -22.23 -30.03
C PHE C 45 -16.71 -22.23 -28.62
N GLN C 46 -15.91 -21.20 -28.30
CA GLN C 46 -15.32 -21.10 -26.98
C GLN C 46 -16.40 -21.01 -25.89
N ARG C 47 -17.44 -20.20 -26.13
CA ARG C 47 -18.54 -20.13 -25.17
C ARG C 47 -19.19 -21.50 -25.02
N LEU C 48 -19.38 -22.22 -26.14
CA LEU C 48 -20.00 -23.53 -26.06
C LEU C 48 -19.11 -24.49 -25.27
N GLN C 49 -17.79 -24.31 -25.36
CA GLN C 49 -16.93 -25.20 -24.58
C GLN C 49 -17.09 -24.93 -23.11
N GLU C 50 -17.35 -23.68 -22.74
CA GLU C 50 -17.47 -23.36 -21.32
C GLU C 50 -18.72 -23.98 -20.72
N LYS C 51 -19.77 -24.12 -21.52
CA LYS C 51 -21.02 -24.75 -21.10
C LYS C 51 -20.98 -26.27 -21.19
N ARG C 52 -19.84 -26.86 -21.56
CA ARG C 52 -19.73 -28.31 -21.78
C ARG C 52 -20.70 -28.78 -22.86
N LEU C 54 -19.64 -28.56 -26.09
CA LEU C 54 -18.71 -28.76 -27.19
C LEU C 54 -17.39 -29.23 -26.60
N GLU C 55 -17.03 -30.47 -26.89
CA GLU C 55 -15.74 -31.01 -26.50
C GLU C 55 -15.41 -32.10 -27.50
N GLU C 56 -14.18 -32.60 -27.43
CA GLU C 56 -13.73 -33.60 -28.41
C GLU C 56 -14.63 -34.82 -28.41
N SER C 57 -15.16 -35.22 -27.26
CA SER C 57 -16.05 -36.38 -27.15
C SER C 57 -17.53 -36.03 -27.30
N ASN C 58 -17.86 -34.78 -27.61
CA ASN C 58 -19.27 -34.41 -27.74
C ASN C 58 -19.37 -33.29 -28.79
N LEU C 59 -19.52 -33.71 -30.04
CA LEU C 59 -19.62 -32.80 -31.17
C LEU C 59 -21.05 -32.64 -31.66
N SER C 60 -22.04 -33.16 -30.94
CA SER C 60 -23.39 -33.24 -31.47
C SER C 60 -23.97 -31.84 -31.70
N PHE C 61 -23.75 -30.91 -30.76
CA PHE C 61 -24.32 -29.57 -30.93
C PHE C 61 -23.66 -28.82 -32.09
N LEU C 62 -22.35 -28.96 -32.25
CA LEU C 62 -21.68 -28.34 -33.38
C LEU C 62 -22.19 -28.92 -34.69
N LYS C 63 -22.37 -30.24 -34.74
CA LYS C 63 -22.90 -30.86 -35.95
C LYS C 63 -24.29 -30.35 -36.25
N GLU C 64 -25.14 -30.22 -35.22
CA GLU C 64 -26.48 -29.73 -35.44
C GLU C 64 -26.47 -28.29 -35.94
N LEU C 65 -25.59 -27.47 -35.38
CA LEU C 65 -25.44 -26.08 -35.85
C LEU C 65 -25.07 -26.04 -37.33
N LEU C 66 -24.03 -26.79 -37.70
CA LEU C 66 -23.55 -26.76 -39.08
C LEU C 66 -24.60 -27.32 -40.04
N PHE C 67 -25.39 -28.28 -39.56
CA PHE C 67 -26.47 -28.81 -40.39
C PHE C 67 -27.58 -27.79 -40.59
N ARG C 68 -27.96 -27.08 -39.53
CA ARG C 68 -29.09 -26.17 -39.65
C ARG C 68 -28.76 -24.92 -40.48
N ILE C 69 -27.49 -24.52 -40.56
CA ILE C 69 -27.11 -23.38 -41.40
C ILE C 69 -26.62 -23.84 -42.78
N ASN C 70 -26.82 -25.12 -43.11
CA ASN C 70 -26.58 -25.66 -44.45
C ASN C 70 -25.11 -25.57 -44.88
N ARG C 71 -24.19 -25.76 -43.92
CA ARG C 71 -22.78 -25.94 -44.25
C ARG C 71 -22.44 -27.42 -44.25
N LEU C 72 -23.14 -28.16 -45.11
CA LEU C 72 -22.91 -29.60 -45.22
C LEU C 72 -21.49 -29.91 -45.68
N ASP C 73 -20.89 -29.00 -46.45
CA ASP C 73 -19.50 -29.17 -46.85
C ASP C 73 -18.59 -29.28 -45.63
N LEU C 74 -18.75 -28.39 -44.65
CA LEU C 74 -17.95 -28.44 -43.43
C LEU C 74 -18.29 -29.68 -42.60
N LEU C 75 -19.57 -30.03 -42.54
CA LEU C 75 -20.01 -31.22 -41.83
C LEU C 75 -19.26 -32.46 -42.31
N ILE C 76 -19.28 -32.70 -43.62
CA ILE C 76 -18.62 -33.88 -44.18
C ILE C 76 -17.10 -33.75 -44.09
N THR C 77 -16.56 -32.55 -44.32
CA THR C 77 -15.11 -32.41 -44.42
C THR C 77 -14.42 -32.48 -43.06
N TYR C 78 -14.96 -31.80 -42.05
CA TYR C 78 -14.27 -31.72 -40.76
C TYR C 78 -14.93 -32.56 -39.68
N LEU C 79 -16.16 -33.05 -39.86
CA LEU C 79 -16.83 -33.81 -38.81
C LEU C 79 -17.29 -35.18 -39.27
N ASN C 80 -16.95 -35.60 -40.50
CA ASN C 80 -17.20 -36.96 -40.99
C ASN C 80 -18.67 -37.35 -40.89
N THR C 81 -19.55 -36.43 -41.26
CA THR C 81 -20.99 -36.63 -41.07
C THR C 81 -21.71 -36.30 -42.36
N ARG C 82 -22.49 -37.25 -42.87
CA ARG C 82 -23.32 -37.06 -44.05
C ARG C 82 -24.65 -36.42 -43.68
N LYS C 83 -25.25 -35.74 -44.67
CA LYS C 83 -26.55 -35.11 -44.48
C LYS C 83 -27.59 -36.11 -43.98
N GLU C 84 -27.60 -37.32 -44.53
CA GLU C 84 -28.64 -38.29 -44.18
C GLU C 84 -28.57 -38.67 -42.71
N GLU C 85 -27.37 -38.88 -42.18
CA GLU C 85 -27.20 -39.23 -40.77
C GLU C 85 -27.87 -38.18 -39.87
N GLU C 87 -30.22 -36.18 -40.73
CA GLU C 87 -31.67 -36.30 -40.89
C GLU C 87 -32.21 -37.48 -40.11
N ARG C 88 -31.42 -38.53 -39.97
CA ARG C 88 -31.90 -39.69 -39.22
C ARG C 88 -31.88 -39.43 -37.73
N GLU C 89 -30.91 -38.65 -37.25
CA GLU C 89 -30.86 -38.33 -35.83
C GLU C 89 -31.92 -37.31 -35.43
N LEU C 90 -32.06 -36.23 -36.22
CA LEU C 90 -32.89 -35.09 -35.84
C LEU C 90 -34.38 -35.27 -36.09
N GLN C 91 -34.84 -36.35 -36.72
CA GLN C 91 -36.28 -36.47 -36.96
C GLN C 91 -37.02 -37.16 -35.82
N THR C 92 -36.32 -37.93 -35.00
CA THR C 92 -36.93 -38.48 -33.79
C THR C 92 -37.13 -37.38 -32.76
N PRO C 93 -38.36 -37.16 -32.28
CA PRO C 93 -38.59 -36.08 -31.32
C PRO C 93 -37.77 -36.28 -30.04
N GLY C 94 -37.20 -35.18 -29.55
CA GLY C 94 -36.40 -35.20 -28.35
C GLY C 94 -34.90 -35.28 -28.59
N ARG C 95 -34.45 -35.32 -29.84
CA ARG C 95 -33.03 -35.47 -30.12
C ARG C 95 -32.36 -34.15 -30.51
N ALA C 96 -33.13 -33.17 -30.97
CA ALA C 96 -32.59 -31.88 -31.36
C ALA C 96 -32.31 -31.01 -30.13
N GLN C 97 -31.11 -30.42 -30.09
CA GLN C 97 -30.78 -29.47 -29.03
C GLN C 97 -31.12 -28.03 -29.41
N ILE C 98 -31.34 -27.76 -30.69
CA ILE C 98 -31.92 -26.50 -31.14
C ILE C 98 -33.41 -26.74 -31.30
N SER C 99 -34.20 -25.96 -30.59
CA SER C 99 -35.65 -26.19 -30.58
C SER C 99 -36.24 -26.05 -31.98
N ALA C 100 -37.33 -26.79 -32.22
CA ALA C 100 -38.04 -26.68 -33.48
C ALA C 100 -38.57 -25.27 -33.69
N TYR C 101 -38.87 -24.57 -32.60
CA TYR C 101 -39.31 -23.17 -32.71
C TYR C 101 -38.20 -22.28 -33.23
N ARG C 102 -37.00 -22.42 -32.67
CA ARG C 102 -35.86 -21.63 -33.14
C ARG C 102 -35.57 -21.93 -34.60
N VAL C 103 -35.49 -23.24 -34.95
CA VAL C 103 -35.24 -23.65 -36.33
C VAL C 103 -36.24 -23.01 -37.28
N LEU C 105 -38.02 -20.26 -36.93
CA LEU C 105 -37.76 -18.83 -37.15
C LEU C 105 -36.62 -18.66 -38.14
N TYR C 106 -35.55 -19.43 -37.96
CA TYR C 106 -34.42 -19.33 -38.88
C TYR C 106 -34.86 -19.62 -40.30
N GLN C 107 -35.69 -20.64 -40.49
CA GLN C 107 -36.12 -20.99 -41.85
C GLN C 107 -36.95 -19.88 -42.46
N ILE C 108 -37.76 -19.19 -41.65
CA ILE C 108 -38.48 -18.04 -42.17
C ILE C 108 -37.50 -17.01 -42.70
N SER C 109 -36.45 -16.70 -41.92
CA SER C 109 -35.49 -15.70 -42.39
C SER C 109 -34.75 -16.19 -43.62
N GLU C 110 -34.63 -17.51 -43.81
CA GLU C 110 -33.97 -17.98 -45.01
C GLU C 110 -34.85 -17.84 -46.25
N GLU C 111 -36.16 -17.74 -46.09
CA GLU C 111 -37.07 -17.71 -47.22
C GLU C 111 -37.57 -16.30 -47.54
N VAL C 112 -37.14 -15.30 -46.77
CA VAL C 112 -37.60 -13.92 -46.93
C VAL C 112 -36.51 -13.18 -47.70
N SER C 113 -36.90 -12.57 -48.82
CA SER C 113 -36.01 -11.74 -49.62
C SER C 113 -35.95 -10.32 -49.05
N ARG C 114 -34.98 -9.54 -49.55
CA ARG C 114 -34.79 -8.17 -49.04
C ARG C 114 -36.06 -7.34 -49.15
N SER C 115 -36.75 -7.39 -50.30
CA SER C 115 -38.00 -6.66 -50.47
C SER C 115 -39.05 -7.15 -49.48
N GLU C 116 -39.16 -8.48 -49.32
CA GLU C 116 -40.06 -9.02 -48.32
C GLU C 116 -39.66 -8.61 -46.91
N LEU C 117 -38.36 -8.41 -46.66
CA LEU C 117 -37.94 -7.89 -45.35
C LEU C 117 -38.45 -6.46 -45.15
N ARG C 118 -38.35 -5.64 -46.19
CA ARG C 118 -38.91 -4.29 -46.15
C ARG C 118 -40.39 -4.35 -45.79
N SER C 119 -41.15 -5.23 -46.45
CA SER C 119 -42.58 -5.35 -46.15
C SER C 119 -42.83 -5.87 -44.74
N PHE C 120 -41.97 -6.76 -44.25
CA PHE C 120 -42.09 -7.24 -42.86
C PHE C 120 -41.94 -6.10 -41.88
N LYS C 121 -40.90 -5.29 -42.08
CA LYS C 121 -40.69 -4.11 -41.25
C LYS C 121 -41.89 -3.17 -41.32
N GLY C 122 -42.45 -3.00 -42.51
CA GLY C 122 -43.65 -2.17 -42.63
C GLY C 122 -44.83 -2.74 -41.86
N GLY C 123 -44.98 -4.06 -41.88
CA GLY C 123 -46.05 -4.72 -41.15
C GLY C 123 -45.92 -4.65 -39.65
N LEU C 124 -44.69 -4.46 -39.14
CA LEU C 124 -44.47 -4.40 -37.69
C LEU C 124 -44.37 -2.97 -37.13
N GLN C 125 -44.92 -1.96 -37.80
CA GLN C 125 -44.59 -0.58 -37.43
C GLN C 125 -45.16 -0.20 -36.07
N GLU C 126 -46.31 -0.73 -35.69
CA GLU C 126 -46.95 -0.37 -34.42
C GLU C 126 -46.65 -1.34 -33.28
N GLU C 127 -45.83 -2.37 -33.51
CA GLU C 127 -45.44 -3.26 -32.42
C GLU C 127 -44.01 -3.07 -31.94
N ILE C 128 -43.11 -2.65 -32.82
CA ILE C 128 -41.69 -2.47 -32.50
C ILE C 128 -41.35 -1.01 -32.71
N SER C 129 -40.40 -0.51 -31.91
CA SER C 129 -39.93 0.85 -32.08
C SER C 129 -39.27 1.03 -33.44
N LYS C 130 -39.27 2.28 -33.92
CA LYS C 130 -38.73 2.59 -35.24
C LYS C 130 -37.23 2.29 -35.32
N CYS C 131 -36.48 2.52 -34.22
CA CYS C 131 -35.04 2.29 -34.26
C CYS C 131 -34.70 0.81 -34.38
N LYS C 132 -35.57 -0.07 -33.91
CA LYS C 132 -35.36 -1.49 -34.14
C LYS C 132 -35.90 -1.95 -35.50
N LEU C 133 -36.44 -1.05 -36.30
CA LEU C 133 -36.87 -1.37 -37.67
C LEU C 133 -36.03 -0.64 -38.70
N ASP C 134 -34.83 -0.21 -38.33
CA ASP C 134 -33.96 0.57 -39.19
C ASP C 134 -33.40 -0.30 -40.32
N ASP C 135 -32.83 0.38 -41.32
CA ASP C 135 -32.34 -0.30 -42.52
C ASP C 135 -31.22 -1.28 -42.22
N ASP C 136 -30.60 -1.19 -41.06
CA ASP C 136 -29.49 -2.07 -40.70
C ASP C 136 -29.95 -3.35 -40.02
N ASN C 138 -31.66 -6.99 -39.74
CA ASN C 138 -32.11 -8.17 -40.45
C ASN C 138 -33.29 -8.81 -39.71
N LEU C 139 -33.86 -9.85 -40.32
CA LEU C 139 -35.07 -10.44 -39.75
C LEU C 139 -34.80 -11.12 -38.41
N LEU C 140 -33.61 -11.72 -38.24
CA LEU C 140 -33.30 -12.40 -36.99
C LEU C 140 -33.27 -11.42 -35.81
N ASP C 141 -32.69 -10.23 -36.02
CA ASP C 141 -32.71 -9.20 -34.97
C ASP C 141 -34.14 -8.78 -34.65
N ILE C 142 -34.98 -8.64 -35.68
CA ILE C 142 -36.37 -8.28 -35.45
C ILE C 142 -37.06 -9.33 -34.60
N PHE C 143 -36.81 -10.61 -34.89
CA PHE C 143 -37.40 -11.69 -34.09
C PHE C 143 -36.94 -11.59 -32.64
N ILE C 144 -35.65 -11.27 -32.42
CA ILE C 144 -35.13 -11.14 -31.06
C ILE C 144 -35.84 -10.00 -30.33
N GLU C 145 -36.07 -8.87 -31.00
CA GLU C 145 -36.79 -7.76 -30.40
C GLU C 145 -38.24 -8.12 -30.05
N GLU C 147 -39.32 -11.08 -29.35
CA GLU C 147 -39.24 -11.96 -28.19
C GLU C 147 -39.02 -11.16 -26.92
N LYS C 148 -38.18 -10.12 -26.98
CA LYS C 148 -37.97 -9.30 -25.80
C LYS C 148 -39.27 -8.65 -25.36
N ARG C 149 -40.15 -8.32 -26.31
CA ARG C 149 -41.43 -7.70 -25.97
C ARG C 149 -42.55 -8.70 -25.76
N VAL C 150 -42.22 -10.00 -25.70
CA VAL C 150 -43.14 -11.12 -25.53
C VAL C 150 -44.36 -11.01 -26.45
N ILE C 151 -44.13 -10.53 -27.67
CA ILE C 151 -45.12 -10.63 -28.73
C ILE C 151 -44.78 -11.75 -29.71
N LEU C 152 -43.77 -12.55 -29.39
CA LEU C 152 -43.36 -13.68 -30.21
C LEU C 152 -42.78 -14.74 -29.28
N GLY C 153 -43.29 -15.95 -29.40
CA GLY C 153 -42.82 -17.06 -28.60
C GLY C 153 -43.52 -18.32 -29.06
N GLU C 154 -43.17 -19.44 -28.41
CA GLU C 154 -43.78 -20.72 -28.75
C GLU C 154 -45.29 -20.68 -28.63
N GLY C 155 -45.81 -19.90 -27.68
CA GLY C 155 -47.25 -19.83 -27.54
C GLY C 155 -47.84 -18.51 -28.02
N LYS C 156 -47.05 -17.74 -28.80
CA LYS C 156 -47.49 -16.44 -29.33
C LYS C 156 -47.05 -16.34 -30.80
N LEU C 157 -47.85 -16.91 -31.70
CA LEU C 157 -47.52 -16.85 -33.12
C LEU C 157 -48.48 -15.95 -33.90
N ASP C 158 -49.40 -15.28 -33.22
CA ASP C 158 -50.45 -14.52 -33.91
C ASP C 158 -49.87 -13.38 -34.74
N ILE C 159 -48.98 -12.57 -34.16
CA ILE C 159 -48.44 -11.44 -34.92
C ILE C 159 -47.56 -11.94 -36.06
N LEU C 160 -46.75 -12.96 -35.80
CA LEU C 160 -45.93 -13.55 -36.86
C LEU C 160 -46.81 -14.06 -38.00
N LYS C 161 -47.88 -14.80 -37.66
CA LYS C 161 -48.79 -15.30 -38.70
C LYS C 161 -49.43 -14.16 -39.47
N ARG C 162 -49.97 -13.16 -38.77
CA ARG C 162 -50.66 -12.08 -39.45
C ARG C 162 -49.72 -11.30 -40.37
N VAL C 163 -48.47 -11.13 -39.96
CA VAL C 163 -47.53 -10.43 -40.82
C VAL C 163 -47.13 -11.29 -42.01
N CYS C 164 -46.83 -12.58 -41.78
CA CYS C 164 -46.38 -13.43 -42.87
C CYS C 164 -47.48 -13.70 -43.89
N ALA C 165 -48.74 -13.77 -43.46
CA ALA C 165 -49.82 -14.01 -44.41
C ALA C 165 -49.95 -12.87 -45.42
N GLN C 166 -49.58 -11.65 -45.04
CA GLN C 166 -49.65 -10.51 -45.95
C GLN C 166 -48.50 -10.47 -46.95
N ILE C 167 -47.38 -11.15 -46.67
CA ILE C 167 -46.26 -11.17 -47.61
C ILE C 167 -46.32 -12.37 -48.55
N ASN C 168 -46.35 -13.58 -48.00
CA ASN C 168 -46.27 -14.77 -48.84
C ASN C 168 -46.85 -15.96 -48.11
N LYS C 169 -47.49 -16.85 -48.88
CA LYS C 169 -48.17 -18.01 -48.30
C LYS C 169 -47.22 -19.15 -47.94
N SER C 170 -46.03 -19.19 -48.54
CA SER C 170 -45.04 -20.19 -48.13
C SER C 170 -44.54 -19.95 -46.72
N LEU C 171 -44.43 -18.68 -46.29
CA LEU C 171 -44.05 -18.39 -44.91
C LEU C 171 -45.10 -18.90 -43.94
N LEU C 172 -46.36 -18.64 -44.25
CA LEU C 172 -47.44 -19.14 -43.42
C LEU C 172 -47.43 -20.66 -43.39
N LYS C 173 -47.05 -21.29 -44.51
CA LYS C 173 -46.94 -22.75 -44.55
C LYS C 173 -45.84 -23.24 -43.60
N ILE C 174 -44.69 -22.58 -43.58
CA ILE C 174 -43.64 -22.97 -42.64
C ILE C 174 -44.17 -22.92 -41.21
N ILE C 175 -44.82 -21.81 -40.86
CA ILE C 175 -45.34 -21.63 -39.51
C ILE C 175 -46.34 -22.74 -39.17
N ASN C 176 -47.26 -23.01 -40.09
CA ASN C 176 -48.33 -23.97 -39.81
C ASN C 176 -47.82 -25.39 -39.75
N ASP C 177 -46.83 -25.73 -40.59
CA ASP C 177 -46.20 -27.04 -40.47
C ASP C 177 -45.55 -27.21 -39.11
N TYR C 178 -44.82 -26.19 -38.65
CA TYR C 178 -44.24 -26.26 -37.32
C TYR C 178 -45.32 -26.46 -36.26
N GLU C 179 -46.39 -25.66 -36.32
CA GLU C 179 -47.44 -25.75 -35.31
C GLU C 179 -48.12 -27.12 -35.32
N GLU C 180 -48.42 -27.65 -36.50
CA GLU C 180 -49.12 -28.92 -36.55
C GLU C 180 -48.23 -30.05 -36.10
N PHE C 181 -46.92 -29.97 -36.41
CA PHE C 181 -46.03 -31.03 -35.97
C PHE C 181 -45.82 -30.97 -34.46
N SER C 182 -45.93 -29.79 -33.85
CA SER C 182 -45.71 -29.72 -32.41
C SER C 182 -46.97 -30.05 -31.62
N LYS C 183 -48.13 -30.17 -32.28
CA LYS C 183 -49.34 -30.63 -31.62
C LYS C 183 -49.52 -32.15 -31.66
N GLU C 184 -48.70 -32.88 -32.43
CA GLU C 184 -48.87 -34.32 -32.52
C GLU C 184 -48.54 -35.02 -31.20
N ARG C 185 -47.83 -34.38 -30.28
CA ARG C 185 -47.62 -35.00 -28.98
C ARG C 185 -47.88 -34.00 -27.85
N SER D 5 39.45 24.94 13.79
CA SER D 5 39.05 25.05 15.18
C SER D 5 37.96 24.03 15.49
N ALA D 6 37.41 24.07 16.70
CA ALA D 6 36.28 23.19 17.01
C ALA D 6 34.97 23.75 16.46
N GLU D 7 34.91 25.05 16.20
CA GLU D 7 33.72 25.64 15.58
C GLU D 7 33.54 25.18 14.15
N VAL D 8 34.64 25.07 13.39
CA VAL D 8 34.56 24.57 12.01
C VAL D 8 34.10 23.11 12.01
N ILE D 9 34.63 22.30 12.93
CA ILE D 9 34.20 20.92 13.05
C ILE D 9 32.72 20.86 13.39
N GLY D 10 32.26 21.73 14.29
CA GLY D 10 30.85 21.78 14.63
C GLY D 10 29.98 22.11 13.43
N GLN D 11 30.41 23.08 12.62
CA GLN D 11 29.70 23.40 11.39
C GLN D 11 29.61 22.18 10.47
N VAL D 12 30.75 21.53 10.23
CA VAL D 12 30.80 20.38 9.33
C VAL D 12 29.84 19.29 9.81
N GLU D 13 29.87 19.00 11.11
CA GLU D 13 29.04 17.95 11.67
C GLU D 13 27.56 18.28 11.58
N GLU D 14 27.21 19.53 11.85
CA GLU D 14 25.82 19.95 11.80
C GLU D 14 25.28 19.91 10.37
N ALA D 15 26.14 20.14 9.38
CA ALA D 15 25.65 20.25 8.00
C ALA D 15 25.41 18.90 7.32
N LEU D 16 26.04 17.82 7.78
CA LEU D 16 25.92 16.52 7.12
C LEU D 16 24.70 15.74 7.60
N ASP D 17 24.13 14.93 6.70
CA ASP D 17 23.03 14.05 7.07
C ASP D 17 23.55 12.69 7.51
N THR D 18 22.62 11.78 7.81
CA THR D 18 23.00 10.48 8.39
C THR D 18 23.85 9.66 7.41
N ASP D 19 23.41 9.60 6.15
CA ASP D 19 24.16 8.81 5.16
C ASP D 19 25.56 9.40 4.94
N GLU D 20 25.66 10.73 4.89
CA GLU D 20 26.97 11.37 4.70
C GLU D 20 27.87 11.10 5.90
N LYS D 21 27.33 11.12 7.11
CA LYS D 21 28.12 10.82 8.29
C LYS D 21 28.61 9.37 8.26
N GLU D 22 27.71 8.43 7.96
CA GLU D 22 28.10 7.03 7.91
C GLU D 22 29.16 6.81 6.85
N LEU D 24 31.35 9.05 5.86
CA LEU D 24 32.58 9.62 6.40
C LEU D 24 33.28 8.63 7.33
N LEU D 25 32.51 7.96 8.21
CA LEU D 25 33.11 6.97 9.09
C LEU D 25 33.73 5.83 8.29
N PHE D 26 33.07 5.41 7.21
CA PHE D 26 33.61 4.34 6.39
C PHE D 26 34.89 4.74 5.68
N LEU D 27 34.95 5.94 5.12
CA LEU D 27 36.10 6.35 4.33
C LEU D 27 37.37 6.49 5.18
N CYS D 28 37.23 6.68 6.49
CA CYS D 28 38.38 6.87 7.37
C CYS D 28 38.75 5.62 8.15
N ARG D 29 38.29 4.44 7.71
CA ARG D 29 38.54 3.23 8.47
C ARG D 29 40.00 2.80 8.40
N ASP D 30 40.71 3.18 7.34
CA ASP D 30 42.14 2.87 7.24
C ASP D 30 43.01 3.92 7.89
N VAL D 31 42.49 5.11 8.16
CA VAL D 31 43.22 6.12 8.90
C VAL D 31 42.98 5.97 10.40
N ALA D 32 41.70 5.94 10.77
CA ALA D 32 41.29 5.71 12.16
C ALA D 32 41.12 4.21 12.41
N ILE D 33 42.22 3.48 12.25
CA ILE D 33 42.28 2.07 12.62
C ILE D 33 42.94 1.88 13.98
N ASP D 34 43.60 2.92 14.51
CA ASP D 34 44.07 2.89 15.90
C ASP D 34 42.90 2.72 16.85
N VAL D 35 41.75 3.33 16.54
CA VAL D 35 40.57 3.32 17.40
C VAL D 35 39.34 3.27 16.50
N VAL D 36 38.21 2.85 17.08
CA VAL D 36 36.94 2.82 16.38
C VAL D 36 36.11 4.04 16.86
N PRO D 37 35.99 5.09 16.06
CA PRO D 37 35.25 6.28 16.53
C PRO D 37 33.76 6.00 16.52
N PRO D 38 33.03 6.45 17.56
CA PRO D 38 31.59 6.16 17.61
C PRO D 38 30.73 7.10 16.77
N ASN D 39 31.19 8.32 16.50
CA ASN D 39 30.43 9.24 15.67
C ASN D 39 31.40 10.16 14.93
N VAL D 40 30.85 11.07 14.13
CA VAL D 40 31.68 11.88 13.25
C VAL D 40 32.38 13.01 14.02
N ARG D 41 31.74 13.56 15.06
CA ARG D 41 32.45 14.51 15.91
C ARG D 41 33.78 13.94 16.40
N ASP D 42 33.72 12.78 17.06
CA ASP D 42 34.91 12.16 17.63
C ASP D 42 35.91 11.76 16.55
N LEU D 43 35.40 11.29 15.40
CA LEU D 43 36.30 10.97 14.29
C LEU D 43 37.09 12.20 13.87
N LEU D 44 36.41 13.33 13.67
CA LEU D 44 37.10 14.53 13.24
C LEU D 44 38.05 15.05 14.32
N ASP D 45 37.67 14.90 15.59
CA ASP D 45 38.56 15.30 16.68
C ASP D 45 39.83 14.46 16.68
N ILE D 46 39.69 13.14 16.52
CA ILE D 46 40.85 12.26 16.49
C ILE D 46 41.72 12.57 15.28
N LEU D 47 41.11 12.76 14.12
CA LEU D 47 41.89 13.11 12.93
C LEU D 47 42.63 14.43 13.11
N ARG D 48 42.02 15.39 13.82
CA ARG D 48 42.69 16.65 14.11
C ARG D 48 43.88 16.44 15.05
N GLU D 49 43.70 15.62 16.10
CA GLU D 49 44.76 15.47 17.09
C GLU D 49 45.93 14.65 16.55
N ARG D 50 45.67 13.74 15.62
CA ARG D 50 46.69 12.90 15.00
C ARG D 50 47.32 13.56 13.79
N GLY D 51 47.02 14.84 13.55
CA GLY D 51 47.59 15.54 12.41
C GLY D 51 47.08 15.12 11.06
N LYS D 52 45.86 14.57 11.00
CA LYS D 52 45.30 14.14 9.72
C LYS D 52 44.07 14.95 9.34
N LEU D 53 43.87 16.13 9.93
CA LEU D 53 42.75 16.99 9.58
C LEU D 53 43.21 18.45 9.43
N SER D 54 44.12 18.68 8.49
CA SER D 54 44.41 20.03 8.05
C SER D 54 43.25 20.50 7.17
N VAL D 55 43.35 21.75 6.68
CA VAL D 55 42.32 22.26 5.77
C VAL D 55 42.25 21.38 4.52
N GLY D 56 43.40 20.94 4.01
CA GLY D 56 43.38 20.08 2.84
C GLY D 56 42.76 18.73 3.10
N ASP D 57 42.99 18.16 4.29
CA ASP D 57 42.42 16.87 4.63
C ASP D 57 40.90 16.95 4.75
N LEU D 58 40.40 17.95 5.47
CA LEU D 58 38.95 18.13 5.59
C LEU D 58 38.33 18.41 4.24
N ALA D 59 39.04 19.17 3.39
CA ALA D 59 38.55 19.42 2.04
C ALA D 59 38.47 18.12 1.24
N GLU D 60 39.47 17.26 1.38
CA GLU D 60 39.39 15.96 0.70
C GLU D 60 38.18 15.18 1.19
N LEU D 61 37.92 15.18 2.50
CA LEU D 61 36.77 14.45 3.02
C LEU D 61 35.46 15.02 2.47
N LEU D 62 35.32 16.35 2.48
CA LEU D 62 34.11 16.95 1.95
C LEU D 62 33.98 16.71 0.45
N TYR D 63 35.09 16.65 -0.25
CA TYR D 63 35.10 16.34 -1.67
C TYR D 63 34.67 14.90 -1.93
N ARG D 64 35.03 13.99 -1.02
CA ARG D 64 34.69 12.58 -1.20
C ARG D 64 33.21 12.32 -1.04
N VAL D 65 32.53 13.06 -0.17
CA VAL D 65 31.08 12.97 -0.01
C VAL D 65 30.39 13.98 -0.93
N ARG D 66 31.18 14.64 -1.77
CA ARG D 66 30.67 15.51 -2.84
C ARG D 66 29.79 16.64 -2.30
N ARG D 67 30.21 17.23 -1.18
CA ARG D 67 29.53 18.40 -0.63
C ARG D 67 30.34 19.65 -0.96
N PHE D 68 30.35 20.00 -2.25
CA PHE D 68 31.10 21.17 -2.71
C PHE D 68 30.52 22.47 -2.16
N ASP D 69 29.21 22.51 -1.95
CA ASP D 69 28.60 23.66 -1.27
C ASP D 69 29.24 23.87 0.09
N LEU D 70 29.49 22.78 0.83
CA LEU D 70 30.14 22.91 2.13
C LEU D 70 31.60 23.32 1.97
N LEU D 71 32.28 22.83 0.94
CA LEU D 71 33.63 23.31 0.65
C LEU D 71 33.64 24.83 0.57
N LYS D 72 32.75 25.41 -0.24
CA LYS D 72 32.70 26.85 -0.38
C LYS D 72 32.30 27.55 0.92
N ARG D 73 31.28 27.04 1.61
CA ARG D 73 30.75 27.80 2.74
C ARG D 73 31.68 27.74 3.94
N ILE D 74 32.27 26.59 4.21
CA ILE D 74 33.08 26.40 5.40
C ILE D 74 34.56 26.68 5.16
N LEU D 75 35.13 26.12 4.08
CA LEU D 75 36.57 26.23 3.87
C LEU D 75 36.96 27.23 2.81
N LYS D 76 36.00 27.81 2.08
CA LYS D 76 36.28 28.78 1.03
C LYS D 76 37.23 28.18 -0.02
N ASP D 78 37.17 25.55 -3.92
CA ASP D 78 36.44 24.95 -5.03
C ASP D 78 37.08 23.61 -5.40
N ARG D 79 36.54 22.99 -6.46
CA ARG D 79 36.98 21.67 -6.87
C ARG D 79 38.44 21.67 -7.33
N LYS D 80 38.87 22.74 -8.02
CA LYS D 80 40.20 22.72 -8.60
C LYS D 80 41.28 22.87 -7.54
N ALA D 81 41.03 23.66 -6.49
CA ALA D 81 41.98 23.72 -5.39
C ALA D 81 42.11 22.38 -4.69
N VAL D 82 40.98 21.67 -4.51
CA VAL D 82 41.02 20.36 -3.86
C VAL D 82 41.77 19.36 -4.73
N GLU D 83 41.57 19.42 -6.05
CA GLU D 83 42.29 18.53 -6.95
C GLU D 83 43.78 18.86 -6.99
N THR D 84 44.14 20.14 -6.89
CA THR D 84 45.56 20.50 -6.75
C THR D 84 46.15 19.89 -5.49
N HIS D 85 45.45 20.09 -4.36
CA HIS D 85 45.90 19.48 -3.10
C HIS D 85 46.07 17.97 -3.22
N LEU D 86 45.15 17.31 -3.92
CA LEU D 86 45.24 15.85 -4.07
C LEU D 86 46.37 15.43 -5.00
N LEU D 87 46.65 16.23 -6.04
CA LEU D 87 47.75 15.92 -6.94
C LEU D 87 49.10 16.15 -6.29
N ARG D 88 49.15 17.01 -5.26
CA ARG D 88 50.43 17.39 -4.66
C ARG D 88 50.69 16.76 -3.30
N ASN D 89 49.72 16.11 -2.68
CA ASN D 89 49.88 15.59 -1.33
C ASN D 89 49.29 14.19 -1.24
N PRO D 90 49.73 13.39 -0.27
CA PRO D 90 49.18 12.04 -0.12
C PRO D 90 47.70 12.09 0.25
N HIS D 91 46.98 11.04 -0.17
CA HIS D 91 45.54 10.99 0.01
C HIS D 91 45.20 10.36 1.34
N LEU D 92 44.23 10.95 2.04
CA LEU D 92 43.73 10.36 3.27
C LEU D 92 42.89 9.12 2.99
N VAL D 93 42.14 9.14 1.89
CA VAL D 93 41.25 8.05 1.52
C VAL D 93 41.83 7.31 0.32
N SER D 94 41.99 5.99 0.47
CA SER D 94 42.59 5.20 -0.59
C SER D 94 41.62 5.08 -1.76
N ASP D 95 42.18 4.75 -2.93
CA ASP D 95 41.33 4.55 -4.11
C ASP D 95 40.36 3.40 -3.90
N TYR D 96 40.72 2.43 -3.06
CA TYR D 96 39.83 1.32 -2.75
C TYR D 96 38.58 1.83 -2.01
N ARG D 97 38.76 2.67 -0.99
CA ARG D 97 37.62 3.21 -0.26
C ARG D 97 36.76 4.06 -1.18
N VAL D 98 37.39 4.87 -2.04
CA VAL D 98 36.64 5.68 -3.00
C VAL D 98 35.81 4.77 -3.91
N LEU D 99 36.41 3.66 -4.35
CA LEU D 99 35.72 2.72 -5.23
C LEU D 99 34.49 2.13 -4.55
N ALA D 101 32.76 3.37 -2.10
CA ALA D 101 31.74 4.40 -1.96
C ALA D 101 31.02 4.66 -3.28
N GLU D 102 31.77 4.68 -4.38
CA GLU D 102 31.15 4.93 -5.68
C GLU D 102 30.21 3.80 -6.07
N ILE D 103 30.63 2.56 -5.85
CA ILE D 103 29.74 1.42 -6.06
C ILE D 103 28.48 1.58 -5.24
N GLY D 104 28.63 1.94 -3.97
CA GLY D 104 27.47 2.09 -3.11
C GLY D 104 26.53 3.19 -3.59
N GLU D 105 27.08 4.28 -4.09
CA GLU D 105 26.25 5.36 -4.57
C GLU D 105 25.58 5.03 -5.90
N ASP D 106 26.07 4.03 -6.62
CA ASP D 106 25.34 3.61 -7.82
C ASP D 106 24.37 2.45 -7.59
N LEU D 107 24.10 2.08 -6.34
CA LEU D 107 23.17 1.00 -6.01
C LEU D 107 21.96 1.56 -5.29
N ASP D 108 20.77 1.15 -5.74
CA ASP D 108 19.51 1.54 -5.10
C ASP D 108 19.09 0.48 -4.09
N LYS D 109 17.92 0.69 -3.48
CA LYS D 109 17.51 -0.14 -2.36
C LYS D 109 17.33 -1.59 -2.77
N SER D 110 16.80 -1.83 -3.96
CA SER D 110 16.55 -3.21 -4.40
C SER D 110 17.86 -3.93 -4.70
N ASP D 111 18.81 -3.26 -5.35
CA ASP D 111 20.11 -3.87 -5.59
C ASP D 111 20.83 -4.18 -4.28
N VAL D 112 20.79 -3.26 -3.30
CA VAL D 112 21.44 -3.53 -2.02
C VAL D 112 20.76 -4.69 -1.30
N SER D 113 19.43 -4.75 -1.38
CA SER D 113 18.70 -5.86 -0.78
C SER D 113 19.13 -7.19 -1.41
N SER D 114 19.22 -7.21 -2.75
CA SER D 114 19.67 -8.42 -3.43
C SER D 114 21.10 -8.79 -3.05
N LEU D 115 22.00 -7.81 -2.94
CA LEU D 115 23.37 -8.10 -2.56
C LEU D 115 23.43 -8.68 -1.15
N ILE D 116 22.72 -8.07 -0.20
CA ILE D 116 22.73 -8.59 1.16
C ILE D 116 22.22 -10.02 1.17
N PHE D 117 21.16 -10.30 0.40
CA PHE D 117 20.63 -11.65 0.34
C PHE D 117 21.68 -12.64 -0.18
N LEU D 118 22.42 -12.26 -1.20
CA LEU D 118 23.44 -13.15 -1.74
C LEU D 118 24.59 -13.39 -0.77
N LYS D 120 24.25 -13.64 2.53
CA LYS D 120 23.80 -14.47 3.65
C LYS D 120 24.24 -15.93 3.50
N ASP D 121 24.73 -16.33 2.33
CA ASP D 121 25.43 -17.60 2.20
C ASP D 121 26.82 -17.56 2.82
N TYR D 122 27.39 -16.38 3.02
CA TYR D 122 28.71 -16.24 3.62
C TYR D 122 28.67 -15.74 5.06
N GLY D 124 25.97 -15.16 8.95
CA GLY D 124 24.73 -15.45 9.64
C GLY D 124 23.63 -14.46 9.30
N ARG D 125 22.38 -14.94 9.43
CA ARG D 125 21.22 -14.10 9.17
C ARG D 125 21.13 -12.93 10.16
N GLY D 126 21.72 -13.09 11.34
CA GLY D 126 21.66 -12.05 12.34
C GLY D 126 22.75 -11.01 12.25
N LYS D 127 23.67 -11.16 11.31
CA LYS D 127 24.83 -10.27 11.24
C LYS D 127 24.48 -8.94 10.59
N ILE D 128 23.48 -8.90 9.72
CA ILE D 128 23.20 -7.71 8.92
C ILE D 128 21.71 -7.63 8.65
N SER D 129 21.11 -6.49 9.01
CA SER D 129 19.68 -6.29 8.82
C SER D 129 19.34 -6.06 7.35
N LYS D 130 18.07 -6.29 7.02
CA LYS D 130 17.63 -6.24 5.63
C LYS D 130 17.80 -4.85 5.03
N GLU D 131 17.55 -3.80 5.82
CA GLU D 131 17.51 -2.44 5.32
C GLU D 131 18.85 -1.72 5.34
N LYS D 132 19.91 -2.37 5.83
CA LYS D 132 21.20 -1.67 5.96
C LYS D 132 21.79 -1.35 4.59
N SER D 133 22.77 -0.45 4.59
CA SER D 133 23.31 0.09 3.36
C SER D 133 24.43 -0.78 2.79
N PHE D 134 24.87 -0.43 1.59
CA PHE D 134 25.97 -1.16 0.95
C PHE D 134 27.26 -1.03 1.76
N LEU D 135 27.48 0.14 2.37
CA LEU D 135 28.71 0.33 3.14
C LEU D 135 28.71 -0.51 4.40
N ASP D 136 27.54 -0.65 5.05
CA ASP D 136 27.45 -1.56 6.18
C ASP D 136 27.80 -2.98 5.75
N LEU D 137 27.30 -3.39 4.58
CA LEU D 137 27.60 -4.73 4.07
C LEU D 137 29.09 -4.92 3.81
N VAL D 138 29.74 -3.93 3.19
CA VAL D 138 31.17 -4.06 2.93
C VAL D 138 31.96 -4.10 4.22
N VAL D 139 31.52 -3.35 5.24
CA VAL D 139 32.19 -3.41 6.53
C VAL D 139 32.11 -4.82 7.10
N GLU D 140 30.91 -5.41 7.08
CA GLU D 140 30.79 -6.78 7.59
C GLU D 140 31.65 -7.76 6.79
N LEU D 141 31.76 -7.55 5.47
CA LEU D 141 32.62 -8.41 4.67
C LEU D 141 34.09 -8.23 5.02
N GLU D 142 34.50 -6.99 5.34
CA GLU D 142 35.87 -6.75 5.77
C GLU D 142 36.17 -7.44 7.10
N LYS D 143 35.21 -7.42 8.03
CA LYS D 143 35.44 -8.12 9.29
C LYS D 143 35.64 -9.61 9.07
N LEU D 144 35.05 -10.19 8.03
CA LEU D 144 35.23 -11.60 7.71
C LEU D 144 36.36 -11.82 6.72
N ASN D 145 37.10 -10.77 6.36
CA ASN D 145 38.21 -10.88 5.41
C ASN D 145 37.76 -11.48 4.07
N LEU D 146 36.54 -11.13 3.65
CA LEU D 146 36.00 -11.57 2.37
C LEU D 146 36.13 -10.53 1.26
N VAL D 147 36.49 -9.29 1.58
CA VAL D 147 36.77 -8.28 0.58
C VAL D 147 37.92 -7.42 1.09
N ALA D 148 38.79 -7.00 0.17
CA ALA D 148 39.98 -6.25 0.51
C ALA D 148 40.50 -5.61 -0.77
N PRO D 149 41.41 -4.62 -0.66
CA PRO D 149 41.93 -3.97 -1.88
C PRO D 149 42.49 -4.95 -2.91
N ASP D 150 43.09 -6.05 -2.46
CA ASP D 150 43.65 -7.08 -3.33
C ASP D 150 42.77 -8.33 -3.38
N GLN D 151 41.50 -8.23 -2.99
CA GLN D 151 40.60 -9.38 -2.89
C GLN D 151 39.19 -8.91 -3.25
N LEU D 152 38.89 -8.86 -4.55
CA LEU D 152 37.63 -8.31 -5.01
C LEU D 152 36.82 -9.29 -5.85
N ASP D 153 37.28 -10.55 -5.98
CA ASP D 153 36.64 -11.49 -6.89
C ASP D 153 35.23 -11.84 -6.42
N LEU D 154 35.03 -11.98 -5.12
CA LEU D 154 33.71 -12.29 -4.60
C LEU D 154 32.74 -11.13 -4.86
N LEU D 155 33.19 -9.90 -4.65
CA LEU D 155 32.33 -8.76 -4.94
C LEU D 155 32.01 -8.66 -6.42
N GLU D 156 33.00 -8.94 -7.28
CA GLU D 156 32.74 -8.96 -8.70
C GLU D 156 31.68 -10.01 -9.06
N LYS D 157 31.78 -11.19 -8.44
CA LYS D 157 30.83 -12.26 -8.73
C LYS D 157 29.42 -11.88 -8.30
N CYS D 158 29.29 -11.27 -7.12
CA CYS D 158 27.96 -10.87 -6.65
C CYS D 158 27.39 -9.74 -7.49
N LEU D 159 28.23 -8.79 -7.91
CA LEU D 159 27.74 -7.72 -8.78
C LEU D 159 27.32 -8.28 -10.13
N LYS D 160 28.04 -9.30 -10.61
CA LYS D 160 27.64 -9.93 -11.86
C LYS D 160 26.30 -10.64 -11.71
N ASN D 161 26.08 -11.27 -10.54
CA ASN D 161 24.84 -12.01 -10.33
C ASN D 161 23.61 -11.13 -10.20
N ILE D 162 23.78 -9.86 -9.86
CA ILE D 162 22.67 -8.91 -9.90
C ILE D 162 22.70 -8.07 -11.17
N HIS D 163 23.47 -8.49 -12.18
CA HIS D 163 23.47 -7.90 -13.52
C HIS D 163 23.96 -6.45 -13.51
N ARG D 164 24.89 -6.14 -12.61
CA ARG D 164 25.53 -4.83 -12.58
C ARG D 164 26.94 -4.95 -13.15
N ILE D 165 26.99 -5.28 -14.43
CA ILE D 165 28.26 -5.42 -15.13
C ILE D 165 28.98 -4.07 -15.19
N ASP D 166 28.24 -2.97 -15.11
CA ASP D 166 28.87 -1.65 -15.07
C ASP D 166 29.76 -1.51 -13.82
N LEU D 167 29.27 -1.98 -12.68
CA LEU D 167 30.07 -1.90 -11.46
C LEU D 167 31.23 -2.88 -11.49
N LYS D 168 31.03 -4.06 -12.10
CA LYS D 168 32.16 -4.97 -12.30
C LYS D 168 33.22 -4.31 -13.19
N THR D 169 32.78 -3.52 -14.17
CA THR D 169 33.71 -2.76 -15.01
C THR D 169 34.46 -1.71 -14.20
N LYS D 170 33.76 -1.01 -13.30
CA LYS D 170 34.46 -0.08 -12.41
C LYS D 170 35.52 -0.80 -11.58
N ILE D 171 35.18 -1.98 -11.05
CA ILE D 171 36.13 -2.75 -10.26
C ILE D 171 37.34 -3.15 -11.10
N GLN D 172 37.11 -3.60 -12.34
CA GLN D 172 38.21 -4.03 -13.19
C GLN D 172 39.10 -2.86 -13.61
N LYS D 173 38.49 -1.69 -13.84
CA LYS D 173 39.30 -0.48 -14.05
C LYS D 173 40.19 -0.21 -12.85
N TYR D 174 39.61 -0.28 -11.64
CA TYR D 174 40.41 -0.08 -10.44
C TYR D 174 41.56 -1.08 -10.38
N LYS D 175 41.29 -2.34 -10.67
CA LYS D 175 42.32 -3.37 -10.62
C LYS D 175 43.45 -3.07 -11.62
N GLN D 176 43.10 -2.75 -12.86
CA GLN D 176 44.12 -2.46 -13.86
C GLN D 176 44.91 -1.22 -13.51
N SER D 177 44.30 -0.25 -12.81
CA SER D 177 45.03 0.95 -12.41
C SER D 177 46.16 0.66 -11.43
N VAL D 178 46.10 -0.48 -10.72
CA VAL D 178 47.14 -0.85 -9.78
C VAL D 178 48.24 -1.67 -10.44
N SER E 5 51.98 -10.20 24.86
CA SER E 5 51.99 -8.99 25.67
C SER E 5 50.58 -8.50 26.01
N ALA E 6 50.52 -7.45 26.83
CA ALA E 6 49.27 -6.78 27.16
C ALA E 6 48.88 -5.77 26.10
N GLU E 7 49.85 -5.38 25.27
CA GLU E 7 49.55 -4.48 24.15
C GLU E 7 48.54 -5.14 23.22
N VAL E 8 48.72 -6.43 22.96
CA VAL E 8 47.76 -7.17 22.13
C VAL E 8 46.38 -7.20 22.80
N ILE E 9 46.35 -7.39 24.12
CA ILE E 9 45.06 -7.38 24.82
C ILE E 9 44.35 -6.05 24.63
N GLY E 10 45.11 -4.94 24.74
CA GLY E 10 44.52 -3.63 24.50
C GLY E 10 44.02 -3.49 23.08
N GLN E 11 44.81 -3.95 22.10
CA GLN E 11 44.37 -3.93 20.71
C GLN E 11 43.04 -4.67 20.53
N VAL E 12 42.96 -5.90 21.02
CA VAL E 12 41.74 -6.67 20.88
C VAL E 12 40.56 -5.97 21.52
N GLU E 13 40.73 -5.48 22.75
CA GLU E 13 39.60 -4.83 23.43
C GLU E 13 39.16 -3.58 22.68
N GLU E 14 40.12 -2.82 22.15
CA GLU E 14 39.76 -1.60 21.44
C GLU E 14 39.07 -1.88 20.11
N ALA E 15 39.44 -2.99 19.44
CA ALA E 15 38.90 -3.24 18.11
C ALA E 15 37.53 -3.90 18.11
N LEU E 16 37.15 -4.58 19.19
CA LEU E 16 35.86 -5.27 19.21
C LEU E 16 34.74 -4.31 19.62
N ASP E 17 33.56 -4.53 19.04
CA ASP E 17 32.40 -3.73 19.42
C ASP E 17 31.61 -4.43 20.52
N THR E 18 30.47 -3.82 20.89
CA THR E 18 29.73 -4.22 22.08
C THR E 18 29.21 -5.66 21.96
N ASP E 19 28.60 -5.99 20.83
CA ASP E 19 28.04 -7.34 20.67
C ASP E 19 29.15 -8.39 20.67
N GLU E 20 30.27 -8.10 19.99
CA GLU E 20 31.38 -9.04 19.96
C GLU E 20 31.97 -9.23 21.36
N LYS E 21 32.04 -8.15 22.15
CA LYS E 21 32.52 -8.27 23.52
C LYS E 21 31.58 -9.14 24.34
N GLU E 22 30.28 -8.90 24.21
CA GLU E 22 29.29 -9.70 24.94
C GLU E 22 29.42 -11.18 24.58
N LEU E 24 32.15 -12.72 23.40
CA LEU E 24 33.40 -13.20 23.96
C LEU E 24 33.23 -13.56 25.44
N LEU E 25 32.50 -12.74 26.19
CA LEU E 25 32.22 -13.07 27.58
C LEU E 25 31.39 -14.35 27.68
N PHE E 26 30.43 -14.52 26.76
CA PHE E 26 29.59 -15.72 26.80
C PHE E 26 30.40 -16.97 26.49
N LEU E 27 31.27 -16.90 25.48
CA LEU E 27 32.01 -18.08 25.07
C LEU E 27 32.97 -18.60 26.12
N CYS E 28 33.40 -17.74 27.06
CA CYS E 28 34.39 -18.09 28.06
C CYS E 28 33.76 -18.36 29.44
N ARG E 29 32.46 -18.62 29.49
CA ARG E 29 31.80 -18.81 30.77
C ARG E 29 32.19 -20.14 31.43
N ASP E 30 32.57 -21.14 30.65
CA ASP E 30 32.98 -22.41 31.22
C ASP E 30 34.46 -22.44 31.59
N VAL E 31 35.25 -21.50 31.08
CA VAL E 31 36.65 -21.38 31.47
C VAL E 31 36.80 -20.52 32.71
N ALA E 32 36.04 -19.43 32.78
CA ALA E 32 36.04 -18.53 33.93
C ALA E 32 34.85 -18.85 34.83
N ILE E 33 34.94 -20.01 35.48
CA ILE E 33 33.91 -20.44 36.41
C ILE E 33 34.10 -19.78 37.77
N ASP E 34 35.32 -19.86 38.31
CA ASP E 34 35.64 -19.33 39.64
C ASP E 34 35.61 -17.81 39.71
N VAL E 35 35.43 -17.13 38.57
CA VAL E 35 35.28 -15.68 38.54
C VAL E 35 34.09 -15.36 37.65
N VAL E 36 33.64 -14.11 37.75
CA VAL E 36 32.71 -13.55 36.78
C VAL E 36 33.27 -12.22 36.31
N PRO E 37 33.84 -12.14 35.12
CA PRO E 37 34.46 -10.90 34.69
C PRO E 37 33.42 -9.87 34.34
N PRO E 38 33.62 -8.60 34.74
CA PRO E 38 32.63 -7.56 34.42
C PRO E 38 32.80 -7.02 33.01
N ASN E 39 33.98 -7.14 32.42
CA ASN E 39 34.23 -6.67 31.07
C ASN E 39 35.28 -7.58 30.43
N VAL E 40 35.58 -7.30 29.15
CA VAL E 40 36.43 -8.18 28.36
C VAL E 40 37.90 -7.96 28.68
N ARG E 41 38.30 -6.74 29.06
CA ARG E 41 39.66 -6.52 29.53
C ARG E 41 39.98 -7.40 30.73
N ASP E 42 39.08 -7.42 31.72
CA ASP E 42 39.28 -8.27 32.89
C ASP E 42 39.25 -9.74 32.52
N LEU E 43 38.36 -10.13 31.60
CA LEU E 43 38.33 -11.52 31.15
C LEU E 43 39.66 -11.94 30.54
N LEU E 44 40.20 -11.11 29.64
CA LEU E 44 41.46 -11.45 28.99
C LEU E 44 42.62 -11.43 29.97
N ASP E 45 42.61 -10.50 30.93
CA ASP E 45 43.65 -10.49 31.96
C ASP E 45 43.60 -11.75 32.81
N ILE E 46 42.40 -12.17 33.20
CA ILE E 46 42.24 -13.40 33.97
C ILE E 46 42.69 -14.62 33.17
N LEU E 47 42.32 -14.67 31.89
CA LEU E 47 42.76 -15.79 31.05
C LEU E 47 44.29 -15.81 30.93
N ARG E 48 44.90 -14.64 30.80
CA ARG E 48 46.35 -14.57 30.60
C ARG E 48 47.10 -14.96 31.87
N GLU E 49 46.64 -14.46 33.03
CA GLU E 49 47.26 -14.80 34.30
C GLU E 49 47.17 -16.29 34.61
N ARG E 50 46.13 -16.97 34.13
CA ARG E 50 45.97 -18.40 34.36
C ARG E 50 46.60 -19.23 33.25
N GLY E 51 47.36 -18.61 32.36
CA GLY E 51 47.99 -19.36 31.28
C GLY E 51 47.06 -19.88 30.22
N LYS E 52 45.91 -19.24 30.01
CA LYS E 52 44.94 -19.67 29.01
C LYS E 52 44.74 -18.65 27.89
N LEU E 53 45.71 -17.77 27.67
CA LEU E 53 45.64 -16.79 26.59
C LEU E 53 46.92 -16.82 25.77
N SER E 54 47.26 -18.01 25.28
CA SER E 54 48.34 -18.13 24.31
C SER E 54 47.89 -17.59 22.95
N VAL E 55 48.82 -17.61 21.98
CA VAL E 55 48.48 -17.21 20.63
C VAL E 55 47.39 -18.10 20.07
N GLY E 56 47.46 -19.41 20.34
CA GLY E 56 46.43 -20.31 19.86
C GLY E 56 45.07 -20.05 20.49
N ASP E 57 45.05 -19.71 21.78
CA ASP E 57 43.79 -19.40 22.47
C ASP E 57 43.17 -18.12 21.93
N LEU E 58 43.97 -17.06 21.80
CA LEU E 58 43.45 -15.82 21.25
C LEU E 58 42.96 -16.02 19.82
N ALA E 59 43.67 -16.84 19.04
CA ALA E 59 43.23 -17.11 17.68
C ALA E 59 41.89 -17.82 17.68
N GLU E 60 41.70 -18.80 18.57
CA GLU E 60 40.42 -19.49 18.66
C GLU E 60 39.31 -18.51 19.03
N LEU E 61 39.57 -17.64 20.01
CA LEU E 61 38.55 -16.68 20.45
C LEU E 61 38.17 -15.73 19.32
N LEU E 62 39.16 -15.17 18.62
CA LEU E 62 38.88 -14.27 17.52
C LEU E 62 38.15 -14.99 16.38
N TYR E 63 38.47 -16.27 16.18
CA TYR E 63 37.80 -17.06 15.16
C TYR E 63 36.34 -17.28 15.51
N ARG E 64 36.04 -17.48 16.80
CA ARG E 64 34.67 -17.73 17.23
C ARG E 64 33.81 -16.46 17.20
N VAL E 65 34.39 -15.29 17.45
CA VAL E 65 33.64 -14.05 17.35
C VAL E 65 33.75 -13.56 15.91
N ARG E 66 34.37 -14.37 15.05
CA ARG E 66 34.37 -14.15 13.60
C ARG E 66 35.01 -12.81 13.22
N ARG E 67 36.09 -12.45 13.90
CA ARG E 67 36.88 -11.26 13.54
C ARG E 67 38.14 -11.66 12.78
N PHE E 68 37.93 -12.11 11.54
CA PHE E 68 39.07 -12.55 10.73
C PHE E 68 40.00 -11.41 10.36
N ASP E 69 39.47 -10.18 10.24
CA ASP E 69 40.33 -9.02 10.03
C ASP E 69 41.34 -8.88 11.18
N LEU E 70 40.87 -9.04 12.42
CA LEU E 70 41.76 -8.97 13.57
C LEU E 70 42.71 -10.16 13.60
N LEU E 71 42.24 -11.34 13.24
CA LEU E 71 43.11 -12.49 13.11
C LEU E 71 44.29 -12.16 12.22
N LYS E 72 44.02 -11.62 11.03
CA LYS E 72 45.08 -11.30 10.09
C LYS E 72 45.97 -10.17 10.60
N ARG E 73 45.38 -9.14 11.21
CA ARG E 73 46.16 -7.96 11.56
C ARG E 73 47.02 -8.19 12.79
N ILE E 74 46.49 -8.88 13.79
CA ILE E 74 47.20 -9.05 15.05
C ILE E 74 48.06 -10.32 15.03
N LEU E 75 47.51 -11.45 14.58
CA LEU E 75 48.25 -12.70 14.64
C LEU E 75 48.77 -13.16 13.29
N LYS E 76 48.46 -12.45 12.20
CA LYS E 76 48.90 -12.84 10.86
C LYS E 76 48.40 -14.24 10.50
N ASP E 78 45.02 -16.61 8.82
CA ASP E 78 43.76 -16.73 8.11
C ASP E 78 42.96 -17.90 8.68
N ARG E 79 41.83 -18.20 8.05
CA ARG E 79 40.94 -19.25 8.56
C ARG E 79 41.61 -20.62 8.53
N LYS E 80 42.45 -20.88 7.52
CA LYS E 80 43.06 -22.19 7.37
C LYS E 80 43.94 -22.53 8.57
N ALA E 81 44.81 -21.60 8.96
CA ALA E 81 45.71 -21.86 10.08
C ALA E 81 44.94 -22.08 11.38
N VAL E 82 43.90 -21.30 11.62
CA VAL E 82 43.14 -21.45 12.86
C VAL E 82 42.40 -22.79 12.86
N GLU E 83 41.85 -23.20 11.72
CA GLU E 83 41.15 -24.48 11.67
C GLU E 83 42.12 -25.64 11.84
N THR E 84 43.33 -25.51 11.30
CA THR E 84 44.35 -26.52 11.55
C THR E 84 44.71 -26.59 13.04
N HIS E 85 44.97 -25.45 13.66
CA HIS E 85 45.27 -25.41 15.09
C HIS E 85 44.13 -26.03 15.90
N LEU E 86 42.88 -25.79 15.49
CA LEU E 86 41.74 -26.33 16.22
C LEU E 86 41.63 -27.84 16.04
N LEU E 87 41.98 -28.34 14.85
CA LEU E 87 41.97 -29.78 14.63
C LEU E 87 43.09 -30.49 15.37
N ARG E 88 44.18 -29.78 15.69
CA ARG E 88 45.36 -30.41 16.26
C ARG E 88 45.57 -30.12 17.74
N ASN E 89 44.70 -29.36 18.39
CA ASN E 89 44.90 -29.00 19.79
C ASN E 89 43.56 -28.97 20.51
N PRO E 90 43.56 -29.10 21.83
CA PRO E 90 42.31 -28.99 22.59
C PRO E 90 41.73 -27.58 22.51
N HIS E 91 40.40 -27.52 22.58
CA HIS E 91 39.69 -26.26 22.41
C HIS E 91 39.47 -25.58 23.76
N LEU E 92 39.70 -24.26 23.78
CA LEU E 92 39.38 -23.48 24.97
C LEU E 92 37.87 -23.36 25.19
N VAL E 93 37.12 -23.25 24.09
CA VAL E 93 35.67 -23.07 24.13
C VAL E 93 34.98 -24.37 23.72
N SER E 94 34.03 -24.82 24.54
CA SER E 94 33.35 -26.09 24.30
C SER E 94 32.44 -26.02 23.07
N ASP E 95 32.12 -27.20 22.54
CA ASP E 95 31.20 -27.28 21.41
C ASP E 95 29.81 -26.77 21.74
N TYR E 96 29.41 -26.86 23.01
CA TYR E 96 28.12 -26.35 23.43
C TYR E 96 28.04 -24.84 23.26
N ARG E 97 29.07 -24.12 23.74
CA ARG E 97 29.10 -22.67 23.61
C ARG E 97 29.16 -22.23 22.17
N VAL E 98 29.97 -22.93 21.36
CA VAL E 98 30.05 -22.63 19.93
C VAL E 98 28.69 -22.81 19.29
N LEU E 99 27.96 -23.85 19.68
CA LEU E 99 26.63 -24.09 19.12
C LEU E 99 25.69 -22.95 19.48
N ALA E 101 26.43 -19.84 20.24
CA ALA E 101 26.80 -18.59 19.56
C ALA E 101 26.42 -18.64 18.09
N GLU E 102 26.60 -19.79 17.43
CA GLU E 102 26.22 -19.90 16.03
C GLU E 102 24.71 -19.79 15.84
N ILE E 103 23.93 -20.43 16.73
CA ILE E 103 22.49 -20.27 16.69
C ILE E 103 22.10 -18.81 16.85
N GLY E 104 22.73 -18.11 17.80
CA GLY E 104 22.41 -16.70 17.99
C GLY E 104 22.73 -15.85 16.78
N GLU E 105 23.88 -16.10 16.15
CA GLU E 105 24.22 -15.31 14.97
C GLU E 105 23.41 -15.68 13.75
N ASP E 106 22.67 -16.79 13.77
CA ASP E 106 21.78 -17.13 12.65
C ASP E 106 20.33 -16.70 12.89
N LEU E 107 20.07 -15.91 13.92
CA LEU E 107 18.73 -15.45 14.25
C LEU E 107 18.63 -13.96 13.99
N ASP E 108 17.52 -13.54 13.36
CA ASP E 108 17.29 -12.12 13.16
C ASP E 108 16.43 -11.58 14.31
N LYS E 109 16.27 -10.26 14.33
CA LYS E 109 15.69 -9.62 15.51
C LYS E 109 14.25 -10.07 15.75
N SER E 110 13.49 -10.36 14.68
CA SER E 110 12.15 -10.87 14.88
C SER E 110 12.16 -12.25 15.54
N ASP E 111 13.07 -13.13 15.09
CA ASP E 111 13.20 -14.43 15.72
C ASP E 111 13.59 -14.32 17.20
N VAL E 112 14.54 -13.42 17.50
CA VAL E 112 14.99 -13.26 18.89
C VAL E 112 13.87 -12.72 19.75
N SER E 113 13.08 -11.79 19.21
CA SER E 113 11.92 -11.28 19.94
C SER E 113 10.92 -12.39 20.23
N SER E 114 10.62 -13.21 19.21
CA SER E 114 9.69 -14.31 19.39
C SER E 114 10.20 -15.31 20.42
N LEU E 115 11.51 -15.57 20.42
CA LEU E 115 12.09 -16.49 21.40
C LEU E 115 11.94 -15.93 22.82
N ILE E 116 12.28 -14.66 23.01
CA ILE E 116 12.14 -14.06 24.33
C ILE E 116 10.68 -14.12 24.78
N PHE E 117 9.75 -13.83 23.88
CA PHE E 117 8.33 -13.88 24.21
C PHE E 117 7.91 -15.29 24.63
N LEU E 118 8.39 -16.32 23.93
CA LEU E 118 7.99 -17.68 24.29
C LEU E 118 8.60 -18.11 25.62
N LYS E 120 9.07 -16.24 28.17
CA LYS E 120 8.35 -15.59 29.26
C LYS E 120 7.41 -16.56 29.98
N ASP E 121 7.13 -17.73 29.40
CA ASP E 121 6.40 -18.78 30.09
C ASP E 121 7.28 -19.60 31.03
N TYR E 122 8.50 -19.13 31.32
CA TYR E 122 9.40 -19.84 32.21
C TYR E 122 10.18 -18.90 33.12
N GLY E 124 10.07 -14.46 34.94
CA GLY E 124 9.29 -13.25 35.16
C GLY E 124 9.53 -12.17 34.12
N ARG E 125 8.71 -11.12 34.22
CA ARG E 125 8.79 -10.02 33.27
C ARG E 125 10.04 -9.17 33.48
N GLY E 126 10.53 -9.07 34.71
CA GLY E 126 11.71 -8.27 34.97
C GLY E 126 12.96 -8.81 34.31
N LYS E 127 13.02 -10.13 34.10
CA LYS E 127 14.17 -10.73 33.42
C LYS E 127 14.11 -10.60 31.91
N ILE E 128 12.92 -10.40 31.33
CA ILE E 128 12.78 -10.24 29.89
C ILE E 128 12.76 -8.75 29.56
N SER E 129 13.51 -8.39 28.52
CA SER E 129 13.55 -7.02 28.04
C SER E 129 13.57 -7.04 26.52
N LYS E 130 13.09 -5.96 25.91
CA LYS E 130 12.95 -5.93 24.46
C LYS E 130 14.31 -6.05 23.78
N GLU E 131 15.31 -5.31 24.26
CA GLU E 131 16.62 -5.28 23.63
C GLU E 131 17.60 -6.21 24.35
N LYS E 132 17.23 -7.48 24.41
CA LYS E 132 18.11 -8.54 24.88
C LYS E 132 18.46 -9.46 23.72
N SER E 133 19.72 -9.87 23.68
CA SER E 133 20.18 -10.78 22.64
C SER E 133 19.78 -12.21 22.97
N PHE E 134 20.02 -13.11 22.00
CA PHE E 134 19.80 -14.53 22.26
C PHE E 134 20.74 -15.06 23.33
N LEU E 135 21.97 -14.54 23.39
CA LEU E 135 22.93 -15.03 24.38
C LEU E 135 22.52 -14.64 25.79
N ASP E 136 21.93 -13.44 25.97
CA ASP E 136 21.40 -13.07 27.28
C ASP E 136 20.32 -14.06 27.71
N LEU E 137 19.43 -14.42 26.79
CA LEU E 137 18.39 -15.40 27.09
C LEU E 137 19.00 -16.76 27.45
N VAL E 138 20.06 -17.16 26.74
CA VAL E 138 20.68 -18.44 27.05
C VAL E 138 21.29 -18.42 28.43
N VAL E 139 21.91 -17.30 28.82
CA VAL E 139 22.48 -17.17 30.16
C VAL E 139 21.39 -17.28 31.22
N GLU E 140 20.27 -16.58 30.99
CA GLU E 140 19.16 -16.64 31.94
C GLU E 140 18.60 -18.06 32.05
N LEU E 141 18.54 -18.80 30.95
CA LEU E 141 18.06 -20.17 31.01
C LEU E 141 19.05 -21.07 31.73
N GLU E 142 20.35 -20.83 31.53
CA GLU E 142 21.36 -21.60 32.22
C GLU E 142 21.26 -21.40 33.73
N LYS E 143 21.02 -20.16 34.15
CA LYS E 143 20.87 -19.87 35.57
C LYS E 143 19.69 -20.63 36.17
N LEU E 144 18.67 -20.91 35.37
CA LEU E 144 17.52 -21.66 35.83
C LEU E 144 17.63 -23.16 35.55
N ASN E 145 18.79 -23.63 35.04
CA ASN E 145 18.97 -25.03 34.68
C ASN E 145 17.90 -25.50 33.71
N LEU E 146 17.48 -24.61 32.81
CA LEU E 146 16.51 -24.95 31.78
C LEU E 146 17.19 -25.31 30.47
N VAL E 147 18.49 -25.04 30.36
CA VAL E 147 19.30 -25.45 29.22
C VAL E 147 20.67 -25.82 29.75
N ALA E 148 21.28 -26.82 29.13
CA ALA E 148 22.58 -27.35 29.52
C ALA E 148 23.14 -28.14 28.35
N PRO E 149 24.44 -28.42 28.34
CA PRO E 149 25.01 -29.17 27.21
C PRO E 149 24.29 -30.47 26.90
N ASP E 150 23.77 -31.16 27.93
CA ASP E 150 23.02 -32.39 27.76
C ASP E 150 21.53 -32.19 27.99
N GLN E 151 21.02 -30.94 27.88
CA GLN E 151 19.63 -30.62 28.20
C GLN E 151 19.16 -29.54 27.21
N LEU E 152 18.71 -29.98 26.04
CA LEU E 152 18.41 -29.06 24.94
C LEU E 152 16.97 -29.17 24.42
N ASP E 153 16.10 -29.95 25.07
CA ASP E 153 14.78 -30.18 24.49
C ASP E 153 13.93 -28.92 24.49
N LEU E 154 14.04 -28.11 25.55
CA LEU E 154 13.26 -26.87 25.58
C LEU E 154 13.68 -25.94 24.47
N LEU E 155 14.99 -25.81 24.24
CA LEU E 155 15.48 -24.94 23.16
C LEU E 155 15.04 -25.48 21.80
N GLU E 156 15.07 -26.80 21.61
CA GLU E 156 14.59 -27.40 20.37
C GLU E 156 13.12 -27.08 20.16
N LYS E 157 12.30 -27.19 21.21
CA LYS E 157 10.89 -26.90 21.10
C LYS E 157 10.65 -25.44 20.72
N CYS E 158 11.42 -24.53 21.32
CA CYS E 158 11.21 -23.11 21.02
C CYS E 158 11.67 -22.77 19.61
N LEU E 159 12.78 -23.36 19.16
CA LEU E 159 13.23 -23.13 17.79
C LEU E 159 12.25 -23.72 16.78
N LYS E 160 11.63 -24.86 17.11
CA LYS E 160 10.61 -25.43 16.23
C LYS E 160 9.37 -24.55 16.17
N ASN E 161 8.99 -23.95 17.31
CA ASN E 161 7.79 -23.13 17.33
C ASN E 161 7.94 -21.82 16.57
N ILE E 162 9.16 -21.36 16.34
CA ILE E 162 9.39 -20.23 15.45
C ILE E 162 9.85 -20.69 14.07
N HIS E 163 9.66 -21.97 13.74
CA HIS E 163 9.85 -22.51 12.38
C HIS E 163 11.29 -22.41 11.90
N ARG E 164 12.25 -22.53 12.82
CA ARG E 164 13.66 -22.59 12.45
C ARG E 164 14.16 -24.03 12.56
N ILE E 165 13.63 -24.86 11.66
CA ILE E 165 13.97 -26.29 11.64
C ILE E 165 15.46 -26.48 11.36
N ASP E 166 16.06 -25.56 10.60
CA ASP E 166 17.49 -25.65 10.30
C ASP E 166 18.34 -25.58 11.57
N LEU E 167 17.98 -24.68 12.49
CA LEU E 167 18.73 -24.57 13.74
C LEU E 167 18.47 -25.76 14.66
N LYS E 168 17.24 -26.27 14.66
CA LYS E 168 16.95 -27.50 15.41
C LYS E 168 17.80 -28.66 14.88
N THR E 169 17.98 -28.71 13.56
CA THR E 169 18.84 -29.74 12.96
C THR E 169 20.29 -29.54 13.36
N LYS E 170 20.75 -28.29 13.43
CA LYS E 170 22.10 -28.03 13.93
C LYS E 170 22.26 -28.56 15.36
N ILE E 171 21.25 -28.36 16.20
CA ILE E 171 21.29 -28.92 17.55
C ILE E 171 21.35 -30.44 17.50
N GLN E 172 20.58 -31.06 16.61
CA GLN E 172 20.56 -32.53 16.56
C GLN E 172 21.91 -33.07 16.10
N LYS E 173 22.55 -32.40 15.15
CA LYS E 173 23.91 -32.76 14.75
C LYS E 173 24.87 -32.64 15.93
N TYR E 174 24.73 -31.57 16.71
CA TYR E 174 25.57 -31.45 17.90
C TYR E 174 25.37 -32.62 18.86
N LYS E 175 24.12 -32.98 19.14
CA LYS E 175 23.85 -34.09 20.05
C LYS E 175 24.44 -35.38 19.52
N GLN E 176 24.33 -35.59 18.20
CA GLN E 176 24.92 -36.76 17.57
C GLN E 176 26.43 -36.79 17.78
N SER E 177 27.09 -35.63 17.68
CA SER E 177 28.54 -35.56 17.81
C SER E 177 29.04 -35.85 19.22
N VAL E 178 28.20 -35.74 20.25
CA VAL E 178 28.64 -36.03 21.61
C VAL E 178 28.39 -37.49 21.95
N SER F 5 32.21 -24.49 54.13
CA SER F 5 33.49 -23.86 54.40
C SER F 5 33.42 -22.35 54.19
N ALA F 6 34.56 -21.67 54.37
CA ALA F 6 34.64 -20.24 54.06
C ALA F 6 34.95 -19.99 52.59
N GLU F 7 35.51 -20.98 51.89
CA GLU F 7 35.78 -20.83 50.46
C GLU F 7 34.48 -20.75 49.66
N VAL F 8 33.47 -21.54 50.05
CA VAL F 8 32.19 -21.51 49.35
C VAL F 8 31.58 -20.11 49.42
N ILE F 9 31.78 -19.39 50.54
CA ILE F 9 31.30 -18.02 50.63
C ILE F 9 31.92 -17.17 49.52
N GLY F 10 33.22 -17.34 49.28
CA GLY F 10 33.86 -16.63 48.18
C GLY F 10 33.32 -17.04 46.83
N GLN F 11 33.09 -18.34 46.63
CA GLN F 11 32.52 -18.82 45.37
C GLN F 11 31.18 -18.16 45.08
N VAL F 12 30.25 -18.25 46.04
CA VAL F 12 28.92 -17.66 45.86
C VAL F 12 29.04 -16.15 45.66
N GLU F 13 29.93 -15.50 46.40
CA GLU F 13 30.07 -14.05 46.28
C GLU F 13 30.47 -13.67 44.86
N GLU F 14 31.47 -14.34 44.30
CA GLU F 14 31.90 -14.00 42.95
C GLU F 14 30.95 -14.50 41.87
N ALA F 15 30.13 -15.51 42.15
CA ALA F 15 29.24 -16.05 41.13
C ALA F 15 27.99 -15.20 40.92
N LEU F 16 27.59 -14.42 41.92
CA LEU F 16 26.40 -13.60 41.79
C LEU F 16 26.77 -12.26 41.13
N ASP F 17 25.83 -11.74 40.34
CA ASP F 17 26.01 -10.42 39.75
C ASP F 17 25.38 -9.36 40.65
N THR F 18 25.39 -8.11 40.20
CA THR F 18 25.04 -6.99 41.06
C THR F 18 23.61 -7.09 41.57
N ASP F 19 22.66 -7.36 40.68
CA ASP F 19 21.26 -7.43 41.07
C ASP F 19 20.99 -8.59 42.01
N GLU F 20 21.62 -9.74 41.78
CA GLU F 20 21.41 -10.88 42.66
C GLU F 20 21.94 -10.59 44.06
N LYS F 21 23.11 -9.94 44.15
CA LYS F 21 23.63 -9.57 45.47
C LYS F 21 22.73 -8.56 46.16
N GLU F 22 22.22 -7.57 45.41
CA GLU F 22 21.29 -6.61 45.99
C GLU F 22 20.03 -7.27 46.51
N LEU F 24 19.82 -10.41 47.52
CA LEU F 24 20.23 -11.17 48.68
C LEU F 24 20.30 -10.29 49.93
N LEU F 25 20.85 -9.08 49.78
CA LEU F 25 20.85 -8.15 50.91
C LEU F 25 19.43 -7.76 51.31
N PHE F 26 18.53 -7.59 50.33
CA PHE F 26 17.16 -7.22 50.66
C PHE F 26 16.43 -8.33 51.41
N LEU F 27 16.64 -9.58 50.98
CA LEU F 27 15.94 -10.72 51.60
C LEU F 27 16.36 -10.95 53.05
N CYS F 28 17.56 -10.54 53.44
CA CYS F 28 18.08 -10.78 54.78
C CYS F 28 18.02 -9.55 55.68
N ARG F 29 17.19 -8.57 55.34
CA ARG F 29 17.13 -7.34 56.12
C ARG F 29 16.47 -7.53 57.48
N ASP F 30 15.65 -8.56 57.64
CA ASP F 30 14.98 -8.81 58.91
C ASP F 30 15.85 -9.49 59.95
N VAL F 31 17.04 -9.99 59.59
CA VAL F 31 17.93 -10.56 60.59
C VAL F 31 18.76 -9.46 61.24
N ALA F 32 19.06 -9.64 62.52
CA ALA F 32 19.69 -8.60 63.33
C ALA F 32 21.03 -8.14 62.78
N VAL F 36 22.98 -3.71 59.76
CA VAL F 36 22.65 -3.92 58.35
C VAL F 36 23.94 -3.99 57.53
N PRO F 37 24.21 -5.19 56.99
CA PRO F 37 25.48 -5.43 56.30
C PRO F 37 25.56 -4.70 54.98
N PRO F 38 26.73 -4.16 54.65
CA PRO F 38 26.89 -3.43 53.38
C PRO F 38 27.14 -4.32 52.15
N ASN F 39 27.59 -5.57 52.32
CA ASN F 39 27.86 -6.44 51.17
C ASN F 39 27.52 -7.88 51.53
N VAL F 40 27.69 -8.75 50.54
CA VAL F 40 27.26 -10.14 50.67
C VAL F 40 28.26 -10.99 51.43
N ARG F 41 29.56 -10.76 51.24
CA ARG F 41 30.54 -11.49 52.03
C ARG F 41 30.32 -11.25 53.52
N ASP F 42 30.03 -9.99 53.91
CA ASP F 42 29.78 -9.69 55.31
C ASP F 42 28.49 -10.33 55.79
N LEU F 43 27.44 -10.33 54.95
CA LEU F 43 26.18 -10.97 55.33
C LEU F 43 26.38 -12.46 55.60
N LEU F 44 27.10 -13.13 54.69
CA LEU F 44 27.32 -14.55 54.83
C LEU F 44 28.24 -14.86 56.01
N ASP F 45 29.26 -14.02 56.24
CA ASP F 45 30.12 -14.23 57.40
C ASP F 45 29.33 -14.08 58.69
N ILE F 46 28.47 -13.06 58.77
CA ILE F 46 27.65 -12.86 59.96
C ILE F 46 26.72 -14.05 60.18
N LEU F 47 26.08 -14.54 59.12
CA LEU F 47 25.20 -15.70 59.25
C LEU F 47 25.98 -16.94 59.73
N ARG F 48 27.19 -17.11 59.23
CA ARG F 48 28.03 -18.21 59.68
C ARG F 48 28.37 -18.05 61.16
N GLU F 49 28.75 -16.84 61.57
CA GLU F 49 29.13 -16.58 62.95
C GLU F 49 28.02 -16.97 63.91
N ARG F 50 26.78 -16.81 63.48
CA ARG F 50 25.64 -17.12 64.31
C ARG F 50 25.14 -18.53 64.17
N GLY F 51 25.83 -19.37 63.41
CA GLY F 51 25.31 -20.71 63.21
C GLY F 51 24.07 -20.74 62.35
N LYS F 52 23.90 -19.78 61.45
CA LYS F 52 22.73 -19.66 60.58
C LYS F 52 23.09 -19.81 59.10
N LEU F 53 24.19 -20.47 58.77
CA LEU F 53 24.58 -20.71 57.38
C LEU F 53 24.81 -22.20 57.17
N SER F 54 23.78 -22.98 57.49
CA SER F 54 23.79 -24.39 57.19
C SER F 54 23.61 -24.60 55.69
N VAL F 55 23.66 -25.87 55.28
CA VAL F 55 23.42 -26.19 53.87
C VAL F 55 22.02 -25.75 53.47
N GLY F 56 21.03 -25.98 54.33
CA GLY F 56 19.68 -25.55 54.03
C GLY F 56 19.54 -24.04 53.96
N ASP F 57 20.27 -23.30 54.81
CA ASP F 57 20.18 -21.84 54.77
C ASP F 57 20.73 -21.30 53.45
N LEU F 58 21.92 -21.74 53.07
CA LEU F 58 22.50 -21.32 51.79
C LEU F 58 21.64 -21.76 50.61
N ALA F 59 21.04 -22.96 50.70
CA ALA F 59 20.17 -23.44 49.64
C ALA F 59 18.93 -22.57 49.49
N GLU F 60 18.31 -22.19 50.61
CA GLU F 60 17.16 -21.29 50.55
C GLU F 60 17.55 -19.95 49.94
N LEU F 61 18.72 -19.42 50.32
CA LEU F 61 19.15 -18.14 49.75
C LEU F 61 19.35 -18.25 48.24
N LEU F 62 20.05 -19.29 47.79
CA LEU F 62 20.28 -19.46 46.35
C LEU F 62 18.98 -19.71 45.61
N TYR F 63 18.03 -20.40 46.23
CA TYR F 63 16.74 -20.65 45.61
C TYR F 63 15.93 -19.36 45.47
N ARG F 64 16.03 -18.47 46.46
CA ARG F 64 15.25 -17.24 46.40
C ARG F 64 15.77 -16.28 45.33
N VAL F 65 17.07 -16.25 45.08
CA VAL F 65 17.63 -15.42 44.01
C VAL F 65 17.66 -16.23 42.72
N ARG F 66 17.04 -17.42 42.76
CA ARG F 66 16.75 -18.23 41.57
C ARG F 66 18.02 -18.60 40.81
N ARG F 67 19.08 -18.92 41.55
CA ARG F 67 20.32 -19.42 40.97
C ARG F 67 20.38 -20.94 41.16
N PHE F 68 19.54 -21.63 40.40
CA PHE F 68 19.47 -23.09 40.49
C PHE F 68 20.76 -23.73 39.99
N ASP F 69 21.46 -23.08 39.06
CA ASP F 69 22.77 -23.57 38.65
C ASP F 69 23.73 -23.63 39.82
N LEU F 70 23.71 -22.60 40.68
CA LEU F 70 24.57 -22.62 41.85
C LEU F 70 24.12 -23.68 42.84
N LEU F 71 22.81 -23.88 42.98
CA LEU F 71 22.32 -24.96 43.81
C LEU F 71 22.96 -26.28 43.41
N LYS F 72 22.89 -26.62 42.12
CA LYS F 72 23.42 -27.91 41.67
C LYS F 72 24.93 -27.96 41.79
N ARG F 73 25.62 -26.89 41.42
CA ARG F 73 27.08 -26.92 41.34
C ARG F 73 27.73 -26.87 42.72
N ILE F 74 27.18 -26.09 43.64
CA ILE F 74 27.79 -25.90 44.95
C ILE F 74 27.26 -26.88 45.98
N LEU F 75 25.93 -27.07 46.05
CA LEU F 75 25.34 -27.92 47.08
C LEU F 75 24.88 -29.28 46.56
N LYS F 76 25.03 -29.54 45.26
CA LYS F 76 24.63 -30.81 44.64
C LYS F 76 23.18 -31.17 44.96
N ASP F 78 18.75 -29.94 43.85
CA ASP F 78 17.88 -29.37 42.82
C ASP F 78 16.77 -28.54 43.44
N ARG F 79 15.89 -28.06 42.56
CA ARG F 79 14.76 -27.23 42.97
C ARG F 79 13.81 -28.00 43.89
N LYS F 80 13.51 -29.25 43.54
CA LYS F 80 12.52 -30.01 44.29
C LYS F 80 12.99 -30.27 45.71
N ALA F 81 14.26 -30.63 45.89
CA ALA F 81 14.79 -30.86 47.23
C ALA F 81 14.67 -29.61 48.10
N VAL F 82 14.99 -28.44 47.53
CA VAL F 82 14.89 -27.20 48.30
C VAL F 82 13.44 -26.89 48.64
N GLU F 83 12.51 -27.15 47.72
CA GLU F 83 11.10 -26.88 48.02
C GLU F 83 10.55 -27.82 49.08
N THR F 84 10.97 -29.08 49.05
CA THR F 84 10.59 -30.00 50.13
C THR F 84 11.15 -29.53 51.47
N HIS F 85 12.45 -29.21 51.50
CA HIS F 85 13.06 -28.70 52.72
C HIS F 85 12.34 -27.46 53.24
N LEU F 86 11.89 -26.60 52.33
CA LEU F 86 11.18 -25.39 52.73
C LEU F 86 9.80 -25.73 53.29
N LEU F 87 9.14 -26.75 52.73
CA LEU F 87 7.87 -27.20 53.29
C LEU F 87 8.04 -27.90 54.63
N ARG F 88 9.24 -28.38 54.95
CA ARG F 88 9.46 -29.16 56.16
C ARG F 88 10.15 -28.41 57.30
N ASN F 89 10.62 -27.19 57.07
CA ASN F 89 11.42 -26.49 58.08
C ASN F 89 11.05 -25.01 58.11
N PRO F 90 11.35 -24.33 59.21
CA PRO F 90 11.14 -22.88 59.26
C PRO F 90 12.05 -22.15 58.29
N HIS F 91 11.57 -21.01 57.81
CA HIS F 91 12.24 -20.25 56.76
C HIS F 91 13.15 -19.18 57.34
N LEU F 92 14.31 -19.00 56.72
CA LEU F 92 15.17 -17.87 57.08
C LEU F 92 14.57 -16.55 56.63
N VAL F 93 13.96 -16.50 55.44
CA VAL F 93 13.41 -15.29 54.85
C VAL F 93 11.88 -15.36 54.91
N SER F 94 11.28 -14.29 55.41
CA SER F 94 9.84 -14.24 55.63
C SER F 94 9.07 -14.19 54.31
N ASP F 95 7.80 -14.55 54.38
CA ASP F 95 6.94 -14.49 53.20
C ASP F 95 6.77 -13.06 52.70
N TYR F 96 6.87 -12.07 53.58
CA TYR F 96 6.75 -10.68 53.15
C TYR F 96 7.89 -10.28 52.22
N ARG F 97 9.12 -10.60 52.61
CA ARG F 97 10.29 -10.29 51.78
C ARG F 97 10.23 -11.05 50.45
N VAL F 98 9.83 -12.32 50.50
CA VAL F 98 9.66 -13.11 49.29
C VAL F 98 8.62 -12.47 48.38
N LEU F 99 7.52 -11.99 48.97
CA LEU F 99 6.45 -11.37 48.20
C LEU F 99 6.96 -10.12 47.49
N ALA F 101 10.10 -9.39 46.70
CA ALA F 101 11.05 -9.78 45.66
C ALA F 101 10.33 -10.27 44.41
N GLU F 102 9.25 -11.05 44.58
CA GLU F 102 8.53 -11.57 43.43
C GLU F 102 7.79 -10.46 42.68
N ILE F 103 7.13 -9.56 43.43
CA ILE F 103 6.52 -8.40 42.81
C ILE F 103 7.54 -7.66 41.98
N GLY F 104 8.74 -7.47 42.54
CA GLY F 104 9.79 -6.77 41.81
C GLY F 104 10.19 -7.50 40.55
N GLU F 105 10.24 -8.84 40.62
CA GLU F 105 10.66 -9.61 39.46
C GLU F 105 9.58 -9.66 38.38
N ASP F 106 8.35 -9.30 38.71
CA ASP F 106 7.28 -9.25 37.71
C ASP F 106 7.04 -7.86 37.14
N LEU F 107 7.92 -6.89 37.42
CA LEU F 107 7.77 -5.52 36.94
C LEU F 107 8.89 -5.16 35.98
N ASP F 108 8.53 -4.50 34.87
CA ASP F 108 9.53 -4.01 33.94
C ASP F 108 9.90 -2.57 34.29
N LYS F 109 10.85 -2.01 33.52
CA LYS F 109 11.42 -0.71 33.89
C LYS F 109 10.37 0.40 33.88
N SER F 110 9.46 0.39 32.91
CA SER F 110 8.43 1.43 32.85
C SER F 110 7.47 1.34 34.03
N ASP F 111 7.09 0.12 34.44
CA ASP F 111 6.25 -0.04 35.62
C ASP F 111 6.93 0.50 36.86
N VAL F 112 8.23 0.23 37.01
CA VAL F 112 8.96 0.73 38.17
C VAL F 112 9.03 2.25 38.14
N SER F 113 9.25 2.82 36.96
CA SER F 113 9.26 4.28 36.84
C SER F 113 7.92 4.87 37.24
N SER F 114 6.83 4.28 36.76
CA SER F 114 5.49 4.76 37.11
C SER F 114 5.22 4.61 38.60
N LEU F 115 5.66 3.51 39.21
CA LEU F 115 5.47 3.31 40.64
C LEU F 115 6.24 4.36 41.44
N ILE F 116 7.50 4.58 41.08
CA ILE F 116 8.32 5.57 41.77
C ILE F 116 7.69 6.95 41.65
N PHE F 117 7.18 7.29 40.45
CA PHE F 117 6.52 8.57 40.26
C PHE F 117 5.29 8.71 41.15
N LEU F 118 4.51 7.63 41.31
CA LEU F 118 3.31 7.72 42.13
C LEU F 118 3.67 7.91 43.60
N LYS F 120 6.23 9.33 44.86
CA LYS F 120 6.93 10.59 45.13
C LYS F 120 6.06 11.54 45.95
N ASP F 121 4.74 11.50 45.78
CA ASP F 121 3.85 12.29 46.62
C ASP F 121 3.96 11.90 48.09
N TYR F 122 4.43 10.71 48.40
CA TYR F 122 4.55 10.28 49.79
C TYR F 122 5.97 10.33 50.33
N GLY F 124 8.82 11.84 48.57
CA GLY F 124 9.73 12.77 47.92
C GLY F 124 10.65 12.07 46.94
N ARG F 125 11.65 12.83 46.48
CA ARG F 125 12.54 12.34 45.42
C ARG F 125 13.34 11.12 45.88
N GLY F 126 14.05 11.25 46.99
CA GLY F 126 14.93 10.17 47.41
C GLY F 126 16.30 10.29 46.78
N LYS F 127 16.94 9.16 46.48
CA LYS F 127 18.31 9.16 45.99
C LYS F 127 18.43 9.75 44.59
N LYS F 130 19.56 7.53 40.04
CA LYS F 130 18.63 7.62 38.93
C LYS F 130 17.92 6.29 38.68
N GLU F 131 18.71 5.25 38.38
CA GLU F 131 18.20 3.94 38.00
C GLU F 131 17.86 3.16 39.27
N LYS F 132 16.69 3.45 39.81
CA LYS F 132 16.25 2.86 41.06
C LYS F 132 15.41 1.62 40.77
N SER F 133 15.71 0.52 41.45
CA SER F 133 14.95 -0.70 41.28
C SER F 133 13.73 -0.70 42.21
N PHE F 134 12.85 -1.69 42.02
CA PHE F 134 11.68 -1.79 42.88
C PHE F 134 12.07 -2.05 44.34
N LEU F 135 13.10 -2.88 44.55
CA LEU F 135 13.49 -3.21 45.93
C LEU F 135 14.11 -2.01 46.63
N ASP F 136 14.87 -1.19 45.90
CA ASP F 136 15.35 0.07 46.47
C ASP F 136 14.18 0.96 46.90
N LEU F 137 13.13 1.00 46.08
CA LEU F 137 11.94 1.76 46.43
C LEU F 137 11.30 1.20 47.69
N VAL F 138 11.23 -0.12 47.80
CA VAL F 138 10.65 -0.74 48.99
C VAL F 138 11.47 -0.41 50.23
N VAL F 139 12.80 -0.42 50.10
CA VAL F 139 13.64 -0.08 51.23
C VAL F 139 13.40 1.35 51.68
N GLU F 140 13.36 2.28 50.72
CA GLU F 140 13.11 3.68 51.08
C GLU F 140 11.71 3.87 51.66
N LEU F 141 10.73 3.09 51.20
CA LEU F 141 9.40 3.19 51.80
C LEU F 141 9.38 2.62 53.23
N GLU F 142 10.16 1.55 53.46
CA GLU F 142 10.23 0.97 54.80
C GLU F 142 10.88 1.94 55.78
N LYS F 143 11.95 2.61 55.35
CA LYS F 143 12.62 3.57 56.23
C LYS F 143 11.70 4.72 56.63
N LEU F 144 10.72 5.05 55.79
CA LEU F 144 9.72 6.07 56.09
C LEU F 144 8.43 5.48 56.66
N ASN F 145 8.41 4.18 56.97
CA ASN F 145 7.24 3.52 57.54
C ASN F 145 6.00 3.66 56.67
N LEU F 146 6.19 3.62 55.35
CA LEU F 146 5.08 3.65 54.41
C LEU F 146 4.64 2.27 53.94
N VAL F 147 5.45 1.23 54.18
CA VAL F 147 5.06 -0.13 53.86
C VAL F 147 5.65 -1.05 54.93
N ALA F 148 4.91 -2.12 55.24
CA ALA F 148 5.30 -3.06 56.27
C ALA F 148 4.49 -4.33 56.06
N PRO F 149 4.91 -5.46 56.66
CA PRO F 149 4.13 -6.70 56.51
C PRO F 149 2.66 -6.55 56.86
N ASP F 150 2.34 -5.69 57.84
CA ASP F 150 0.97 -5.44 58.25
C ASP F 150 0.44 -4.11 57.72
N GLN F 151 1.10 -3.53 56.71
CA GLN F 151 0.72 -2.22 56.18
C GLN F 151 1.05 -2.21 54.68
N LEU F 152 0.14 -2.73 53.87
CA LEU F 152 0.39 -2.88 52.45
C LEU F 152 -0.62 -2.16 51.55
N ASP F 153 -1.57 -1.42 52.12
CA ASP F 153 -2.66 -0.88 51.31
C ASP F 153 -2.16 0.16 50.31
N LEU F 154 -1.19 0.98 50.70
CA LEU F 154 -0.65 1.99 49.78
C LEU F 154 0.02 1.33 48.58
N LEU F 155 0.79 0.26 48.82
CA LEU F 155 1.40 -0.47 47.72
C LEU F 155 0.33 -1.10 46.82
N GLU F 156 -0.76 -1.58 47.43
CA GLU F 156 -1.88 -2.09 46.63
C GLU F 156 -2.45 -1.00 45.71
N LYS F 157 -2.69 0.18 46.26
CA LYS F 157 -3.21 1.29 45.45
C LYS F 157 -2.29 1.58 44.28
N CYS F 158 -0.99 1.65 44.56
CA CYS F 158 -0.04 1.95 43.49
C CYS F 158 0.00 0.86 42.43
N LEU F 159 -0.07 -0.41 42.84
CA LEU F 159 -0.08 -1.49 41.85
C LEU F 159 -1.37 -1.47 41.02
N LYS F 160 -2.50 -1.14 41.65
CA LYS F 160 -3.74 -1.05 40.91
C LYS F 160 -3.72 0.09 39.90
N ASN F 161 -3.12 1.23 40.26
CA ASN F 161 -3.11 2.37 39.35
C ASN F 161 -2.20 2.17 38.14
N ILE F 162 -1.26 1.24 38.20
CA ILE F 162 -0.47 0.90 37.03
C ILE F 162 -1.03 -0.35 36.34
N HIS F 163 -2.28 -0.70 36.64
CA HIS F 163 -3.02 -1.74 35.93
C HIS F 163 -2.39 -3.12 36.11
N ARG F 164 -1.75 -3.35 37.24
CA ARG F 164 -1.21 -4.65 37.60
C ARG F 164 -2.03 -5.26 38.73
N ILE F 165 -3.29 -5.56 38.45
CA ILE F 165 -4.18 -6.14 39.46
C ILE F 165 -3.71 -7.52 39.88
N ASP F 166 -2.99 -8.24 39.02
CA ASP F 166 -2.48 -9.55 39.39
C ASP F 166 -1.54 -9.47 40.59
N LEU F 167 -0.69 -8.45 40.64
CA LEU F 167 0.22 -8.29 41.77
C LEU F 167 -0.53 -7.88 43.03
N LYS F 168 -1.57 -7.05 42.87
CA LYS F 168 -2.45 -6.75 43.99
C LYS F 168 -3.12 -8.02 44.51
N THR F 169 -3.47 -8.94 43.60
CA THR F 169 -4.05 -10.22 44.01
C THR F 169 -3.05 -11.07 44.78
N LYS F 170 -1.79 -11.10 44.34
CA LYS F 170 -0.76 -11.80 45.12
C LYS F 170 -0.62 -11.20 46.51
N ILE F 171 -0.63 -9.87 46.61
CA ILE F 171 -0.57 -9.24 47.92
C ILE F 171 -1.77 -9.65 48.77
N GLN F 172 -2.95 -9.70 48.17
CA GLN F 172 -4.15 -10.05 48.92
C GLN F 172 -4.11 -11.50 49.38
N LYS F 173 -3.53 -12.39 48.57
CA LYS F 173 -3.37 -13.78 48.99
C LYS F 173 -2.38 -13.90 50.15
N TYR F 174 -1.29 -13.14 50.08
CA TYR F 174 -0.40 -13.05 51.24
C TYR F 174 -1.14 -12.56 52.48
N LYS F 175 -1.97 -11.54 52.32
CA LYS F 175 -2.73 -11.01 53.44
C LYS F 175 -3.63 -12.08 54.05
N GLN F 176 -4.25 -12.90 53.19
CA GLN F 176 -5.11 -13.96 53.68
C GLN F 176 -4.33 -15.12 54.28
N SER F 177 -3.07 -15.32 53.89
CA SER F 177 -2.30 -16.41 54.47
C SER F 177 -1.92 -16.15 55.92
N VAL F 178 -1.87 -14.89 56.35
CA VAL F 178 -1.56 -14.60 57.74
C VAL F 178 -2.85 -14.45 58.52
N HIS G 3 21.18 -25.27 2.03
CA HIS G 3 21.65 -26.24 1.05
C HIS G 3 21.47 -25.69 -0.37
N SER G 5 21.44 -22.58 -2.79
CA SER G 5 22.20 -21.35 -2.69
C SER G 5 21.31 -20.13 -2.90
N ALA G 6 21.74 -19.00 -2.35
CA ALA G 6 21.06 -17.74 -2.63
C ALA G 6 21.11 -17.40 -4.12
N GLU G 7 22.15 -17.84 -4.82
CA GLU G 7 22.27 -17.57 -6.25
C GLU G 7 21.17 -18.26 -7.04
N VAL G 8 20.88 -19.52 -6.72
CA VAL G 8 19.81 -20.24 -7.41
C VAL G 8 18.45 -19.59 -7.11
N ILE G 9 18.20 -19.27 -5.85
CA ILE G 9 16.95 -18.60 -5.48
C ILE G 9 16.81 -17.29 -6.24
N GLY G 10 17.91 -16.54 -6.38
CA GLY G 10 17.85 -15.27 -7.09
C GLY G 10 17.58 -15.44 -8.58
N GLN G 11 18.20 -16.44 -9.19
CA GLN G 11 17.93 -16.71 -10.61
C GLN G 11 16.47 -17.06 -10.84
N VAL G 12 15.93 -17.94 -9.98
CA VAL G 12 14.51 -18.28 -10.07
C VAL G 12 13.65 -17.03 -9.91
N GLU G 13 13.89 -16.25 -8.85
CA GLU G 13 13.03 -15.11 -8.56
C GLU G 13 13.08 -14.09 -9.69
N GLU G 14 14.27 -13.80 -10.24
CA GLU G 14 14.38 -12.83 -11.32
C GLU G 14 13.78 -13.35 -12.63
N ALA G 15 13.66 -14.67 -12.79
CA ALA G 15 13.11 -15.19 -14.05
C ALA G 15 11.58 -15.24 -14.07
N LEU G 16 10.90 -14.99 -12.95
CA LEU G 16 9.45 -15.15 -12.88
C LEU G 16 8.74 -13.81 -13.02
N ASP G 17 7.50 -13.86 -13.54
CA ASP G 17 6.66 -12.67 -13.67
C ASP G 17 5.60 -12.65 -12.58
N THR G 18 4.82 -11.55 -12.56
CA THR G 18 3.93 -11.27 -11.44
C THR G 18 2.93 -12.39 -11.20
N ASP G 19 2.37 -12.95 -12.28
CA ASP G 19 1.36 -13.99 -12.12
C ASP G 19 1.95 -15.27 -11.57
N GLU G 20 3.10 -15.70 -12.11
CA GLU G 20 3.74 -16.89 -11.58
C GLU G 20 4.19 -16.69 -10.14
N LYS G 21 4.61 -15.47 -9.77
CA LYS G 21 4.99 -15.23 -8.39
C LYS G 21 3.80 -15.34 -7.45
N GLU G 22 2.65 -14.76 -7.85
CA GLU G 22 1.46 -14.87 -7.01
C GLU G 22 0.98 -16.32 -6.93
N LEU G 24 2.95 -19.05 -7.15
CA LEU G 24 3.89 -19.69 -6.23
C LEU G 24 3.55 -19.41 -4.78
N LEU G 25 3.23 -18.15 -4.47
CA LEU G 25 2.83 -17.82 -3.10
C LEU G 25 1.59 -18.61 -2.69
N PHE G 26 0.63 -18.74 -3.60
CA PHE G 26 -0.57 -19.49 -3.26
C PHE G 26 -0.27 -20.97 -3.09
N LEU G 27 0.53 -21.54 -3.99
CA LEU G 27 0.77 -23.00 -3.98
C LEU G 27 1.45 -23.46 -2.70
N CYS G 28 2.24 -22.60 -2.06
CA CYS G 28 2.99 -22.97 -0.87
C CYS G 28 2.26 -22.62 0.42
N ARG G 29 0.99 -22.22 0.34
CA ARG G 29 0.30 -21.83 1.57
C ARG G 29 0.26 -22.96 2.59
N ASP G 30 0.23 -24.22 2.16
CA ASP G 30 0.17 -25.31 3.11
C ASP G 30 1.53 -25.62 3.72
N VAL G 31 2.61 -25.48 2.96
CA VAL G 31 3.94 -25.76 3.47
C VAL G 31 4.32 -24.78 4.58
N ALA G 32 3.92 -23.51 4.44
CA ALA G 32 4.19 -22.48 5.45
C ALA G 32 2.86 -21.83 5.86
N ILE G 33 1.99 -22.62 6.49
CA ILE G 33 0.65 -22.13 6.87
C ILE G 33 0.78 -20.95 7.83
N ASP G 34 1.76 -20.99 8.73
CA ASP G 34 1.76 -20.06 9.86
C ASP G 34 2.07 -18.62 9.46
N VAL G 35 2.65 -18.39 8.29
CA VAL G 35 3.17 -17.07 7.94
C VAL G 35 2.82 -16.76 6.50
N VAL G 36 2.51 -15.49 6.23
CA VAL G 36 2.26 -15.02 4.87
C VAL G 36 3.51 -14.30 4.38
N PRO G 37 4.35 -14.94 3.58
CA PRO G 37 5.56 -14.27 3.07
C PRO G 37 5.18 -13.11 2.16
N PRO G 38 5.92 -12.01 2.22
CA PRO G 38 5.59 -10.86 1.36
C PRO G 38 5.94 -11.05 -0.11
N ASN G 39 6.88 -11.93 -0.43
CA ASN G 39 7.35 -12.05 -1.81
C ASN G 39 8.07 -13.39 -1.97
N VAL G 40 8.45 -13.68 -3.21
CA VAL G 40 8.94 -15.01 -3.57
C VAL G 40 10.29 -15.29 -2.93
N ARG G 41 11.19 -14.32 -2.92
CA ARG G 41 12.51 -14.56 -2.33
C ARG G 41 12.39 -14.89 -0.85
N ASP G 42 11.56 -14.14 -0.13
CA ASP G 42 11.33 -14.43 1.28
C ASP G 42 10.65 -15.78 1.45
N LEU G 43 9.73 -16.14 0.55
CA LEU G 43 9.09 -17.44 0.62
C LEU G 43 10.12 -18.56 0.52
N LEU G 44 11.00 -18.47 -0.48
CA LEU G 44 11.99 -19.53 -0.68
C LEU G 44 12.99 -19.58 0.45
N ASP G 45 13.35 -18.41 1.02
CA ASP G 45 14.20 -18.41 2.21
C ASP G 45 13.52 -19.10 3.39
N ILE G 46 12.22 -18.81 3.59
CA ILE G 46 11.44 -19.49 4.62
C ILE G 46 11.43 -21.00 4.38
N LEU G 47 11.37 -21.42 3.11
CA LEU G 47 11.40 -22.84 2.81
C LEU G 47 12.75 -23.46 3.16
N ARG G 48 13.85 -22.72 2.95
CA ARG G 48 15.15 -23.20 3.40
C ARG G 48 15.19 -23.35 4.92
N GLU G 49 14.74 -22.34 5.64
CA GLU G 49 14.78 -22.42 7.10
C GLU G 49 13.95 -23.58 7.63
N ARG G 50 12.92 -23.99 6.90
CA ARG G 50 12.04 -25.09 7.34
C ARG G 50 12.47 -26.45 6.79
N GLY G 51 13.59 -26.52 6.07
CA GLY G 51 14.02 -27.78 5.51
C GLY G 51 13.18 -28.29 4.37
N LYS G 52 12.46 -27.41 3.68
CA LYS G 52 11.57 -27.79 2.59
C LYS G 52 12.03 -27.25 1.24
N LEU G 53 13.35 -27.09 1.04
CA LEU G 53 13.86 -26.56 -0.22
C LEU G 53 15.11 -27.33 -0.66
N SER G 54 14.96 -28.62 -0.86
CA SER G 54 15.95 -29.43 -1.56
C SER G 54 15.83 -29.19 -3.07
N VAL G 55 16.70 -29.85 -3.83
CA VAL G 55 16.64 -29.72 -5.29
C VAL G 55 15.29 -30.21 -5.81
N GLY G 56 14.77 -31.29 -5.23
CA GLY G 56 13.49 -31.83 -5.67
C GLY G 56 12.33 -30.92 -5.36
N ASP G 57 12.35 -30.27 -4.19
CA ASP G 57 11.28 -29.34 -3.83
C ASP G 57 11.23 -28.16 -4.81
N LEU G 58 12.37 -27.55 -5.10
CA LEU G 58 12.41 -26.46 -6.06
C LEU G 58 12.01 -26.95 -7.44
N ALA G 59 12.42 -28.17 -7.80
CA ALA G 59 12.02 -28.74 -9.08
C ALA G 59 10.50 -28.87 -9.17
N GLU G 60 9.87 -29.36 -8.10
CA GLU G 60 8.42 -29.43 -8.07
C GLU G 60 7.77 -28.06 -8.21
N LEU G 61 8.31 -27.06 -7.51
CA LEU G 61 7.72 -25.72 -7.59
C LEU G 61 7.83 -25.18 -9.01
N LEU G 62 8.96 -25.40 -9.67
CA LEU G 62 9.12 -24.94 -11.05
C LEU G 62 8.22 -25.73 -12.01
N TYR G 63 8.01 -27.01 -11.72
CA TYR G 63 7.08 -27.82 -12.51
C TYR G 63 5.65 -27.30 -12.37
N ARG G 64 5.27 -26.87 -11.17
CA ARG G 64 3.89 -26.42 -10.95
C ARG G 64 3.59 -25.13 -11.71
N VAL G 65 4.57 -24.24 -11.81
CA VAL G 65 4.36 -22.99 -12.56
C VAL G 65 4.79 -23.19 -14.00
N ARG G 66 5.05 -24.45 -14.39
CA ARG G 66 5.29 -24.86 -15.77
C ARG G 66 6.43 -24.09 -16.42
N ARG G 67 7.53 -23.92 -15.69
CA ARG G 67 8.72 -23.25 -16.23
C ARG G 67 9.81 -24.30 -16.47
N PHE G 68 9.62 -25.07 -17.54
CA PHE G 68 10.59 -26.11 -17.88
C PHE G 68 11.88 -25.50 -18.38
N ASP G 69 11.81 -24.28 -18.94
CA ASP G 69 13.02 -23.55 -19.28
C ASP G 69 13.90 -23.37 -18.05
N LEU G 70 13.30 -22.99 -16.91
CA LEU G 70 14.07 -22.81 -15.70
C LEU G 70 14.56 -24.14 -15.15
N LEU G 71 13.72 -25.18 -15.21
CA LEU G 71 14.16 -26.52 -14.84
C LEU G 71 15.46 -26.89 -15.55
N LYS G 72 15.48 -26.75 -16.88
CA LYS G 72 16.65 -27.12 -17.65
C LYS G 72 17.85 -26.22 -17.34
N ARG G 73 17.65 -24.90 -17.40
CA ARG G 73 18.79 -23.99 -17.26
C ARG G 73 19.35 -24.01 -15.85
N ILE G 74 18.50 -23.84 -14.83
CA ILE G 74 18.97 -23.67 -13.46
C ILE G 74 19.28 -25.02 -12.82
N LEU G 75 18.45 -26.03 -13.05
CA LEU G 75 18.60 -27.28 -12.31
C LEU G 75 19.00 -28.46 -13.19
N LYS G 76 19.21 -28.25 -14.49
CA LYS G 76 19.68 -29.30 -15.41
C LYS G 76 18.73 -30.50 -15.40
N ASP G 78 14.68 -32.11 -16.83
CA ASP G 78 13.57 -32.06 -17.76
C ASP G 78 12.28 -32.55 -17.09
N ARG G 79 11.23 -32.65 -17.89
CA ARG G 79 9.92 -33.02 -17.36
C ARG G 79 9.90 -34.43 -16.80
N LYS G 80 10.58 -35.38 -17.47
CA LYS G 80 10.53 -36.76 -17.04
C LYS G 80 11.17 -36.97 -15.67
N ALA G 81 12.30 -36.29 -15.41
CA ALA G 81 12.98 -36.48 -14.13
C ALA G 81 12.13 -35.95 -12.97
N VAL G 82 11.51 -34.78 -13.15
CA VAL G 82 10.72 -34.24 -12.05
C VAL G 82 9.44 -35.06 -11.87
N GLU G 83 8.87 -35.58 -12.96
CA GLU G 83 7.67 -36.41 -12.82
C GLU G 83 8.00 -37.74 -12.16
N THR G 84 9.15 -38.34 -12.49
CA THR G 84 9.56 -39.54 -11.79
C THR G 84 9.77 -39.27 -10.30
N HIS G 85 10.34 -38.09 -9.99
CA HIS G 85 10.52 -37.73 -8.59
C HIS G 85 9.17 -37.58 -7.88
N LEU G 86 8.20 -36.94 -8.55
CA LEU G 86 6.88 -36.75 -7.95
C LEU G 86 6.15 -38.08 -7.74
N LEU G 87 6.36 -39.05 -8.64
CA LEU G 87 5.73 -40.36 -8.45
C LEU G 87 6.26 -41.08 -7.22
N ARG G 88 7.53 -40.85 -6.86
CA ARG G 88 8.20 -41.64 -5.84
C ARG G 88 8.45 -40.88 -4.55
N ASN G 89 7.88 -39.68 -4.40
CA ASN G 89 8.12 -38.88 -3.20
C ASN G 89 6.87 -38.09 -2.86
N PRO G 90 6.65 -37.77 -1.59
CA PRO G 90 5.49 -36.93 -1.22
C PRO G 90 5.63 -35.52 -1.79
N HIS G 91 4.48 -34.93 -2.13
CA HIS G 91 4.45 -33.66 -2.83
C HIS G 91 4.42 -32.49 -1.84
N LEU G 92 5.16 -31.44 -2.17
CA LEU G 92 4.98 -30.16 -1.47
C LEU G 92 3.58 -29.61 -1.69
N VAL G 93 3.12 -29.65 -2.93
CA VAL G 93 1.89 -28.98 -3.34
C VAL G 93 0.82 -30.03 -3.53
N SER G 94 -0.23 -29.96 -2.71
CA SER G 94 -1.36 -30.88 -2.80
C SER G 94 -2.06 -30.73 -4.15
N ASP G 95 -2.86 -31.75 -4.49
CA ASP G 95 -3.66 -31.72 -5.72
C ASP G 95 -4.76 -30.66 -5.65
N TYR G 96 -5.26 -30.38 -4.44
CA TYR G 96 -6.26 -29.34 -4.28
C TYR G 96 -5.73 -27.97 -4.72
N ARG G 97 -4.51 -27.63 -4.32
CA ARG G 97 -3.93 -26.33 -4.68
C ARG G 97 -3.62 -26.26 -6.17
N VAL G 98 -3.12 -27.36 -6.73
CA VAL G 98 -2.93 -27.44 -8.17
C VAL G 98 -4.27 -27.19 -8.89
N LEU G 99 -5.36 -27.78 -8.37
CA LEU G 99 -6.67 -27.60 -8.98
C LEU G 99 -7.14 -26.14 -8.90
N ALA G 101 -5.22 -23.40 -8.66
CA ALA G 101 -4.44 -22.61 -9.61
C ALA G 101 -4.90 -22.84 -11.05
N GLU G 102 -5.20 -24.09 -11.39
CA GLU G 102 -5.61 -24.42 -12.75
C GLU G 102 -6.94 -23.76 -13.10
N ILE G 103 -7.89 -23.78 -12.16
CA ILE G 103 -9.16 -23.07 -12.33
C ILE G 103 -8.90 -21.58 -12.52
N GLY G 104 -8.02 -21.01 -11.69
CA GLY G 104 -7.76 -19.58 -11.75
C GLY G 104 -7.16 -19.15 -13.07
N GLU G 105 -6.36 -20.02 -13.69
CA GLU G 105 -5.79 -19.68 -15.00
C GLU G 105 -6.86 -19.49 -16.06
N ASP G 106 -8.02 -20.15 -15.93
CA ASP G 106 -9.05 -20.06 -16.94
C ASP G 106 -10.13 -19.03 -16.62
N LEU G 107 -9.96 -18.24 -15.57
CA LEU G 107 -10.92 -17.19 -15.21
C LEU G 107 -10.29 -15.82 -15.44
N ASP G 108 -11.00 -14.95 -16.16
CA ASP G 108 -10.62 -13.56 -16.30
C ASP G 108 -11.19 -12.74 -15.13
N LYS G 109 -10.90 -11.44 -15.13
CA LYS G 109 -11.32 -10.59 -14.01
C LYS G 109 -12.83 -10.42 -13.95
N SER G 110 -13.47 -10.33 -15.12
CA SER G 110 -14.94 -10.26 -15.15
C SER G 110 -15.56 -11.48 -14.48
N ASP G 111 -15.07 -12.68 -14.82
CA ASP G 111 -15.61 -13.88 -14.20
C ASP G 111 -15.39 -13.86 -12.69
N VAL G 112 -14.25 -13.35 -12.23
CA VAL G 112 -13.98 -13.33 -10.80
C VAL G 112 -14.93 -12.36 -10.09
N SER G 113 -15.18 -11.19 -10.69
CA SER G 113 -16.12 -10.26 -10.06
C SER G 113 -17.54 -10.83 -10.06
N SER G 114 -17.92 -11.56 -11.11
CA SER G 114 -19.22 -12.23 -11.09
C SER G 114 -19.29 -13.27 -9.98
N LEU G 115 -18.22 -14.05 -9.81
CA LEU G 115 -18.18 -15.04 -8.73
C LEU G 115 -18.30 -14.38 -7.37
N ILE G 116 -17.61 -13.26 -7.19
CA ILE G 116 -17.65 -12.54 -5.91
C ILE G 116 -19.06 -12.04 -5.64
N PHE G 117 -19.67 -11.39 -6.63
CA PHE G 117 -21.05 -10.94 -6.48
C PHE G 117 -21.96 -12.06 -5.98
N LEU G 118 -21.84 -13.26 -6.56
CA LEU G 118 -22.67 -14.37 -6.11
C LEU G 118 -22.36 -14.77 -4.67
N LYS G 120 -20.74 -12.97 -2.05
CA LYS G 120 -20.70 -11.92 -1.01
C LYS G 120 -21.47 -12.30 0.24
N ASP G 121 -22.73 -12.71 0.06
CA ASP G 121 -23.62 -12.91 1.20
C ASP G 121 -23.28 -14.20 1.96
N TYR G 122 -22.79 -15.23 1.27
CA TYR G 122 -22.23 -16.37 1.99
C TYR G 122 -21.02 -15.93 2.83
N GLY G 124 -20.15 -12.90 3.94
CA GLY G 124 -20.22 -11.69 4.75
C GLY G 124 -19.12 -10.72 4.40
N ARG G 125 -18.86 -10.54 3.11
CA ARG G 125 -17.79 -9.70 2.61
C ARG G 125 -18.27 -8.25 2.52
N GLY G 126 -17.33 -7.32 2.66
CA GLY G 126 -17.61 -5.92 2.49
C GLY G 126 -17.49 -5.49 1.05
N LYS G 127 -17.35 -4.19 0.84
CA LYS G 127 -17.19 -3.59 -0.48
C LYS G 127 -15.72 -3.27 -0.68
N ILE G 128 -15.06 -3.99 -1.59
CA ILE G 128 -13.63 -3.81 -1.85
C ILE G 128 -13.48 -3.44 -3.32
N SER G 129 -13.08 -2.19 -3.58
CA SER G 129 -12.94 -1.67 -4.93
C SER G 129 -11.55 -1.90 -5.51
N LYS G 130 -10.99 -3.08 -5.31
CA LYS G 130 -9.70 -3.45 -5.88
C LYS G 130 -9.87 -4.75 -6.67
N GLU G 131 -9.15 -4.85 -7.79
CA GLU G 131 -9.23 -6.06 -8.60
C GLU G 131 -8.67 -7.24 -7.83
N LYS G 132 -9.39 -8.35 -7.87
CA LYS G 132 -8.99 -9.57 -7.19
C LYS G 132 -8.87 -10.71 -8.19
N SER G 133 -7.79 -11.48 -8.07
CA SER G 133 -7.68 -12.70 -8.84
C SER G 133 -8.52 -13.80 -8.21
N PHE G 134 -8.60 -14.95 -8.89
CA PHE G 134 -9.30 -16.08 -8.31
C PHE G 134 -8.55 -16.66 -7.13
N LEU G 135 -7.21 -16.61 -7.15
CA LEU G 135 -6.43 -17.14 -6.02
C LEU G 135 -6.66 -16.33 -4.76
N ASP G 136 -6.78 -14.99 -4.89
CA ASP G 136 -7.09 -14.15 -3.73
C ASP G 136 -8.46 -14.50 -3.15
N LEU G 137 -9.43 -14.76 -4.03
CA LEU G 137 -10.74 -15.17 -3.55
C LEU G 137 -10.66 -16.53 -2.85
N VAL G 138 -9.91 -17.47 -3.42
CA VAL G 138 -9.74 -18.76 -2.74
C VAL G 138 -9.18 -18.54 -1.35
N VAL G 139 -8.17 -17.67 -1.22
CA VAL G 139 -7.60 -17.40 0.10
C VAL G 139 -8.66 -16.85 1.05
N GLU G 140 -9.48 -15.88 0.60
CA GLU G 140 -10.53 -15.36 1.48
C GLU G 140 -11.49 -16.47 1.91
N LEU G 141 -11.91 -17.31 0.96
CA LEU G 141 -12.82 -18.41 1.28
C LEU G 141 -12.18 -19.38 2.26
N GLU G 142 -10.90 -19.70 2.09
CA GLU G 142 -10.21 -20.55 3.05
C GLU G 142 -10.20 -19.92 4.42
N LYS G 143 -10.01 -18.60 4.48
CA LYS G 143 -10.03 -17.94 5.78
C LYS G 143 -11.40 -18.06 6.44
N LEU G 144 -12.47 -18.19 5.66
CA LEU G 144 -13.81 -18.34 6.23
C LEU G 144 -14.24 -19.79 6.40
N ASN G 145 -13.34 -20.76 6.20
CA ASN G 145 -13.68 -22.19 6.19
C ASN G 145 -14.84 -22.51 5.24
N LEU G 146 -14.87 -21.84 4.09
CA LEU G 146 -15.92 -22.06 3.10
C LEU G 146 -15.45 -22.89 1.92
N VAL G 147 -14.15 -23.21 1.85
CA VAL G 147 -13.63 -24.09 0.82
C VAL G 147 -12.43 -24.81 1.41
N ALA G 148 -12.28 -26.08 1.04
CA ALA G 148 -11.20 -26.94 1.52
C ALA G 148 -11.13 -28.14 0.60
N PRO G 149 -10.03 -28.90 0.65
CA PRO G 149 -9.93 -30.11 -0.22
C PRO G 149 -11.15 -31.02 -0.15
N ASP G 150 -11.81 -31.11 1.00
CA ASP G 150 -12.99 -31.95 1.19
C ASP G 150 -14.30 -31.15 1.19
N GLN G 151 -14.27 -29.87 0.83
CA GLN G 151 -15.45 -28.99 0.94
C GLN G 151 -15.47 -28.09 -0.29
N LEU G 152 -15.86 -28.66 -1.44
CA LEU G 152 -15.83 -27.97 -2.71
C LEU G 152 -17.21 -27.69 -3.29
N ASP G 153 -18.29 -27.98 -2.56
CA ASP G 153 -19.63 -27.87 -3.12
C ASP G 153 -20.03 -26.41 -3.37
N LEU G 154 -19.66 -25.49 -2.49
CA LEU G 154 -20.02 -24.09 -2.71
C LEU G 154 -19.32 -23.53 -3.95
N LEU G 155 -18.01 -23.79 -4.06
CA LEU G 155 -17.27 -23.33 -5.24
C LEU G 155 -17.83 -23.96 -6.51
N GLU G 156 -18.15 -25.25 -6.44
CA GLU G 156 -18.74 -25.96 -7.58
C GLU G 156 -20.05 -25.30 -8.02
N LYS G 157 -20.95 -25.06 -7.06
CA LYS G 157 -22.22 -24.44 -7.38
C LYS G 157 -22.03 -23.07 -8.01
N CYS G 158 -21.10 -22.27 -7.47
CA CYS G 158 -20.96 -20.91 -8.00
C CYS G 158 -20.28 -20.90 -9.36
N LEU G 159 -19.36 -21.82 -9.62
CA LEU G 159 -18.81 -21.94 -10.97
C LEU G 159 -19.90 -22.35 -11.95
N LYS G 160 -20.82 -23.21 -11.52
CA LYS G 160 -21.96 -23.56 -12.36
C LYS G 160 -22.83 -22.33 -12.63
N ASN G 161 -23.10 -21.53 -11.58
CA ASN G 161 -24.00 -20.39 -11.72
C ASN G 161 -23.47 -19.34 -12.69
N ILE G 162 -22.17 -19.27 -12.91
CA ILE G 162 -21.64 -18.34 -13.91
C ILE G 162 -21.37 -19.12 -15.20
N HIS G 163 -22.00 -20.27 -15.36
CA HIS G 163 -22.00 -21.01 -16.63
C HIS G 163 -20.59 -21.46 -17.02
N ARG G 164 -19.74 -21.75 -16.05
CA ARG G 164 -18.45 -22.37 -16.32
C ARG G 164 -18.53 -23.84 -15.93
N ILE G 165 -19.33 -24.58 -16.71
CA ILE G 165 -19.50 -26.02 -16.47
C ILE G 165 -18.18 -26.74 -16.62
N ASP G 166 -17.31 -26.25 -17.51
CA ASP G 166 -15.99 -26.84 -17.72
C ASP G 166 -15.15 -26.86 -16.43
N LEU G 167 -15.15 -25.75 -15.69
CA LEU G 167 -14.36 -25.68 -14.47
C LEU G 167 -14.98 -26.55 -13.37
N LYS G 168 -16.31 -26.54 -13.29
CA LYS G 168 -16.99 -27.46 -12.38
C LYS G 168 -16.61 -28.90 -12.68
N THR G 169 -16.46 -29.25 -13.96
CA THR G 169 -16.06 -30.59 -14.35
C THR G 169 -14.64 -30.89 -13.88
N LYS G 170 -13.75 -29.91 -13.98
CA LYS G 170 -12.42 -30.08 -13.39
C LYS G 170 -12.52 -30.44 -11.92
N ILE G 171 -13.42 -29.79 -11.19
CA ILE G 171 -13.60 -30.14 -9.77
C ILE G 171 -14.12 -31.57 -9.62
N GLN G 172 -15.05 -31.97 -10.50
CA GLN G 172 -15.63 -33.31 -10.40
C GLN G 172 -14.58 -34.38 -10.65
N LYS G 173 -13.71 -34.15 -11.64
CA LYS G 173 -12.60 -35.06 -11.88
C LYS G 173 -11.65 -35.10 -10.69
N TYR G 174 -11.42 -33.97 -10.03
CA TYR G 174 -10.59 -34.00 -8.82
C TYR G 174 -11.23 -34.89 -7.77
N LYS G 175 -12.54 -34.76 -7.56
CA LYS G 175 -13.21 -35.56 -6.54
C LYS G 175 -13.21 -37.05 -6.88
N GLN G 176 -13.40 -37.37 -8.17
CA GLN G 176 -13.36 -38.77 -8.59
C GLN G 176 -11.95 -39.35 -8.45
N SER G 177 -10.92 -38.56 -8.77
CA SER G 177 -9.55 -39.02 -8.58
C SER G 177 -9.25 -39.26 -7.10
N VAL G 178 -9.78 -38.40 -6.22
CA VAL G 178 -9.54 -38.60 -4.79
C VAL G 178 -10.26 -39.84 -4.30
N GLN G 179 -11.53 -40.03 -4.70
CA GLN G 179 -12.28 -41.20 -4.25
C GLN G 179 -11.79 -42.49 -4.90
N GLY G 180 -11.05 -42.40 -6.01
CA GLY G 180 -10.45 -43.59 -6.58
C GLY G 180 -9.26 -44.09 -5.76
N ALA G 181 -8.51 -43.17 -5.16
CA ALA G 181 -7.38 -43.52 -4.30
C ALA G 181 -7.73 -43.39 -2.82
N SER H 2 -11.43 16.99 41.45
CA SER H 2 -11.35 18.23 42.22
C SER H 2 -9.95 18.46 42.78
N HIS H 3 -9.17 17.40 42.91
CA HIS H 3 -7.82 17.45 43.45
C HIS H 3 -6.83 16.97 42.42
N SER H 5 -3.32 15.05 41.58
CA SER H 5 -2.46 14.03 42.19
C SER H 5 -1.51 13.52 41.12
N ALA H 6 -0.66 12.59 41.51
CA ALA H 6 0.23 11.97 40.52
C ALA H 6 -0.49 10.91 39.71
N GLU H 7 -1.62 10.41 40.19
CA GLU H 7 -2.42 9.43 39.45
C GLU H 7 -2.98 10.05 38.18
N VAL H 8 -3.49 11.28 38.28
CA VAL H 8 -4.05 11.98 37.12
C VAL H 8 -2.97 12.25 36.09
N ILE H 9 -1.79 12.70 36.56
CA ILE H 9 -0.69 12.96 35.64
C ILE H 9 -0.28 11.68 34.92
N GLY H 10 -0.19 10.57 35.67
CA GLY H 10 0.18 9.31 35.05
C GLY H 10 -0.82 8.85 34.01
N GLN H 11 -2.12 8.94 34.32
CA GLN H 11 -3.17 8.60 33.36
C GLN H 11 -3.06 9.44 32.09
N VAL H 12 -2.92 10.76 32.25
CA VAL H 12 -2.85 11.65 31.10
C VAL H 12 -1.64 11.31 30.25
N GLU H 13 -0.49 11.10 30.88
CA GLU H 13 0.71 10.83 30.12
C GLU H 13 0.62 9.49 29.39
N GLU H 14 0.01 8.49 30.02
CA GLU H 14 -0.10 7.20 29.35
C GLU H 14 -1.12 7.21 28.22
N ALA H 15 -2.11 8.10 28.25
CA ALA H 15 -3.15 8.08 27.22
C ALA H 15 -2.77 8.86 25.96
N LEU H 16 -1.84 9.82 26.04
CA LEU H 16 -1.49 10.62 24.87
C LEU H 16 -0.53 9.86 23.97
N ASP H 17 -0.66 10.09 22.66
CA ASP H 17 0.28 9.50 21.73
C ASP H 17 1.41 10.48 21.42
N THR H 18 2.31 10.05 20.54
CA THR H 18 3.56 10.77 20.33
C THR H 18 3.33 12.20 19.85
N ASP H 19 2.44 12.37 18.86
CA ASP H 19 2.21 13.70 18.31
C ASP H 19 1.58 14.63 19.34
N GLU H 20 0.63 14.12 20.13
CA GLU H 20 0.00 14.94 21.16
C GLU H 20 1.00 15.34 22.24
N LYS H 21 1.91 14.43 22.61
CA LYS H 21 2.94 14.77 23.57
C LYS H 21 3.87 15.84 23.01
N GLU H 22 4.33 15.65 21.78
CA GLU H 22 5.19 16.62 21.13
C GLU H 22 4.54 18.00 21.08
N LEU H 24 2.07 19.12 23.10
CA LEU H 24 1.94 19.61 24.48
C LEU H 24 3.23 20.25 24.96
N LEU H 25 4.37 19.64 24.62
CA LEU H 25 5.65 20.28 24.97
C LEU H 25 5.78 21.63 24.28
N PHE H 26 5.34 21.72 23.02
CA PHE H 26 5.47 22.99 22.30
C PHE H 26 4.58 24.07 22.91
N LEU H 27 3.35 23.71 23.28
CA LEU H 27 2.40 24.68 23.77
C LEU H 27 2.82 25.29 25.11
N CYS H 28 3.67 24.59 25.85
CA CYS H 28 4.07 25.02 27.19
C CYS H 28 5.46 25.63 27.22
N ARG H 29 5.99 26.08 26.08
CA ARG H 29 7.34 26.60 26.06
C ARG H 29 7.47 27.95 26.76
N ASP H 30 6.38 28.70 26.90
CA ASP H 30 6.48 29.98 27.59
C ASP H 30 6.36 29.84 29.09
N VAL H 31 5.84 28.73 29.59
CA VAL H 31 5.78 28.48 31.02
C VAL H 31 7.03 27.75 31.46
N ALA H 32 7.98 27.57 30.55
CA ALA H 32 9.24 26.91 30.88
C ALA H 32 10.32 27.95 31.24
N VAL H 36 13.37 23.64 30.30
CA VAL H 36 12.77 22.92 29.17
C VAL H 36 12.68 21.43 29.48
N PRO H 37 11.47 20.95 29.73
CA PRO H 37 11.29 19.54 30.16
C PRO H 37 11.54 18.59 29.01
N PRO H 38 12.18 17.45 29.28
CA PRO H 38 12.46 16.49 28.19
C PRO H 38 11.27 15.62 27.82
N ASN H 39 10.29 15.45 28.70
CA ASN H 39 9.10 14.66 28.37
C ASN H 39 7.91 15.25 29.09
N VAL H 40 6.74 14.67 28.84
CA VAL H 40 5.50 15.29 29.29
C VAL H 40 5.27 15.05 30.78
N ARG H 41 5.64 13.89 31.30
CA ARG H 41 5.38 13.63 32.71
C ARG H 41 6.17 14.60 33.59
N ASP H 42 7.44 14.84 33.24
CA ASP H 42 8.23 15.85 33.94
C ASP H 42 7.65 17.24 33.78
N LEU H 43 7.15 17.58 32.58
CA LEU H 43 6.55 18.90 32.37
C LEU H 43 5.36 19.10 33.28
N LEU H 44 4.46 18.14 33.31
CA LEU H 44 3.26 18.29 34.12
C LEU H 44 3.61 18.30 35.61
N ASP H 45 4.61 17.50 36.02
CA ASP H 45 5.03 17.50 37.42
C ASP H 45 5.63 18.85 37.82
N ILE H 46 6.47 19.45 36.97
CA ILE H 46 7.02 20.76 37.25
C ILE H 46 5.92 21.80 37.33
N LEU H 47 4.95 21.75 36.42
CA LEU H 47 3.83 22.69 36.46
C LEU H 47 3.02 22.52 37.75
N ARG H 48 2.87 21.27 38.20
CA ARG H 48 2.15 21.03 39.45
C ARG H 48 2.93 21.61 40.63
N GLU H 49 4.24 21.42 40.65
CA GLU H 49 5.04 21.86 41.79
C GLU H 49 5.01 23.37 41.95
N ARG H 50 4.91 24.11 40.84
CA ARG H 50 4.88 25.56 40.87
C ARG H 50 3.49 26.12 41.06
N GLY H 51 2.51 25.27 41.36
CA GLY H 51 1.14 25.70 41.55
C GLY H 51 0.42 26.14 40.30
N LYS H 52 0.86 25.67 39.13
CA LYS H 52 0.21 26.04 37.88
C LYS H 52 -0.42 24.84 37.17
N LEU H 53 -0.72 23.78 37.92
CA LEU H 53 -1.38 22.61 37.34
C LEU H 53 -2.55 22.19 38.23
N SER H 54 -3.49 23.11 38.40
CA SER H 54 -4.79 22.76 38.97
C SER H 54 -5.58 21.95 37.94
N VAL H 55 -6.77 21.51 38.34
CA VAL H 55 -7.64 20.78 37.41
C VAL H 55 -7.97 21.63 36.19
N GLY H 56 -8.22 22.94 36.39
CA GLY H 56 -8.53 23.81 35.28
C GLY H 56 -7.39 23.98 34.30
N ASP H 57 -6.15 24.07 34.82
CA ASP H 57 -4.99 24.20 33.95
C ASP H 57 -4.79 22.94 33.10
N LEU H 58 -4.88 21.77 33.74
CA LEU H 58 -4.76 20.52 33.00
C LEU H 58 -5.89 20.37 31.99
N ALA H 59 -7.10 20.83 32.34
CA ALA H 59 -8.21 20.79 31.40
C ALA H 59 -7.94 21.68 30.20
N GLU H 60 -7.36 22.86 30.44
CA GLU H 60 -6.97 23.72 29.32
C GLU H 60 -5.96 23.03 28.41
N LEU H 61 -4.97 22.34 29.01
CA LEU H 61 -3.98 21.63 28.20
C LEU H 61 -4.61 20.51 27.38
N LEU H 62 -5.50 19.73 27.99
CA LEU H 62 -6.16 18.66 27.25
C LEU H 62 -7.07 19.20 26.17
N TYR H 63 -7.69 20.37 26.41
CA TYR H 63 -8.53 21.02 25.43
C TYR H 63 -7.71 21.49 24.23
N ARG H 64 -6.49 21.99 24.48
CA ARG H 64 -5.66 22.47 23.39
C ARG H 64 -5.12 21.33 22.53
N VAL H 65 -4.87 20.15 23.10
CA VAL H 65 -4.43 19.02 22.28
C VAL H 65 -5.65 18.25 21.79
N ARG H 66 -6.85 18.78 22.06
CA ARG H 66 -8.10 18.26 21.51
C ARG H 66 -8.37 16.82 21.94
N ARG H 67 -8.04 16.50 23.20
CA ARG H 67 -8.39 15.19 23.78
C ARG H 67 -9.59 15.34 24.72
N PHE H 68 -10.74 15.62 24.11
CA PHE H 68 -11.97 15.81 24.88
C PHE H 68 -12.41 14.53 25.57
N ASP H 69 -12.08 13.37 24.99
CA ASP H 69 -12.32 12.10 25.64
C ASP H 69 -11.61 12.03 26.99
N LEU H 70 -10.37 12.52 27.05
CA LEU H 70 -9.64 12.54 28.31
C LEU H 70 -10.26 13.55 29.27
N LEU H 71 -10.69 14.72 28.76
CA LEU H 71 -11.41 15.68 29.59
C LEU H 71 -12.58 15.01 30.30
N LYS H 72 -13.42 14.31 29.54
CA LYS H 72 -14.62 13.69 30.10
C LYS H 72 -14.29 12.52 31.02
N ARG H 73 -13.32 11.69 30.64
CA ARG H 73 -13.04 10.45 31.36
C ARG H 73 -12.21 10.68 32.62
N ILE H 74 -11.21 11.54 32.55
CA ILE H 74 -10.27 11.74 33.64
C ILE H 74 -10.71 12.88 34.56
N LEU H 75 -11.11 14.03 34.01
CA LEU H 75 -11.45 15.20 34.81
C LEU H 75 -12.96 15.42 34.95
N LYS H 76 -13.79 14.56 34.36
CA LYS H 76 -15.24 14.67 34.46
C LYS H 76 -15.77 16.04 34.01
N ASP H 78 -16.78 18.76 30.54
CA ASP H 78 -17.23 18.81 29.15
C ASP H 78 -16.69 20.06 28.47
N ARG H 79 -17.13 20.25 27.23
CA ARG H 79 -16.64 21.36 26.42
C ARG H 79 -17.01 22.71 27.03
N LYS H 80 -18.28 22.86 27.40
CA LYS H 80 -18.76 24.15 27.91
C LYS H 80 -18.06 24.54 29.20
N ALA H 81 -17.75 23.57 30.07
CA ALA H 81 -17.06 23.88 31.32
C ALA H 81 -15.65 24.39 31.07
N VAL H 82 -14.93 23.77 30.14
CA VAL H 82 -13.58 24.24 29.83
C VAL H 82 -13.63 25.62 29.18
N GLU H 83 -14.63 25.85 28.32
CA GLU H 83 -14.74 27.16 27.70
C GLU H 83 -15.09 28.25 28.72
N THR H 84 -15.92 27.90 29.71
CA THR H 84 -16.20 28.81 30.82
C THR H 84 -14.92 29.11 31.61
N HIS H 85 -14.19 28.07 32.00
CA HIS H 85 -12.93 28.26 32.72
C HIS H 85 -11.99 29.16 31.94
N LEU H 86 -11.93 29.00 30.60
CA LEU H 86 -11.03 29.82 29.82
C LEU H 86 -11.50 31.25 29.70
N LEU H 87 -12.82 31.46 29.55
CA LEU H 87 -13.39 32.80 29.50
C LEU H 87 -13.42 33.49 30.86
N ARG H 88 -13.04 32.79 31.93
CA ARG H 88 -13.06 33.36 33.27
C ARG H 88 -11.68 33.54 33.89
N ASN H 89 -10.68 32.80 33.44
CA ASN H 89 -9.35 32.80 34.02
C ASN H 89 -8.30 33.12 32.96
N PRO H 90 -7.12 33.59 33.37
CA PRO H 90 -6.04 33.77 32.40
C PRO H 90 -5.55 32.44 31.85
N HIS H 91 -5.04 32.50 30.62
CA HIS H 91 -4.69 31.29 29.88
C HIS H 91 -3.23 30.91 30.11
N LEU H 92 -3.01 29.61 30.31
CA LEU H 92 -1.65 29.09 30.42
C LEU H 92 -0.95 29.09 29.07
N VAL H 93 -1.68 28.84 27.98
CA VAL H 93 -1.15 28.79 26.62
C VAL H 93 -1.61 30.02 25.86
N SER H 94 -0.66 30.73 25.25
CA SER H 94 -0.98 31.96 24.55
C SER H 94 -1.68 31.67 23.22
N ASP H 95 -2.36 32.69 22.70
CA ASP H 95 -2.99 32.57 21.38
C ASP H 95 -1.96 32.35 20.29
N TYR H 96 -0.73 32.83 20.50
CA TYR H 96 0.34 32.61 19.53
C TYR H 96 0.66 31.13 19.39
N ARG H 97 0.82 30.43 20.53
CA ARG H 97 1.13 29.00 20.50
C ARG H 97 -0.01 28.21 19.87
N VAL H 98 -1.25 28.54 20.24
CA VAL H 98 -2.40 27.88 19.65
C VAL H 98 -2.41 28.08 18.14
N LEU H 99 -2.11 29.31 17.69
CA LEU H 99 -2.08 29.60 16.25
C LEU H 99 -0.98 28.80 15.55
N ALA H 101 0.32 25.89 16.46
CA ALA H 101 -0.09 24.49 16.38
C ALA H 101 -1.17 24.31 15.31
N GLU H 102 -2.12 25.25 15.23
CA GLU H 102 -3.19 25.17 14.23
C GLU H 102 -2.62 25.21 12.81
N ILE H 103 -1.72 26.16 12.55
CA ILE H 103 -1.06 26.21 11.25
C ILE H 103 -0.35 24.89 10.97
N GLY H 104 0.33 24.33 11.97
CA GLY H 104 1.02 23.06 11.79
C GLY H 104 0.08 21.92 11.42
N GLU H 105 -1.11 21.90 12.02
CA GLU H 105 -2.07 20.85 11.69
C GLU H 105 -2.59 20.98 10.27
N ASP H 106 -2.69 22.19 9.73
CA ASP H 106 -3.22 22.38 8.40
C ASP H 106 -2.16 22.25 7.31
N LEU H 107 -0.95 21.83 7.66
CA LEU H 107 0.13 21.64 6.70
C LEU H 107 0.48 20.16 6.63
N ASP H 108 0.65 19.65 5.42
CA ASP H 108 1.13 18.28 5.22
C ASP H 108 2.63 18.31 4.93
N LYS H 109 3.22 17.11 4.83
CA LYS H 109 4.68 17.00 4.77
C LYS H 109 5.25 17.69 3.54
N SER H 110 4.51 17.69 2.44
CA SER H 110 4.97 18.39 1.24
C SER H 110 4.96 19.90 1.45
N ASP H 111 3.94 20.40 2.14
CA ASP H 111 3.89 21.83 2.45
C ASP H 111 5.06 22.24 3.35
N VAL H 112 5.36 21.42 4.37
CA VAL H 112 6.46 21.75 5.29
C VAL H 112 7.80 21.68 4.56
N SER H 113 7.95 20.72 3.66
CA SER H 113 9.16 20.65 2.84
C SER H 113 9.32 21.91 1.98
N SER H 114 8.23 22.34 1.33
CA SER H 114 8.33 23.55 0.52
C SER H 114 8.65 24.77 1.38
N LEU H 115 8.03 24.85 2.56
CA LEU H 115 8.28 25.98 3.46
C LEU H 115 9.74 26.00 3.90
N ILE H 116 10.27 24.85 4.30
CA ILE H 116 11.67 24.79 4.73
C ILE H 116 12.60 25.21 3.60
N PHE H 117 12.30 24.80 2.37
CA PHE H 117 13.18 25.20 1.27
C PHE H 117 13.25 26.72 1.13
N LEU H 118 12.11 27.41 1.28
CA LEU H 118 12.12 28.86 1.13
C LEU H 118 12.85 29.56 2.28
N LYS H 120 15.32 28.42 4.35
CA LYS H 120 16.70 28.07 4.66
C LYS H 120 17.66 29.23 4.40
N ASP H 121 17.31 30.10 3.45
CA ASP H 121 18.13 31.29 3.21
C ASP H 121 18.19 32.17 4.44
N TYR H 122 17.03 32.46 5.04
CA TYR H 122 16.98 33.31 6.23
C TYR H 122 17.58 32.63 7.45
N LYS H 130 14.67 18.21 6.66
CA LYS H 130 14.84 16.78 6.88
C LYS H 130 13.50 16.07 7.01
N GLU H 131 13.24 15.50 8.19
CA GLU H 131 11.95 14.94 8.55
C GLU H 131 11.27 15.75 9.65
N LYS H 132 11.55 17.05 9.70
CA LYS H 132 11.15 17.90 10.81
C LYS H 132 9.72 18.41 10.62
N SER H 133 8.99 18.50 11.72
CA SER H 133 7.62 18.99 11.71
C SER H 133 7.59 20.51 11.66
N PHE H 134 6.39 21.07 11.49
CA PHE H 134 6.26 22.52 11.48
C PHE H 134 6.62 23.11 12.85
N LEU H 135 6.28 22.41 13.92
CA LEU H 135 6.53 22.94 15.26
C LEU H 135 8.03 22.95 15.56
N ASP H 136 8.75 21.93 15.09
CA ASP H 136 10.21 21.94 15.22
C ASP H 136 10.81 23.12 14.48
N LEU H 137 10.31 23.39 13.26
CA LEU H 137 10.79 24.54 12.50
C LEU H 137 10.49 25.85 13.22
N VAL H 138 9.31 25.95 13.83
CA VAL H 138 8.96 27.17 14.55
C VAL H 138 9.88 27.37 15.75
N VAL H 139 10.21 26.28 16.45
CA VAL H 139 11.13 26.38 17.58
C VAL H 139 12.49 26.86 17.10
N GLU H 140 12.99 26.27 16.00
CA GLU H 140 14.28 26.70 15.45
C GLU H 140 14.24 28.17 15.04
N LEU H 141 13.13 28.63 14.46
CA LEU H 141 13.04 30.04 14.05
C LEU H 141 12.96 30.96 15.24
N GLU H 142 12.30 30.53 16.31
CA GLU H 142 12.27 31.33 17.54
C GLU H 142 13.66 31.45 18.12
N LYS H 143 14.44 30.36 18.05
CA LYS H 143 15.81 30.41 18.57
C LYS H 143 16.66 31.40 17.79
N LEU H 144 16.34 31.62 16.51
CA LEU H 144 17.04 32.59 15.68
C LEU H 144 16.35 33.95 15.66
N ASN H 145 15.32 34.14 16.50
CA ASN H 145 14.55 35.37 16.57
C ASN H 145 13.97 35.77 15.20
N LEU H 146 13.58 34.77 14.41
CA LEU H 146 12.96 35.02 13.11
C LEU H 146 11.44 34.95 13.16
N VAL H 147 10.87 34.44 14.24
CA VAL H 147 9.41 34.43 14.46
C VAL H 147 9.16 34.67 15.94
N ALA H 148 8.05 35.36 16.23
CA ALA H 148 7.67 35.71 17.59
C ALA H 148 6.21 36.15 17.56
N PRO H 149 5.54 36.21 18.72
CA PRO H 149 4.14 36.66 18.72
C PRO H 149 3.92 38.00 18.05
N ASP H 150 4.86 38.94 18.16
CA ASP H 150 4.79 40.25 17.53
C ASP H 150 5.69 40.38 16.31
N GLN H 151 6.10 39.24 15.74
CA GLN H 151 7.04 39.19 14.61
C GLN H 151 6.62 38.02 13.71
N LEU H 152 5.63 38.27 12.85
CA LEU H 152 5.05 37.23 12.01
C LEU H 152 5.11 37.50 10.51
N ASP H 153 5.74 38.59 10.08
CA ASP H 153 5.69 38.94 8.66
C ASP H 153 6.48 37.95 7.82
N LEU H 154 7.61 37.45 8.31
CA LEU H 154 8.38 36.49 7.56
C LEU H 154 7.61 35.18 7.38
N LEU H 155 6.97 34.70 8.43
CA LEU H 155 6.19 33.48 8.32
C LEU H 155 5.01 33.66 7.40
N GLU H 156 4.34 34.81 7.50
CA GLU H 156 3.21 35.12 6.63
C GLU H 156 3.64 35.17 5.17
N LYS H 157 4.77 35.82 4.89
CA LYS H 157 5.28 35.90 3.54
C LYS H 157 5.63 34.51 3.00
N CYS H 158 6.22 33.66 3.83
CA CYS H 158 6.58 32.33 3.35
C CYS H 158 5.35 31.45 3.12
N LEU H 159 4.35 31.57 3.98
CA LEU H 159 3.11 30.83 3.74
C LEU H 159 2.40 31.32 2.48
N LYS H 160 2.46 32.63 2.21
CA LYS H 160 1.89 33.14 0.97
C LYS H 160 2.65 32.61 -0.24
N ASN H 161 3.97 32.53 -0.14
CA ASN H 161 4.76 32.12 -1.30
C ASN H 161 4.61 30.64 -1.62
N ILE H 162 4.16 29.81 -0.67
CA ILE H 162 3.81 28.42 -0.98
C ILE H 162 2.31 28.28 -1.22
N HIS H 163 1.62 29.40 -1.46
CA HIS H 163 0.22 29.44 -1.88
C HIS H 163 -0.74 28.94 -0.80
N ARG H 164 -0.41 29.15 0.47
CA ARG H 164 -1.33 28.86 1.58
C ARG H 164 -1.91 30.17 2.10
N ILE H 165 -2.73 30.80 1.25
CA ILE H 165 -3.36 32.08 1.59
C ILE H 165 -4.29 31.92 2.79
N ASP H 166 -4.89 30.73 2.95
CA ASP H 166 -5.79 30.50 4.09
C ASP H 166 -5.06 30.63 5.42
N LEU H 167 -3.84 30.09 5.49
CA LEU H 167 -3.06 30.18 6.73
C LEU H 167 -2.54 31.60 6.97
N LYS H 168 -2.20 32.31 5.90
CA LYS H 168 -1.88 33.74 6.02
C LYS H 168 -3.06 34.49 6.60
N THR H 169 -4.28 34.12 6.21
CA THR H 169 -5.48 34.73 6.75
C THR H 169 -5.65 34.41 8.24
N LYS H 170 -5.34 33.17 8.65
CA LYS H 170 -5.36 32.85 10.07
C LYS H 170 -4.40 33.76 10.84
N ILE H 171 -3.22 33.98 10.28
CA ILE H 171 -2.27 34.90 10.91
C ILE H 171 -2.86 36.31 11.00
N GLN H 172 -3.50 36.77 9.92
CA GLN H 172 -4.03 38.14 9.94
C GLN H 172 -5.16 38.27 10.95
N LYS H 173 -5.97 37.22 11.11
CA LYS H 173 -7.00 37.23 12.15
C LYS H 173 -6.38 37.28 13.53
N TYR H 174 -5.26 36.57 13.72
CA TYR H 174 -4.59 36.65 15.01
C TYR H 174 -4.08 38.07 15.27
N LYS H 175 -3.45 38.68 14.26
CA LYS H 175 -2.93 40.03 14.44
C LYS H 175 -4.04 41.03 14.73
N GLN H 176 -5.16 40.93 14.01
CA GLN H 176 -6.28 41.81 14.33
C GLN H 176 -6.89 41.49 15.70
N SER H 177 -6.63 40.29 16.24
CA SER H 177 -7.14 39.98 17.58
C SER H 177 -6.35 40.66 18.68
N VAL H 178 -5.11 41.04 18.43
CA VAL H 178 -4.31 41.74 19.45
C VAL H 178 -4.43 43.25 19.28
N SER I 5 -1.13 -20.08 26.78
CA SER I 5 0.32 -19.99 26.70
C SER I 5 0.75 -18.90 25.73
N ALA I 6 2.06 -18.71 25.61
CA ALA I 6 2.60 -17.75 24.66
C ALA I 6 2.75 -18.34 23.26
N GLU I 7 2.76 -19.68 23.13
CA GLU I 7 2.82 -20.27 21.80
C GLU I 7 1.55 -19.98 21.03
N VAL I 8 0.39 -20.08 21.69
CA VAL I 8 -0.88 -19.76 21.03
C VAL I 8 -0.93 -18.30 20.62
N ILE I 9 -0.50 -17.40 21.51
CA ILE I 9 -0.49 -15.98 21.18
C ILE I 9 0.44 -15.72 20.00
N GLY I 10 1.61 -16.34 19.98
CA GLY I 10 2.52 -16.18 18.85
C GLY I 10 1.93 -16.70 17.54
N GLN I 11 1.28 -17.87 17.59
CA GLN I 11 0.62 -18.41 16.40
C GLN I 11 -0.38 -17.42 15.84
N VAL I 12 -1.26 -16.91 16.71
CA VAL I 12 -2.29 -15.96 16.27
C VAL I 12 -1.65 -14.70 15.69
N GLU I 13 -0.62 -14.18 16.36
CA GLU I 13 -0.02 -12.95 15.88
C GLU I 13 0.62 -13.12 14.51
N GLU I 14 1.35 -14.22 14.31
CA GLU I 14 1.98 -14.46 13.01
C GLU I 14 0.97 -14.80 11.90
N ALA I 15 -0.21 -15.32 12.24
CA ALA I 15 -1.15 -15.70 11.19
C ALA I 15 -2.00 -14.52 10.66
N LEU I 16 -2.18 -13.45 11.43
CA LEU I 16 -3.04 -12.36 10.99
C LEU I 16 -2.34 -11.41 10.05
N ASP I 17 -3.08 -10.87 9.08
CA ASP I 17 -2.50 -9.87 8.19
C ASP I 17 -2.73 -8.47 8.77
N THR I 18 -2.27 -7.46 8.02
CA THR I 18 -2.21 -6.09 8.53
C THR I 18 -3.58 -5.56 8.87
N ASP I 19 -4.55 -5.76 7.97
CA ASP I 19 -5.89 -5.24 8.19
C ASP I 19 -6.56 -5.92 9.39
N GLU I 20 -6.39 -7.23 9.52
CA GLU I 20 -6.98 -7.94 10.65
C GLU I 20 -6.35 -7.47 11.96
N LYS I 21 -5.05 -7.22 11.97
CA LYS I 21 -4.40 -6.71 13.19
C LYS I 21 -4.91 -5.33 13.55
N GLU I 22 -4.97 -4.41 12.56
CA GLU I 22 -5.49 -3.08 12.85
C GLU I 22 -6.93 -3.15 13.37
N LEU I 24 -8.31 -5.67 15.03
CA LEU I 24 -8.27 -6.24 16.36
C LEU I 24 -7.87 -5.18 17.39
N LEU I 25 -6.91 -4.32 17.05
CA LEU I 25 -6.58 -3.22 17.95
C LEU I 25 -7.78 -2.30 18.18
N PHE I 26 -8.55 -2.02 17.11
CA PHE I 26 -9.73 -1.15 17.27
C PHE I 26 -10.81 -1.81 18.12
N LEU I 27 -11.07 -3.11 17.89
CA LEU I 27 -12.15 -3.79 18.60
C LEU I 27 -11.89 -3.90 20.10
N CYS I 28 -10.64 -3.80 20.55
CA CYS I 28 -10.30 -3.96 21.96
C CYS I 28 -10.06 -2.65 22.68
N ARG I 29 -10.54 -1.53 22.13
CA ARG I 29 -10.24 -0.23 22.75
C ARG I 29 -10.99 -0.02 24.07
N ASP I 30 -12.13 -0.68 24.26
CA ASP I 30 -12.87 -0.56 25.51
C ASP I 30 -12.39 -1.51 26.60
N VAL I 31 -11.62 -2.53 26.25
CA VAL I 31 -11.09 -3.45 27.26
C VAL I 31 -9.76 -2.94 27.82
N ALA I 32 -8.88 -2.47 26.94
CA ALA I 32 -7.65 -1.77 27.34
C ALA I 32 -7.83 -0.27 27.16
N ILE I 33 -8.80 0.27 27.90
CA ILE I 33 -9.19 1.68 27.73
C ILE I 33 -8.02 2.61 28.05
N ASP I 34 -7.23 2.26 29.07
CA ASP I 34 -6.12 3.12 29.48
C ASP I 34 -5.01 3.11 28.44
N VAL I 35 -4.42 1.94 28.17
CA VAL I 35 -3.23 1.81 27.34
C VAL I 35 -3.64 1.68 25.88
N VAL I 36 -2.90 2.36 25.00
CA VAL I 36 -3.00 2.07 23.57
C VAL I 36 -1.85 1.15 23.20
N PRO I 37 -2.10 -0.14 22.99
CA PRO I 37 -1.01 -1.08 22.69
C PRO I 37 -0.50 -0.84 21.28
N PRO I 38 0.82 -0.91 21.07
CA PRO I 38 1.37 -0.64 19.74
C PRO I 38 1.25 -1.80 18.75
N ASN I 39 1.10 -3.04 19.21
CA ASN I 39 0.94 -4.17 18.30
C ASN I 39 0.05 -5.21 18.98
N VAL I 40 -0.28 -6.27 18.23
CA VAL I 40 -1.28 -7.21 18.69
C VAL I 40 -0.70 -8.22 19.68
N ARG I 41 0.60 -8.52 19.57
CA ARG I 41 1.21 -9.41 20.57
C ARG I 41 1.20 -8.75 21.95
N ASP I 42 1.56 -7.48 22.02
CA ASP I 42 1.47 -6.77 23.30
C ASP I 42 0.03 -6.64 23.78
N LEU I 43 -0.91 -6.41 22.86
CA LEU I 43 -2.32 -6.32 23.26
C LEU I 43 -2.78 -7.63 23.89
N LEU I 44 -2.50 -8.76 23.23
CA LEU I 44 -2.94 -10.05 23.74
C LEU I 44 -2.22 -10.41 25.05
N ASP I 45 -0.95 -10.01 25.18
CA ASP I 45 -0.23 -10.23 26.42
C ASP I 45 -0.84 -9.44 27.56
N ILE I 46 -1.19 -8.18 27.32
CA ILE I 46 -1.84 -7.37 28.34
C ILE I 46 -3.18 -7.98 28.72
N LEU I 47 -3.96 -8.42 27.73
CA LEU I 47 -5.24 -9.05 28.02
C LEU I 47 -5.04 -10.31 28.86
N ARG I 48 -3.98 -11.07 28.57
CA ARG I 48 -3.74 -12.29 29.33
C ARG I 48 -3.37 -11.98 30.78
N GLU I 49 -2.54 -10.97 31.00
CA GLU I 49 -2.13 -10.69 32.38
C GLU I 49 -3.30 -10.20 33.23
N ARG I 50 -4.27 -9.51 32.61
CA ARG I 50 -5.43 -9.00 33.33
C ARG I 50 -6.54 -10.03 33.43
N GLY I 51 -6.27 -11.28 33.05
CA GLY I 51 -7.23 -12.36 33.17
C GLY I 51 -8.42 -12.26 32.23
N LYS I 52 -8.28 -11.58 31.10
CA LYS I 52 -9.38 -11.41 30.16
C LYS I 52 -9.10 -12.07 28.82
N LEU I 53 -8.21 -13.06 28.78
CA LEU I 53 -7.88 -13.77 27.55
C LEU I 53 -7.95 -15.29 27.80
N SER I 54 -9.12 -15.76 28.22
CA SER I 54 -9.35 -17.19 28.25
C SER I 54 -9.52 -17.70 26.82
N VAL I 55 -9.74 -19.00 26.69
CA VAL I 55 -9.99 -19.58 25.37
C VAL I 55 -11.22 -18.94 24.73
N GLY I 56 -12.26 -18.69 25.53
CA GLY I 56 -13.46 -18.06 24.98
C GLY I 56 -13.21 -16.64 24.51
N ASP I 57 -12.37 -15.90 25.22
CA ASP I 57 -12.06 -14.53 24.81
C ASP I 57 -11.29 -14.52 23.49
N LEU I 58 -10.26 -15.35 23.38
CA LEU I 58 -9.51 -15.42 22.13
C LEU I 58 -10.39 -15.88 20.98
N ALA I 59 -11.30 -16.82 21.27
CA ALA I 59 -12.22 -17.28 20.24
C ALA I 59 -13.15 -16.17 19.79
N GLU I 60 -13.65 -15.37 20.74
CA GLU I 60 -14.47 -14.21 20.35
C GLU I 60 -13.68 -13.25 19.47
N LEU I 61 -12.42 -12.99 19.83
CA LEU I 61 -11.61 -12.08 19.04
C LEU I 61 -11.38 -12.61 17.63
N LEU I 62 -11.06 -13.90 17.50
CA LEU I 62 -10.88 -14.47 16.17
C LEU I 62 -12.17 -14.50 15.38
N TYR I 63 -13.29 -14.70 16.07
CA TYR I 63 -14.58 -14.71 15.39
C TYR I 63 -14.93 -13.33 14.86
N ARG I 64 -14.58 -12.28 15.60
CA ARG I 64 -14.90 -10.91 15.17
C ARG I 64 -14.05 -10.48 13.98
N VAL I 65 -12.82 -10.98 13.84
CA VAL I 65 -12.02 -10.65 12.67
C VAL I 65 -12.22 -11.69 11.56
N ARG I 66 -13.20 -12.59 11.72
CA ARG I 66 -13.61 -13.52 10.66
C ARG I 66 -12.48 -14.45 10.22
N ARG I 67 -11.65 -14.87 11.17
CA ARG I 67 -10.61 -15.86 10.89
C ARG I 67 -11.08 -17.21 11.46
N PHE I 68 -12.09 -17.78 10.79
CA PHE I 68 -12.65 -19.04 11.26
C PHE I 68 -11.65 -20.17 11.08
N ASP I 69 -10.79 -20.07 10.07
CA ASP I 69 -9.70 -21.04 9.90
C ASP I 69 -8.81 -21.09 11.13
N LEU I 70 -8.51 -19.94 11.72
CA LEU I 70 -7.69 -19.93 12.93
C LEU I 70 -8.46 -20.50 14.11
N LEU I 71 -9.76 -20.21 14.22
CA LEU I 71 -10.59 -20.85 15.22
C LEU I 71 -10.47 -22.37 15.13
N LYS I 72 -10.65 -22.93 13.93
CA LYS I 72 -10.61 -24.37 13.78
C LYS I 72 -9.20 -24.93 13.99
N ARG I 73 -8.17 -24.27 13.46
CA ARG I 73 -6.83 -24.85 13.47
C ARG I 73 -6.17 -24.72 14.84
N ILE I 74 -6.30 -23.57 15.49
CA ILE I 74 -5.56 -23.30 16.72
C ILE I 74 -6.35 -23.70 17.96
N LEU I 75 -7.64 -23.38 18.00
CA LEU I 75 -8.45 -23.64 19.20
C LEU I 75 -9.34 -24.86 19.05
N LYS I 76 -9.44 -25.43 17.85
CA LYS I 76 -10.33 -26.55 17.56
C LYS I 76 -11.78 -26.23 17.95
N ASP I 78 -15.63 -24.52 16.08
CA ASP I 78 -16.34 -24.09 14.90
C ASP I 78 -17.06 -22.77 15.18
N ARG I 79 -17.81 -22.29 14.19
CA ARG I 79 -18.57 -21.05 14.38
C ARG I 79 -19.64 -21.21 15.44
N LYS I 80 -20.39 -22.31 15.36
CA LYS I 80 -21.54 -22.48 16.25
C LYS I 80 -21.12 -22.54 17.72
N ALA I 81 -19.95 -23.11 18.02
CA ALA I 81 -19.48 -23.18 19.40
C ALA I 81 -19.15 -21.79 19.93
N VAL I 82 -18.50 -20.96 19.11
CA VAL I 82 -18.20 -19.59 19.53
C VAL I 82 -19.49 -18.81 19.69
N GLU I 83 -20.47 -19.05 18.80
CA GLU I 83 -21.75 -18.35 18.89
C GLU I 83 -22.51 -18.76 20.14
N THR I 84 -22.42 -20.04 20.54
CA THR I 84 -22.98 -20.47 21.82
C THR I 84 -22.30 -19.76 22.97
N HIS I 85 -20.96 -19.74 22.97
CA HIS I 85 -20.22 -19.04 24.00
C HIS I 85 -20.66 -17.57 24.09
N LEU I 86 -20.89 -16.94 22.94
CA LEU I 86 -21.29 -15.54 22.92
C LEU I 86 -22.73 -15.36 23.41
N LEU I 87 -23.61 -16.30 23.05
CA LEU I 87 -25.01 -16.27 23.49
C LEU I 87 -25.16 -16.57 24.96
N ARG I 88 -24.15 -17.13 25.61
CA ARG I 88 -24.24 -17.51 27.01
C ARG I 88 -23.36 -16.70 27.95
N ASN I 89 -22.47 -15.87 27.43
CA ASN I 89 -21.49 -15.19 28.27
C ASN I 89 -21.45 -13.71 27.92
N PRO I 90 -20.96 -12.86 28.83
CA PRO I 90 -20.76 -11.45 28.48
C PRO I 90 -19.66 -11.31 27.44
N HIS I 91 -19.79 -10.30 26.59
CA HIS I 91 -18.91 -10.13 25.45
C HIS I 91 -17.73 -9.24 25.77
N LEU I 92 -16.57 -9.63 25.26
CA LEU I 92 -15.39 -8.77 25.39
C LEU I 92 -15.51 -7.53 24.50
N VAL I 93 -16.06 -7.67 23.31
CA VAL I 93 -16.20 -6.57 22.34
C VAL I 93 -17.69 -6.23 22.18
N SER I 94 -18.02 -4.96 22.37
CA SER I 94 -19.41 -4.52 22.34
C SER I 94 -19.96 -4.50 20.90
N ASP I 95 -21.29 -4.53 20.82
CA ASP I 95 -21.97 -4.42 19.54
C ASP I 95 -21.64 -3.11 18.83
N TYR I 96 -21.31 -2.06 19.58
CA TYR I 96 -20.94 -0.79 18.96
C TYR I 96 -19.66 -0.91 18.14
N ARG I 97 -18.63 -1.53 18.72
CA ARG I 97 -17.37 -1.73 18.01
C ARG I 97 -17.56 -2.64 16.80
N VAL I 98 -18.36 -3.70 16.97
CA VAL I 98 -18.65 -4.58 15.87
C VAL I 98 -19.35 -3.83 14.74
N LEU I 99 -20.29 -2.95 15.09
CA LEU I 99 -20.99 -2.17 14.07
C LEU I 99 -20.04 -1.23 13.35
N ALA I 101 -16.83 -1.63 12.88
CA ALA I 101 -16.00 -2.41 11.97
C ALA I 101 -16.77 -2.86 10.74
N GLU I 102 -18.04 -3.26 10.91
CA GLU I 102 -18.87 -3.67 9.78
C GLU I 102 -19.12 -2.51 8.81
N ILE I 103 -19.46 -1.33 9.32
CA ILE I 103 -19.55 -0.14 8.49
C ILE I 103 -18.25 0.10 7.73
N GLY I 104 -17.11 -0.05 8.40
CA GLY I 104 -15.83 0.15 7.75
C GLY I 104 -15.56 -0.84 6.63
N GLU I 105 -16.07 -2.08 6.78
CA GLU I 105 -15.91 -3.03 5.69
C GLU I 105 -16.78 -2.65 4.49
N ASP I 106 -17.95 -2.08 4.74
CA ASP I 106 -18.88 -1.75 3.66
C ASP I 106 -18.53 -0.45 2.96
N LEU I 107 -17.41 0.20 3.31
CA LEU I 107 -16.99 1.45 2.70
C LEU I 107 -15.70 1.23 1.95
N ASP I 108 -15.61 1.75 0.73
CA ASP I 108 -14.37 1.74 -0.02
C ASP I 108 -13.68 3.10 0.14
N LYS I 109 -12.50 3.22 -0.47
CA LYS I 109 -11.66 4.39 -0.22
C LYS I 109 -12.33 5.68 -0.70
N SER I 110 -13.03 5.62 -1.83
CA SER I 110 -13.76 6.79 -2.33
C SER I 110 -14.83 7.22 -1.32
N ASP I 111 -15.55 6.26 -0.75
CA ASP I 111 -16.54 6.57 0.28
C ASP I 111 -15.89 7.20 1.52
N VAL I 112 -14.74 6.69 1.94
CA VAL I 112 -14.07 7.26 3.12
C VAL I 112 -13.62 8.68 2.83
N SER I 113 -13.10 8.94 1.62
CA SER I 113 -12.70 10.30 1.27
C SER I 113 -13.88 11.26 1.31
N SER I 114 -15.02 10.83 0.76
CA SER I 114 -16.21 11.67 0.79
C SER I 114 -16.66 11.92 2.23
N LEU I 115 -16.63 10.87 3.06
CA LEU I 115 -17.03 11.00 4.45
C LEU I 115 -16.13 11.99 5.20
N ILE I 116 -14.82 11.86 5.02
CA ILE I 116 -13.90 12.78 5.69
C ILE I 116 -14.13 14.20 5.22
N PHE I 117 -14.38 14.40 3.92
CA PHE I 117 -14.62 15.76 3.44
C PHE I 117 -15.83 16.37 4.16
N LEU I 118 -16.88 15.59 4.38
CA LEU I 118 -18.05 16.13 5.08
C LEU I 118 -17.78 16.32 6.56
N LYS I 120 -14.81 16.67 8.31
CA LYS I 120 -13.70 17.52 8.75
C LYS I 120 -14.20 18.87 9.24
N ASP I 121 -15.40 19.28 8.83
CA ASP I 121 -15.98 20.57 9.22
C ASP I 121 -16.45 20.57 10.67
N TYR I 122 -16.73 19.40 11.24
CA TYR I 122 -17.18 19.31 12.61
C TYR I 122 -16.05 18.92 13.56
N GLY I 124 -12.94 20.17 13.35
CA GLY I 124 -11.87 21.15 13.32
C GLY I 124 -10.53 20.50 13.06
N ARG I 125 -10.49 19.57 12.10
CA ARG I 125 -9.29 18.77 11.88
C ARG I 125 -8.40 19.42 10.83
N GLY I 126 -7.13 19.02 10.86
CA GLY I 126 -6.15 19.59 9.96
C GLY I 126 -6.11 18.92 8.61
N LYS I 127 -5.15 19.36 7.79
CA LYS I 127 -4.92 18.81 6.46
C LYS I 127 -4.13 17.51 6.61
N ILE I 128 -4.85 16.44 6.89
CA ILE I 128 -4.24 15.11 7.01
C ILE I 128 -4.36 14.35 5.70
N GLU I 131 -3.64 8.46 3.73
CA GLU I 131 -4.89 7.72 3.64
C GLU I 131 -5.27 7.12 5.00
N LYS I 132 -6.42 7.53 5.50
CA LYS I 132 -6.97 7.01 6.74
C LYS I 132 -8.04 5.98 6.42
N SER I 133 -8.01 4.84 7.12
CA SER I 133 -9.11 3.91 7.02
C SER I 133 -10.30 4.48 7.78
N PHE I 134 -11.45 3.80 7.66
CA PHE I 134 -12.61 4.25 8.42
C PHE I 134 -12.38 4.14 9.92
N LEU I 135 -11.67 3.10 10.36
CA LEU I 135 -11.48 2.90 11.79
C LEU I 135 -10.58 3.97 12.41
N ASP I 136 -9.57 4.44 11.66
CA ASP I 136 -8.79 5.58 12.09
C ASP I 136 -9.66 6.81 12.30
N LEU I 137 -10.57 7.07 11.36
CA LEU I 137 -11.48 8.20 11.50
C LEU I 137 -12.36 8.04 12.72
N VAL I 138 -12.82 6.83 13.00
CA VAL I 138 -13.64 6.60 14.19
C VAL I 138 -12.86 6.90 15.45
N VAL I 139 -11.60 6.47 15.50
CA VAL I 139 -10.77 6.77 16.66
C VAL I 139 -10.62 8.28 16.82
N GLU I 140 -10.35 8.97 15.71
CA GLU I 140 -10.21 10.42 15.80
C GLU I 140 -11.51 11.10 16.24
N LEU I 141 -12.67 10.56 15.83
CA LEU I 141 -13.94 11.13 16.26
C LEU I 141 -14.21 10.85 17.73
N GLU I 142 -13.81 9.67 18.21
CA GLU I 142 -13.97 9.35 19.63
C GLU I 142 -13.12 10.25 20.50
N LYS I 143 -11.90 10.55 20.08
CA LYS I 143 -11.07 11.45 20.87
C LYS I 143 -11.69 12.83 20.99
N LEU I 144 -12.51 13.22 20.01
CA LEU I 144 -13.23 14.49 20.03
C LEU I 144 -14.62 14.36 20.63
N ASN I 145 -14.96 13.18 21.17
CA ASN I 145 -16.26 12.92 21.76
C ASN I 145 -17.40 13.22 20.78
N LEU I 146 -17.16 12.97 19.49
CA LEU I 146 -18.14 13.19 18.44
C LEU I 146 -18.92 11.93 18.04
N VAL I 147 -18.49 10.76 18.48
CA VAL I 147 -19.23 9.51 18.25
C VAL I 147 -19.06 8.61 19.47
N ALA I 148 -20.09 7.86 19.80
CA ALA I 148 -20.11 6.98 20.97
C ALA I 148 -21.26 6.00 20.81
N PRO I 149 -21.29 4.92 21.61
CA PRO I 149 -22.41 3.96 21.49
C PRO I 149 -23.78 4.61 21.61
N ASP I 150 -23.91 5.66 22.43
CA ASP I 150 -25.18 6.36 22.59
C ASP I 150 -25.20 7.69 21.85
N GLN I 151 -24.29 7.88 20.89
CA GLN I 151 -24.16 9.17 20.20
C GLN I 151 -23.75 8.88 18.74
N LEU I 152 -24.75 8.56 17.92
CA LEU I 152 -24.46 8.16 16.55
C LEU I 152 -25.09 9.07 15.52
N ASP I 153 -25.74 10.17 15.93
CA ASP I 153 -26.51 10.96 14.97
C ASP I 153 -25.60 11.66 13.96
N LEU I 154 -24.45 12.17 14.39
CA LEU I 154 -23.57 12.85 13.45
C LEU I 154 -23.05 11.89 12.38
N LEU I 155 -22.61 10.70 12.79
CA LEU I 155 -22.16 9.69 11.84
C LEU I 155 -23.27 9.21 10.92
N GLU I 156 -24.46 8.98 11.48
CA GLU I 156 -25.60 8.57 10.67
C GLU I 156 -25.94 9.61 9.63
N LYS I 157 -25.88 10.89 10.02
CA LYS I 157 -26.19 11.99 9.11
C LYS I 157 -25.18 12.06 7.98
N CYS I 158 -23.89 11.94 8.31
CA CYS I 158 -22.87 12.01 7.27
C CYS I 158 -22.91 10.79 6.34
N LEU I 159 -23.23 9.60 6.86
CA LEU I 159 -23.41 8.44 5.97
C LEU I 159 -24.62 8.61 5.07
N LYS I 160 -25.68 9.22 5.59
CA LYS I 160 -26.84 9.51 4.74
C LYS I 160 -26.47 10.49 3.64
N ASN I 161 -25.67 11.50 3.97
CA ASN I 161 -25.34 12.57 3.03
C ASN I 161 -24.39 12.13 1.93
N ILE I 162 -23.67 11.02 2.11
CA ILE I 162 -22.92 10.43 1.00
C ILE I 162 -23.70 9.27 0.37
N HIS I 163 -25.01 9.23 0.60
CA HIS I 163 -25.89 8.30 -0.10
C HIS I 163 -25.59 6.83 0.23
N ARG I 164 -25.19 6.58 1.49
CA ARG I 164 -25.07 5.20 1.98
C ARG I 164 -26.25 4.94 2.92
N ILE I 165 -27.44 4.94 2.31
CA ILE I 165 -28.68 4.75 3.04
C ILE I 165 -28.71 3.37 3.69
N ASP I 166 -28.03 2.39 3.09
CA ASP I 166 -27.95 1.05 3.69
C ASP I 166 -27.23 1.10 5.04
N LEU I 167 -26.13 1.84 5.11
CA LEU I 167 -25.40 1.93 6.38
C LEU I 167 -26.16 2.74 7.41
N LYS I 168 -26.87 3.78 6.96
CA LYS I 168 -27.77 4.50 7.85
C LYS I 168 -28.81 3.57 8.46
N THR I 169 -29.29 2.61 7.66
CA THR I 169 -30.22 1.60 8.16
C THR I 169 -29.56 0.70 9.21
N LYS I 170 -28.31 0.32 8.98
CA LYS I 170 -27.61 -0.49 10.00
C LYS I 170 -27.49 0.26 11.32
N ILE I 171 -27.17 1.55 11.26
CA ILE I 171 -27.09 2.36 12.49
C ILE I 171 -28.44 2.44 13.17
N GLN I 172 -29.52 2.64 12.40
CA GLN I 172 -30.84 2.75 13.01
C GLN I 172 -31.28 1.42 13.63
N LYS I 173 -30.94 0.30 12.99
CA LYS I 173 -31.24 -1.01 13.57
C LYS I 173 -30.48 -1.24 14.86
N TYR I 174 -29.23 -0.77 14.94
CA TYR I 174 -28.51 -0.86 16.21
C TYR I 174 -29.19 -0.01 17.28
N LYS I 175 -29.58 1.22 16.92
CA LYS I 175 -30.23 2.11 17.88
C LYS I 175 -31.48 1.47 18.46
N GLN I 176 -32.31 0.88 17.60
CA GLN I 176 -33.53 0.25 18.12
C GLN I 176 -33.23 -1.05 18.86
N SER I 177 -32.13 -1.72 18.53
CA SER I 177 -31.71 -2.88 19.30
C SER I 177 -31.24 -2.51 20.69
N VAL I 178 -30.90 -1.25 20.92
CA VAL I 178 -30.46 -0.82 22.25
C VAL I 178 -31.65 -0.46 23.14
N GLN I 179 -32.68 0.16 22.57
CA GLN I 179 -33.91 0.44 23.32
C GLN I 179 -35.05 -0.47 22.88
N ASP J 2 14.63 36.81 -5.53
CA ASP J 2 14.78 35.75 -4.54
C ASP J 2 15.11 34.44 -5.27
N PHE J 3 16.31 33.91 -5.01
CA PHE J 3 16.79 32.76 -5.77
C PHE J 3 15.99 31.52 -5.44
N SER J 4 15.83 31.23 -4.13
CA SER J 4 15.14 30.04 -3.69
C SER J 4 13.68 30.07 -4.11
N ARG J 5 13.05 31.26 -4.05
CA ARG J 5 11.65 31.34 -4.46
C ARG J 5 11.50 31.09 -5.95
N ASN J 6 12.47 31.56 -6.75
CA ASN J 6 12.38 31.29 -8.19
C ASN J 6 12.53 29.81 -8.47
N LEU J 7 13.45 29.15 -7.75
CA LEU J 7 13.61 27.70 -7.89
C LEU J 7 12.33 26.96 -7.50
N TYR J 8 11.69 27.39 -6.41
CA TYR J 8 10.44 26.78 -5.99
C TYR J 8 9.35 26.94 -7.06
N ASP J 9 9.24 28.14 -7.65
CA ASP J 9 8.23 28.36 -8.69
C ASP J 9 8.48 27.47 -9.90
N ILE J 10 9.74 27.41 -10.35
CA ILE J 10 10.08 26.53 -11.46
C ILE J 10 9.71 25.08 -11.12
N GLY J 11 10.02 24.65 -9.89
CA GLY J 11 9.68 23.30 -9.50
C GLY J 11 8.18 23.05 -9.50
N GLU J 12 7.40 24.05 -9.09
CA GLU J 12 5.96 23.93 -9.11
C GLU J 12 5.42 23.78 -10.53
N GLN J 13 6.17 24.21 -11.54
CA GLN J 13 5.65 24.05 -12.90
C GLN J 13 5.99 22.70 -13.52
N LEU J 14 6.65 21.79 -12.80
CA LEU J 14 7.17 20.54 -13.34
C LEU J 14 6.46 19.34 -12.73
N ASP J 15 5.87 18.48 -13.55
CA ASP J 15 5.16 17.31 -13.07
C ASP J 15 6.11 16.10 -13.02
N SER J 16 5.56 14.91 -12.75
CA SER J 16 6.39 13.74 -12.55
C SER J 16 7.05 13.27 -13.86
N GLU J 17 6.40 13.48 -15.01
CA GLU J 17 7.02 13.14 -16.29
C GLU J 17 8.24 14.03 -16.57
N ASP J 18 8.06 15.34 -16.42
CA ASP J 18 9.19 16.26 -16.55
C ASP J 18 10.31 15.88 -15.59
N LEU J 19 9.96 15.49 -14.36
CA LEU J 19 10.98 15.13 -13.37
C LEU J 19 11.73 13.87 -13.77
N ALA J 20 11.03 12.87 -14.31
CA ALA J 20 11.71 11.68 -14.80
C ALA J 20 12.70 12.04 -15.90
N SER J 21 12.30 12.94 -16.82
CA SER J 21 13.22 13.39 -17.86
C SER J 21 14.44 14.08 -17.26
N LEU J 22 14.21 15.00 -16.31
CA LEU J 22 15.31 15.72 -15.70
C LEU J 22 16.26 14.78 -14.96
N LYS J 23 15.71 13.77 -14.29
CA LYS J 23 16.54 12.78 -13.61
C LYS J 23 17.36 11.97 -14.61
N PHE J 24 16.76 11.60 -15.74
CA PHE J 24 17.53 10.87 -16.75
C PHE J 24 18.67 11.73 -17.29
N LEU J 25 18.38 12.99 -17.62
CA LEU J 25 19.42 13.86 -18.17
C LEU J 25 20.50 14.20 -17.16
N SER J 26 20.25 13.99 -15.86
CA SER J 26 21.24 14.25 -14.83
C SER J 26 21.95 12.98 -14.36
N LEU J 27 21.74 11.84 -15.04
CA LEU J 27 22.26 10.57 -14.54
C LEU J 27 23.78 10.57 -14.40
N ASP J 28 24.48 11.33 -15.24
CA ASP J 28 25.93 11.35 -15.17
C ASP J 28 26.46 12.19 -14.02
N TYR J 29 25.60 12.90 -13.30
CA TYR J 29 26.01 13.71 -12.16
C TYR J 29 25.33 13.33 -10.85
N ILE J 30 24.18 12.67 -10.90
CA ILE J 30 23.46 12.24 -9.70
C ILE J 30 23.26 10.73 -9.80
N PRO J 31 23.96 9.95 -8.98
CA PRO J 31 23.91 8.49 -9.11
C PRO J 31 22.61 7.89 -8.60
N GLN J 32 22.43 6.60 -8.89
CA GLN J 32 21.14 5.94 -8.69
C GLN J 32 20.66 6.01 -7.24
N ARG J 33 21.56 5.77 -6.28
CA ARG J 33 21.15 5.79 -4.88
C ARG J 33 20.57 7.15 -4.50
N LYS J 34 21.15 8.23 -5.01
CA LYS J 34 20.61 9.56 -4.77
C LYS J 34 19.42 9.88 -5.66
N GLN J 35 19.29 9.20 -6.80
CA GLN J 35 18.15 9.42 -7.68
C GLN J 35 16.86 8.84 -7.11
N GLU J 36 16.97 7.71 -6.39
CA GLU J 36 15.76 6.99 -5.98
C GLU J 36 14.79 7.84 -5.16
N PRO J 37 15.19 8.56 -4.12
CA PRO J 37 14.20 9.31 -3.33
C PRO J 37 13.75 10.64 -3.95
N ILE J 38 14.30 11.05 -5.09
CA ILE J 38 13.93 12.33 -5.69
C ILE J 38 12.52 12.21 -6.28
N LYS J 39 11.55 12.88 -5.66
CA LYS J 39 10.17 12.79 -6.11
C LYS J 39 9.56 14.13 -6.47
N ASP J 40 10.32 15.23 -6.34
CA ASP J 40 9.92 16.52 -6.87
C ASP J 40 11.16 17.25 -7.32
N ALA J 41 10.96 18.32 -8.09
CA ALA J 41 12.08 19.02 -8.70
C ALA J 41 12.97 19.69 -7.66
N LEU J 42 12.38 20.17 -6.56
CA LEU J 42 13.18 20.85 -5.55
C LEU J 42 14.27 19.94 -5.02
N LEU J 44 15.66 17.49 -6.49
CA LEU J 44 16.65 17.45 -7.56
C LEU J 44 17.50 18.72 -7.54
N PHE J 45 16.84 19.89 -7.52
CA PHE J 45 17.58 21.15 -7.52
C PHE J 45 18.53 21.21 -6.33
N GLN J 46 18.06 20.75 -5.17
CA GLN J 46 18.91 20.84 -3.98
C GLN J 46 20.15 19.99 -4.14
N ARG J 47 20.01 18.79 -4.72
CA ARG J 47 21.22 18.00 -4.99
C ARG J 47 22.14 18.73 -5.95
N LEU J 48 21.58 19.37 -6.99
CA LEU J 48 22.45 20.13 -7.89
C LEU J 48 23.15 21.26 -7.14
N GLN J 49 22.49 21.82 -6.12
CA GLN J 49 23.14 22.85 -5.32
C GLN J 49 24.29 22.27 -4.51
N GLU J 50 24.17 21.02 -4.06
CA GLU J 50 25.23 20.47 -3.22
C GLU J 50 26.52 20.25 -4.02
N LYS J 51 26.39 19.95 -5.31
CA LYS J 51 27.56 19.89 -6.17
C LYS J 51 27.95 21.24 -6.74
N ARG J 52 27.29 22.33 -6.36
CA ARG J 52 27.59 23.65 -6.93
C ARG J 52 27.46 23.65 -8.44
N LEU J 54 24.49 24.29 -9.56
CA LEU J 54 23.37 25.21 -9.63
C LEU J 54 23.50 26.15 -8.43
N GLU J 55 23.71 27.42 -8.71
CA GLU J 55 23.75 28.45 -7.69
C GLU J 55 23.33 29.77 -8.34
N GLU J 56 23.16 30.81 -7.52
CA GLU J 56 22.65 32.08 -8.02
C GLU J 56 23.51 32.64 -9.14
N SER J 57 24.82 32.44 -9.08
CA SER J 57 25.73 32.91 -10.12
C SER J 57 26.01 31.88 -11.20
N ASN J 58 25.36 30.72 -11.19
CA ASN J 58 25.65 29.67 -12.17
C ASN J 58 24.34 28.92 -12.47
N LEU J 59 23.63 29.40 -13.48
CA LEU J 59 22.36 28.82 -13.91
C LEU J 59 22.51 27.98 -15.17
N SER J 60 23.76 27.70 -15.58
CA SER J 60 24.00 27.10 -16.89
C SER J 60 23.38 25.71 -17.00
N PHE J 61 23.58 24.87 -15.97
CA PHE J 61 23.09 23.50 -16.05
C PHE J 61 21.57 23.46 -15.96
N LEU J 62 20.97 24.33 -15.16
CA LEU J 62 19.51 24.42 -15.09
C LEU J 62 18.94 24.83 -16.43
N LYS J 63 19.53 25.85 -17.06
CA LYS J 63 19.06 26.28 -18.38
C LYS J 63 19.21 25.18 -19.40
N GLU J 64 20.33 24.45 -19.36
CA GLU J 64 20.53 23.35 -20.30
C GLU J 64 19.49 22.26 -20.10
N LEU J 65 19.22 21.89 -18.85
CA LEU J 65 18.19 20.90 -18.55
C LEU J 65 16.83 21.33 -19.08
N LEU J 66 16.42 22.56 -18.75
CA LEU J 66 15.10 23.03 -19.17
C LEU J 66 15.02 23.15 -20.69
N PHE J 67 16.13 23.46 -21.35
CA PHE J 67 16.14 23.50 -22.80
C PHE J 67 16.01 22.11 -23.39
N ARG J 68 16.68 21.12 -22.78
CA ARG J 68 16.68 19.79 -23.35
C ARG J 68 15.33 19.10 -23.21
N ILE J 69 14.54 19.46 -22.20
CA ILE J 69 13.18 18.92 -22.10
C ILE J 69 12.15 19.86 -22.73
N ASN J 70 12.60 20.84 -23.52
CA ASN J 70 11.71 21.69 -24.32
C ASN J 70 10.76 22.50 -23.44
N ARG J 71 11.24 22.92 -22.28
CA ARG J 71 10.47 23.83 -21.43
C ARG J 71 10.95 25.27 -21.63
N LEU J 72 10.80 25.73 -22.88
CA LEU J 72 11.19 27.10 -23.21
C LEU J 72 10.33 28.13 -22.49
N ASP J 73 9.09 27.77 -22.16
CA ASP J 73 8.26 28.67 -21.35
C ASP J 73 8.92 28.99 -20.03
N LEU J 74 9.47 27.97 -19.34
CA LEU J 74 10.14 28.22 -18.08
C LEU J 74 11.41 29.03 -18.27
N LEU J 75 12.15 28.75 -19.35
CA LEU J 75 13.34 29.54 -19.65
C LEU J 75 12.99 31.03 -19.76
N ILE J 76 12.00 31.35 -20.61
CA ILE J 76 11.68 32.76 -20.84
C ILE J 76 11.05 33.39 -19.60
N THR J 77 10.20 32.64 -18.90
CA THR J 77 9.43 33.25 -17.81
C THR J 77 10.26 33.44 -16.55
N TYR J 78 11.06 32.44 -16.16
CA TYR J 78 11.75 32.51 -14.89
C TYR J 78 13.25 32.76 -15.00
N LEU J 79 13.85 32.60 -16.18
CA LEU J 79 15.27 32.81 -16.35
C LEU J 79 15.62 33.83 -17.42
N ASN J 80 14.61 34.44 -18.06
CA ASN J 80 14.83 35.53 -19.01
C ASN J 80 15.80 35.12 -20.12
N THR J 81 15.56 33.93 -20.67
CA THR J 81 16.44 33.34 -21.67
C THR J 81 15.61 32.86 -22.85
N ARG J 82 16.02 33.22 -24.05
CA ARG J 82 15.29 32.85 -25.26
C ARG J 82 15.96 31.64 -25.91
N LYS J 83 15.25 31.08 -26.89
CA LYS J 83 15.70 29.83 -27.49
C LYS J 83 17.00 30.00 -28.25
N GLU J 84 17.15 31.10 -28.99
CA GLU J 84 18.35 31.31 -29.79
C GLU J 84 19.60 31.37 -28.93
N GLU J 85 19.54 32.11 -27.82
CA GLU J 85 20.68 32.21 -26.91
C GLU J 85 21.19 30.82 -26.54
N GLU J 87 20.66 28.05 -28.04
CA GLU J 87 21.18 27.39 -29.23
C GLU J 87 22.60 27.84 -29.53
N ARG J 88 22.90 29.14 -29.38
CA ARG J 88 24.25 29.59 -29.64
C ARG J 88 25.18 29.27 -28.49
N GLU J 89 24.63 29.07 -27.28
CA GLU J 89 25.45 28.71 -26.14
C GLU J 89 25.89 27.25 -26.23
N LEU J 90 24.97 26.36 -26.59
CA LEU J 90 25.26 24.93 -26.61
C LEU J 90 26.02 24.50 -27.86
N GLN J 91 26.18 25.36 -28.85
CA GLN J 91 26.98 25.01 -30.01
C GLN J 91 28.43 25.43 -29.83
N THR J 92 28.70 26.32 -28.90
CA THR J 92 30.08 26.67 -28.56
C THR J 92 30.75 25.46 -27.93
N PRO J 93 31.84 24.95 -28.49
CA PRO J 93 32.43 23.72 -27.95
C PRO J 93 32.89 23.91 -26.51
N GLY J 94 32.56 22.91 -25.67
CA GLY J 94 32.97 22.88 -24.29
C GLY J 94 31.98 23.42 -23.27
N ARG J 95 30.82 23.93 -23.70
CA ARG J 95 29.86 24.50 -22.75
C ARG J 95 28.68 23.59 -22.44
N ALA J 96 28.37 22.62 -23.29
CA ALA J 96 27.27 21.70 -23.03
C ALA J 96 27.70 20.67 -21.99
N GLN J 97 27.05 20.71 -20.82
CA GLN J 97 27.39 19.82 -19.70
C GLN J 97 26.62 18.51 -19.71
N ILE J 98 25.59 18.38 -20.53
CA ILE J 98 24.91 17.12 -20.76
C ILE J 98 25.50 16.50 -22.02
N SER J 99 26.00 15.28 -21.89
CA SER J 99 26.69 14.64 -23.00
C SER J 99 25.75 14.46 -24.19
N ALA J 100 26.33 14.50 -25.39
CA ALA J 100 25.54 14.27 -26.61
C ALA J 100 24.94 12.87 -26.62
N TYR J 101 25.60 11.91 -25.97
CA TYR J 101 25.05 10.56 -25.90
C TYR J 101 23.77 10.52 -25.08
N ARG J 102 23.79 11.16 -23.90
CA ARG J 102 22.58 11.20 -23.07
C ARG J 102 21.44 11.91 -23.81
N VAL J 103 21.73 13.11 -24.33
CA VAL J 103 20.72 13.87 -25.07
C VAL J 103 20.13 13.01 -26.18
N LEU J 105 19.92 9.81 -26.44
CA LEU J 105 19.00 8.81 -25.89
C LEU J 105 17.66 9.44 -25.57
N TYR J 106 17.68 10.59 -24.89
CA TYR J 106 16.43 11.23 -24.53
C TYR J 106 15.60 11.52 -25.77
N GLN J 107 16.24 12.00 -26.83
CA GLN J 107 15.50 12.35 -28.03
C GLN J 107 14.87 11.12 -28.65
N ILE J 108 15.54 9.97 -28.59
CA ILE J 108 14.93 8.74 -29.08
C ILE J 108 13.64 8.46 -28.31
N SER J 109 13.71 8.59 -26.98
CA SER J 109 12.52 8.35 -26.17
C SER J 109 11.42 9.34 -26.49
N GLU J 110 11.77 10.52 -27.01
CA GLU J 110 10.75 11.49 -27.37
C GLU J 110 9.98 11.10 -28.62
N GLU J 111 10.54 10.22 -29.45
CA GLU J 111 9.94 9.87 -30.73
C GLU J 111 9.26 8.51 -30.72
N VAL J 112 9.30 7.79 -29.60
CA VAL J 112 8.77 6.44 -29.50
C VAL J 112 7.40 6.49 -28.83
N SER J 113 6.38 5.96 -29.53
CA SER J 113 5.03 5.89 -29.00
C SER J 113 4.88 4.66 -28.10
N ARG J 114 3.64 4.34 -27.72
CA ARG J 114 3.41 3.24 -26.79
C ARG J 114 3.57 1.88 -27.46
N SER J 115 3.01 1.73 -28.67
CA SER J 115 3.16 0.48 -29.42
C SER J 115 4.63 0.24 -29.77
N GLU J 116 5.32 1.29 -30.21
CA GLU J 116 6.74 1.17 -30.50
C GLU J 116 7.51 0.78 -29.25
N LEU J 117 7.08 1.28 -28.08
CA LEU J 117 7.72 0.92 -26.83
C LEU J 117 7.50 -0.56 -26.50
N ARG J 118 6.29 -1.07 -26.73
CA ARG J 118 6.03 -2.47 -26.44
C ARG J 118 6.85 -3.39 -27.35
N SER J 119 6.96 -3.03 -28.63
CA SER J 119 7.82 -3.83 -29.52
C SER J 119 9.28 -3.74 -29.10
N PHE J 120 9.70 -2.56 -28.62
CA PHE J 120 11.05 -2.40 -28.09
C PHE J 120 11.29 -3.36 -26.93
N LYS J 121 10.37 -3.38 -25.96
CA LYS J 121 10.49 -4.30 -24.83
C LYS J 121 10.54 -5.74 -25.30
N GLY J 122 9.75 -6.10 -26.32
CA GLY J 122 9.83 -7.47 -26.82
C GLY J 122 11.19 -7.80 -27.39
N GLY J 123 11.77 -6.89 -28.16
CA GLY J 123 13.09 -7.16 -28.72
C GLY J 123 14.18 -7.22 -27.66
N LEU J 124 13.98 -6.53 -26.55
CA LEU J 124 15.03 -6.58 -25.55
C LEU J 124 14.83 -7.70 -24.55
N GLN J 125 13.59 -8.13 -24.32
CA GLN J 125 13.34 -9.44 -23.73
C GLN J 125 14.04 -10.51 -24.54
N GLU J 126 14.10 -10.33 -25.87
CA GLU J 126 14.90 -11.22 -26.70
C GLU J 126 16.37 -11.18 -26.29
N GLU J 127 17.00 -9.99 -26.30
CA GLU J 127 18.44 -10.00 -26.01
C GLU J 127 18.77 -10.43 -24.58
N ILE J 128 17.98 -10.09 -23.57
CA ILE J 128 18.24 -10.56 -22.21
C ILE J 128 17.22 -11.66 -21.90
N SER J 129 17.66 -12.91 -22.03
CA SER J 129 16.78 -14.06 -21.93
C SER J 129 16.62 -14.60 -20.51
N LYS J 130 17.49 -14.21 -19.58
CA LYS J 130 17.48 -14.75 -18.22
C LYS J 130 16.71 -13.89 -17.23
N CYS J 131 16.19 -12.74 -17.65
CA CYS J 131 15.53 -11.80 -16.75
C CYS J 131 14.23 -11.30 -17.38
N LYS J 132 13.14 -11.41 -16.62
CA LYS J 132 11.90 -10.74 -17.01
C LYS J 132 12.06 -9.23 -16.83
N LEU J 133 11.65 -8.48 -17.85
CA LEU J 133 11.55 -7.04 -17.72
C LEU J 133 10.28 -6.68 -16.96
N ASP J 134 10.35 -5.59 -16.19
CA ASP J 134 9.16 -5.06 -15.56
C ASP J 134 8.19 -4.56 -16.62
N ASP J 135 6.90 -4.65 -16.33
CA ASP J 135 5.87 -4.37 -17.32
C ASP J 135 5.52 -2.89 -17.41
N ASP J 136 5.94 -2.07 -16.46
CA ASP J 136 5.61 -0.65 -16.45
C ASP J 136 6.69 0.23 -17.05
N ASN J 138 9.29 2.62 -18.83
CA ASN J 138 9.38 3.50 -19.98
C ASN J 138 10.72 3.26 -20.67
N LEU J 139 10.92 3.93 -21.81
CA LEU J 139 12.14 3.70 -22.58
C LEU J 139 13.38 4.16 -21.82
N LEU J 140 13.26 5.20 -20.98
CA LEU J 140 14.41 5.67 -20.22
C LEU J 140 14.85 4.63 -19.20
N ASP J 141 13.91 3.99 -18.52
CA ASP J 141 14.26 2.91 -17.60
C ASP J 141 14.93 1.76 -18.36
N ILE J 142 14.44 1.47 -19.57
CA ILE J 142 15.06 0.43 -20.38
C ILE J 142 16.50 0.80 -20.72
N PHE J 143 16.74 2.05 -21.12
CA PHE J 143 18.10 2.49 -21.42
C PHE J 143 19.00 2.36 -20.20
N ILE J 144 18.49 2.72 -19.02
CA ILE J 144 19.27 2.60 -17.81
C ILE J 144 19.63 1.15 -17.52
N GLU J 145 18.67 0.24 -17.74
CA GLU J 145 18.95 -1.17 -17.51
C GLU J 145 19.99 -1.69 -18.51
N GLU J 147 22.34 0.08 -19.96
CA GLU J 147 23.63 0.59 -19.50
C GLU J 147 24.16 -0.24 -18.35
N LYS J 148 23.28 -0.65 -17.42
CA LYS J 148 23.72 -1.49 -16.30
C LYS J 148 24.31 -2.81 -16.79
N ARG J 149 23.79 -3.34 -17.90
CA ARG J 149 24.32 -4.58 -18.42
C ARG J 149 25.43 -4.35 -19.47
N VAL J 150 25.88 -3.11 -19.62
CA VAL J 150 26.90 -2.71 -20.59
C VAL J 150 26.62 -3.29 -21.97
N ILE J 151 25.34 -3.31 -22.37
CA ILE J 151 24.97 -3.57 -23.75
C ILE J 151 24.55 -2.29 -24.47
N LEU J 152 24.76 -1.14 -23.83
CA LEU J 152 24.47 0.16 -24.40
C LEU J 152 25.42 1.17 -23.78
N GLY J 153 26.05 1.98 -24.62
CA GLY J 153 26.99 2.97 -24.14
C GLY J 153 27.42 3.85 -25.30
N GLU J 154 28.30 4.80 -24.98
CA GLU J 154 28.76 5.75 -25.99
C GLU J 154 29.37 5.04 -27.20
N GLY J 155 30.03 3.91 -26.97
CA GLY J 155 30.64 3.16 -28.05
C GLY J 155 30.01 1.82 -28.34
N LYS J 156 28.78 1.58 -27.84
CA LYS J 156 28.09 0.29 -28.00
C LYS J 156 26.64 0.58 -28.41
N LEU J 157 26.43 0.77 -29.71
CA LEU J 157 25.11 1.09 -30.24
C LEU J 157 24.51 -0.05 -31.04
N ASP J 158 25.14 -1.23 -31.04
CA ASP J 158 24.71 -2.31 -31.92
C ASP J 158 23.29 -2.76 -31.61
N ILE J 159 23.01 -3.04 -30.34
CA ILE J 159 21.70 -3.53 -29.95
C ILE J 159 20.64 -2.45 -30.14
N LEU J 160 20.98 -1.21 -29.77
CA LEU J 160 20.05 -0.10 -29.98
C LEU J 160 19.71 0.07 -31.44
N LYS J 161 20.72 0.06 -32.32
CA LYS J 161 20.48 0.19 -33.75
C LYS J 161 19.61 -0.94 -34.27
N ARG J 162 19.92 -2.18 -33.88
CA ARG J 162 19.14 -3.32 -34.37
C ARG J 162 17.68 -3.21 -33.95
N VAL J 163 17.42 -2.98 -32.66
CA VAL J 163 16.05 -2.92 -32.17
C VAL J 163 15.31 -1.76 -32.81
N CYS J 164 15.97 -0.61 -32.95
CA CYS J 164 15.30 0.54 -33.57
C CYS J 164 15.01 0.28 -35.05
N ALA J 165 15.88 -0.46 -35.73
CA ALA J 165 15.67 -0.75 -37.15
C ALA J 165 14.43 -1.59 -37.35
N GLN J 166 14.12 -2.47 -36.41
CA GLN J 166 12.91 -3.28 -36.47
C GLN J 166 11.67 -2.51 -36.04
N ILE J 167 11.79 -1.20 -35.81
CA ILE J 167 10.67 -0.39 -35.33
C ILE J 167 10.43 0.78 -36.28
N ASN J 168 11.43 1.64 -36.43
CA ASN J 168 11.28 2.83 -37.27
C ASN J 168 12.65 3.33 -37.70
N LYS J 169 12.68 3.97 -38.86
CA LYS J 169 13.93 4.37 -39.50
C LYS J 169 14.41 5.74 -39.06
N SER J 170 13.49 6.61 -38.61
CA SER J 170 13.89 7.91 -38.10
C SER J 170 14.75 7.79 -36.84
N LEU J 171 14.49 6.76 -36.02
CA LEU J 171 15.35 6.51 -34.87
C LEU J 171 16.79 6.25 -35.31
N LEU J 172 16.95 5.43 -36.35
CA LEU J 172 18.28 5.17 -36.90
C LEU J 172 18.89 6.45 -37.45
N LYS J 173 18.06 7.32 -38.02
CA LYS J 173 18.55 8.60 -38.50
C LYS J 173 19.12 9.42 -37.35
N ILE J 174 18.41 9.46 -36.23
CA ILE J 174 18.90 10.17 -35.03
C ILE J 174 20.23 9.59 -34.58
N ILE J 175 20.30 8.26 -34.48
CA ILE J 175 21.50 7.58 -34.01
C ILE J 175 22.68 7.91 -34.92
N ASN J 176 22.46 7.87 -36.24
CA ASN J 176 23.56 8.07 -37.18
C ASN J 176 24.01 9.53 -37.18
N ASP J 177 23.07 10.46 -37.01
CA ASP J 177 23.46 11.87 -36.86
C ASP J 177 24.34 12.06 -35.63
N TYR J 178 23.95 11.43 -34.51
CA TYR J 178 24.80 11.49 -33.31
C TYR J 178 26.20 10.93 -33.60
N GLU J 179 26.26 9.77 -34.26
CA GLU J 179 27.55 9.16 -34.55
C GLU J 179 28.42 10.06 -35.41
N GLU J 180 27.81 10.67 -36.44
CA GLU J 180 28.57 11.50 -37.37
C GLU J 180 29.04 12.80 -36.72
N PHE J 181 28.28 13.35 -35.78
CA PHE J 181 28.74 14.60 -35.17
C PHE J 181 29.98 14.39 -34.31
N SER J 182 30.18 13.18 -33.80
CA SER J 182 31.32 12.89 -32.93
C SER J 182 32.54 12.47 -33.75
#